data_2YUU
#
_entry.id   2YUU
#
loop_
_entity.id
_entity.type
_entity.pdbx_description
1 polymer 'Protein kinase C delta type'
2 non-polymer 'ZINC ION'
#
_entity_poly.entity_id   1
_entity_poly.type   'polypeptide(L)'
_entity_poly.pdbx_seq_one_letter_code
;GSSGSSGKQAKIHYIKNHEFIATFFGQPTFCSVCKDFVWGLNKQGYKCRQCNAAIHKKCIDKIIGRCTGTAANSRDTSGP
SSG
;
_entity_poly.pdbx_strand_id   A
#
loop_
_chem_comp.id
_chem_comp.type
_chem_comp.name
_chem_comp.formula
ZN non-polymer 'ZINC ION' 'Zn 2'
#
# COMPACT_ATOMS: atom_id res chain seq x y z
N GLY A 1 23.89 14.97 -22.17
CA GLY A 1 24.38 13.67 -21.73
C GLY A 1 24.61 13.61 -20.24
N SER A 2 25.12 14.69 -19.67
CA SER A 2 25.39 14.74 -18.23
C SER A 2 24.08 14.91 -17.44
N SER A 3 24.10 14.48 -16.19
CA SER A 3 22.92 14.57 -15.33
C SER A 3 23.32 14.76 -13.88
N GLY A 4 22.33 14.93 -13.02
CA GLY A 4 22.60 15.12 -11.60
C GLY A 4 21.98 14.04 -10.74
N SER A 5 22.16 14.16 -9.43
CA SER A 5 21.62 13.18 -8.50
C SER A 5 21.29 13.83 -7.16
N SER A 6 20.31 13.28 -6.46
CA SER A 6 19.90 13.81 -5.17
C SER A 6 19.13 12.76 -4.37
N GLY A 7 19.23 12.84 -3.04
CA GLY A 7 18.54 11.88 -2.19
C GLY A 7 17.05 11.88 -2.41
N LYS A 8 16.36 10.89 -1.84
CA LYS A 8 14.92 10.77 -1.98
C LYS A 8 14.30 10.19 -0.72
N GLN A 9 13.44 10.98 -0.07
CA GLN A 9 12.77 10.54 1.15
C GLN A 9 11.79 9.40 0.86
N ALA A 10 11.98 8.26 1.52
CA ALA A 10 11.10 7.12 1.32
C ALA A 10 10.66 6.55 2.67
N LYS A 11 9.35 6.67 2.95
CA LYS A 11 8.80 6.16 4.20
C LYS A 11 7.74 5.11 3.93
N ILE A 12 7.84 3.97 4.62
CA ILE A 12 6.90 2.88 4.45
C ILE A 12 6.17 2.58 5.75
N HIS A 13 4.88 2.26 5.65
CA HIS A 13 4.08 1.95 6.82
C HIS A 13 3.88 0.44 6.97
N TYR A 14 4.57 -0.15 7.94
CA TYR A 14 4.47 -1.58 8.19
C TYR A 14 3.20 -1.92 8.95
N ILE A 15 2.07 -1.42 8.45
CA ILE A 15 0.78 -1.68 9.08
C ILE A 15 0.17 -2.99 8.59
N LYS A 16 -0.51 -3.69 9.48
CA LYS A 16 -1.14 -4.96 9.15
C LYS A 16 -0.23 -5.80 8.25
N ASN A 17 1.07 -5.68 8.46
CA ASN A 17 2.05 -6.42 7.68
C ASN A 17 2.01 -5.99 6.21
N HIS A 18 1.88 -4.70 5.98
CA HIS A 18 1.82 -4.16 4.64
C HIS A 18 2.95 -3.16 4.40
N GLU A 19 3.04 -2.65 3.18
CA GLU A 19 4.08 -1.69 2.83
C GLU A 19 3.47 -0.38 2.32
N PHE A 20 2.25 -0.09 2.76
CA PHE A 20 1.55 1.11 2.35
C PHE A 20 2.53 2.30 2.27
N ILE A 21 2.78 2.74 1.05
CA ILE A 21 3.69 3.87 0.82
C ILE A 21 2.93 5.11 0.39
N ALA A 22 3.17 6.21 1.10
CA ALA A 22 2.50 7.47 0.79
C ALA A 22 2.52 7.75 -0.71
N THR A 23 1.35 7.93 -1.29
CA THR A 23 1.22 8.19 -2.73
C THR A 23 0.06 9.14 -3.01
N PHE A 24 0.23 9.97 -4.03
CA PHE A 24 -0.80 10.93 -4.42
C PHE A 24 -1.61 10.41 -5.60
N PHE A 25 -2.86 10.03 -5.34
CA PHE A 25 -3.74 9.52 -6.38
C PHE A 25 -4.44 10.66 -7.11
N GLY A 26 -3.80 11.18 -8.14
CA GLY A 26 -4.38 12.28 -8.91
C GLY A 26 -5.78 11.96 -9.39
N GLN A 27 -6.16 10.69 -9.33
CA GLN A 27 -7.48 10.26 -9.78
C GLN A 27 -8.21 9.50 -8.66
N PRO A 28 -9.54 9.54 -8.69
CA PRO A 28 -10.38 8.86 -7.70
C PRO A 28 -10.31 7.33 -7.83
N THR A 29 -9.33 6.74 -7.18
CA THR A 29 -9.15 5.29 -7.23
C THR A 29 -10.21 4.59 -6.40
N PHE A 30 -10.34 3.27 -6.59
CA PHE A 30 -11.33 2.48 -5.87
C PHE A 30 -10.70 1.85 -4.63
N CYS A 31 -10.97 2.44 -3.47
CA CYS A 31 -10.44 1.94 -2.21
C CYS A 31 -10.84 0.48 -1.99
N SER A 32 -10.14 -0.20 -1.09
CA SER A 32 -10.42 -1.59 -0.78
C SER A 32 -11.23 -1.72 0.51
N VAL A 33 -10.94 -0.84 1.47
CA VAL A 33 -11.64 -0.86 2.74
C VAL A 33 -13.06 -0.33 2.60
N CYS A 34 -13.18 0.98 2.38
CA CYS A 34 -14.48 1.61 2.23
C CYS A 34 -14.94 1.56 0.78
N LYS A 35 -13.98 1.60 -0.14
CA LYS A 35 -14.29 1.56 -1.57
C LYS A 35 -14.92 2.87 -2.03
N ASP A 36 -14.33 3.98 -1.61
CA ASP A 36 -14.84 5.30 -1.98
C ASP A 36 -14.11 5.83 -3.22
N PHE A 37 -14.45 7.05 -3.61
CA PHE A 37 -13.82 7.68 -4.78
C PHE A 37 -12.37 8.03 -4.49
N VAL A 38 -12.07 8.30 -3.22
CA VAL A 38 -10.71 8.64 -2.82
C VAL A 38 -10.22 9.88 -3.56
N TRP A 39 -11.01 10.94 -3.54
CA TRP A 39 -10.65 12.18 -4.22
C TRP A 39 -11.46 13.35 -3.68
N GLY A 40 -11.10 14.56 -4.10
CA GLY A 40 -11.79 15.75 -3.64
C GLY A 40 -10.89 16.68 -2.85
N LEU A 41 -11.19 16.85 -1.58
CA LEU A 41 -10.41 17.72 -0.71
C LEU A 41 -8.92 17.42 -0.85
N ASN A 42 -8.15 18.44 -1.23
CA ASN A 42 -6.72 18.29 -1.39
C ASN A 42 -6.14 17.39 -0.30
N LYS A 43 -5.90 16.13 -0.63
CA LYS A 43 -5.35 15.18 0.32
C LYS A 43 -4.92 13.89 -0.38
N GLN A 44 -4.00 13.16 0.24
CA GLN A 44 -3.51 11.91 -0.32
C GLN A 44 -3.92 10.72 0.54
N GLY A 45 -3.66 9.52 0.04
CA GLY A 45 -4.02 8.32 0.77
C GLY A 45 -2.83 7.38 0.96
N TYR A 46 -3.07 6.10 0.73
CA TYR A 46 -2.01 5.09 0.87
C TYR A 46 -2.15 4.00 -0.17
N LYS A 47 -1.01 3.48 -0.62
CA LYS A 47 -1.00 2.42 -1.63
C LYS A 47 0.17 1.47 -1.40
N CYS A 48 -0.15 0.19 -1.20
CA CYS A 48 0.88 -0.83 -0.97
C CYS A 48 1.61 -1.15 -2.27
N ARG A 49 2.92 -0.91 -2.28
CA ARG A 49 3.73 -1.18 -3.45
C ARG A 49 4.03 -2.67 -3.58
N GLN A 50 3.38 -3.47 -2.74
CA GLN A 50 3.58 -4.92 -2.76
C GLN A 50 2.38 -5.62 -3.39
N CYS A 51 1.20 -5.37 -2.84
CA CYS A 51 -0.02 -5.99 -3.34
C CYS A 51 -0.83 -4.99 -4.17
N ASN A 52 -0.44 -3.73 -4.12
CA ASN A 52 -1.12 -2.68 -4.87
C ASN A 52 -2.51 -2.42 -4.30
N ALA A 53 -2.58 -2.18 -2.99
CA ALA A 53 -3.85 -1.92 -2.32
C ALA A 53 -3.99 -0.44 -1.97
N ALA A 54 -4.78 0.27 -2.74
CA ALA A 54 -5.01 1.70 -2.50
C ALA A 54 -6.13 1.92 -1.49
N ILE A 55 -5.83 2.63 -0.43
CA ILE A 55 -6.81 2.92 0.62
C ILE A 55 -6.67 4.35 1.13
N HIS A 56 -7.63 4.78 1.94
CA HIS A 56 -7.61 6.12 2.51
C HIS A 56 -6.69 6.19 3.72
N LYS A 57 -6.11 7.37 3.96
CA LYS A 57 -5.21 7.57 5.08
C LYS A 57 -5.89 7.17 6.40
N LYS A 58 -7.21 7.19 6.40
CA LYS A 58 -7.98 6.83 7.59
C LYS A 58 -8.39 5.37 7.55
N CYS A 59 -8.59 4.85 6.34
CA CYS A 59 -8.99 3.46 6.16
C CYS A 59 -7.88 2.52 6.62
N ILE A 60 -6.67 3.05 6.77
CA ILE A 60 -5.53 2.25 7.20
C ILE A 60 -5.77 1.67 8.59
N ASP A 61 -6.44 2.43 9.44
CA ASP A 61 -6.73 1.99 10.80
C ASP A 61 -7.98 1.12 10.83
N LYS A 62 -8.59 0.94 9.67
CA LYS A 62 -9.81 0.12 9.56
C LYS A 62 -9.48 -1.24 8.97
N ILE A 63 -8.50 -1.28 8.08
CA ILE A 63 -8.09 -2.53 7.44
C ILE A 63 -8.21 -3.71 8.41
N ILE A 64 -8.67 -4.84 7.89
CA ILE A 64 -8.83 -6.04 8.71
C ILE A 64 -8.21 -7.25 8.03
N GLY A 65 -6.91 -7.44 8.23
CA GLY A 65 -6.22 -8.56 7.64
C GLY A 65 -4.72 -8.34 7.56
N ARG A 66 -4.09 -8.96 6.56
CA ARG A 66 -2.64 -8.83 6.38
C ARG A 66 -2.29 -8.72 4.89
N CYS A 67 -1.02 -8.51 4.61
CA CYS A 67 -0.55 -8.39 3.23
C CYS A 67 -0.29 -9.76 2.61
N THR A 68 -0.37 -9.85 1.29
CA THR A 68 -0.15 -11.11 0.59
C THR A 68 1.19 -11.08 -0.15
N GLY A 69 1.55 -9.91 -0.68
CA GLY A 69 2.80 -9.79 -1.41
C GLY A 69 3.99 -9.63 -0.49
N THR A 70 4.07 -10.48 0.53
CA THR A 70 5.17 -10.43 1.49
C THR A 70 5.77 -11.81 1.71
N ALA A 71 7.10 -11.87 1.75
CA ALA A 71 7.79 -13.14 1.95
C ALA A 71 8.29 -13.26 3.39
N ALA A 72 7.64 -14.13 4.17
CA ALA A 72 8.01 -14.32 5.56
C ALA A 72 8.00 -15.81 5.92
N ASN A 73 8.79 -16.18 6.93
CA ASN A 73 8.87 -17.56 7.36
C ASN A 73 7.49 -18.23 7.34
N SER A 74 7.48 -19.55 7.18
CA SER A 74 6.23 -20.30 7.13
C SER A 74 6.20 -21.36 8.22
N ARG A 75 5.81 -20.96 9.43
CA ARG A 75 5.74 -21.88 10.56
C ARG A 75 4.60 -22.88 10.37
N ASP A 76 3.41 -22.37 10.08
CA ASP A 76 2.24 -23.21 9.88
C ASP A 76 1.39 -22.69 8.73
N THR A 77 1.04 -23.58 7.80
CA THR A 77 0.23 -23.21 6.65
C THR A 77 -0.56 -24.40 6.13
N SER A 78 -1.83 -24.19 5.82
CA SER A 78 -2.70 -25.24 5.31
C SER A 78 -2.03 -25.98 4.16
N GLY A 79 -1.76 -25.26 3.07
CA GLY A 79 -1.12 -25.86 1.92
C GLY A 79 -0.31 -24.86 1.11
N PRO A 80 0.92 -24.57 1.57
CA PRO A 80 1.82 -23.63 0.89
C PRO A 80 2.32 -24.15 -0.44
N SER A 81 2.67 -23.24 -1.34
CA SER A 81 3.17 -23.61 -2.65
C SER A 81 3.72 -22.39 -3.39
N SER A 82 5.03 -22.35 -3.57
CA SER A 82 5.69 -21.24 -4.25
C SER A 82 7.01 -21.68 -4.87
N GLY A 83 7.57 -20.84 -5.73
CA GLY A 83 8.82 -21.16 -6.37
C GLY A 83 9.35 -20.02 -7.22
ZN ZN B . 0.05 -5.10 0.88
ZN ZN C . -11.16 3.88 2.02
N GLY A 1 15.16 6.37 -28.81
CA GLY A 1 15.70 6.38 -27.46
C GLY A 1 14.64 6.70 -26.42
N SER A 2 14.87 6.26 -25.18
CA SER A 2 13.93 6.51 -24.10
C SER A 2 14.65 7.01 -22.85
N SER A 3 13.89 7.45 -21.87
CA SER A 3 14.45 7.96 -20.62
C SER A 3 13.42 7.90 -19.49
N GLY A 4 13.86 8.25 -18.28
CA GLY A 4 12.97 8.23 -17.14
C GLY A 4 13.70 7.94 -15.83
N SER A 5 13.63 8.88 -14.90
CA SER A 5 14.29 8.73 -13.62
C SER A 5 13.49 9.41 -12.51
N SER A 6 13.79 9.06 -11.27
CA SER A 6 13.11 9.62 -10.12
C SER A 6 13.87 9.35 -8.82
N GLY A 7 13.43 9.98 -7.74
CA GLY A 7 14.09 9.78 -6.45
C GLY A 7 13.72 10.85 -5.45
N LYS A 8 12.98 10.45 -4.43
CA LYS A 8 12.55 11.38 -3.39
C LYS A 8 12.51 10.70 -2.02
N GLN A 9 12.29 11.49 -0.97
CA GLN A 9 12.23 10.96 0.38
C GLN A 9 10.82 10.48 0.71
N ALA A 10 10.73 9.38 1.45
CA ALA A 10 9.45 8.81 1.83
C ALA A 10 9.61 7.80 2.97
N LYS A 11 8.50 7.21 3.38
CA LYS A 11 8.51 6.21 4.45
C LYS A 11 7.47 5.12 4.21
N ILE A 12 7.76 3.92 4.69
CA ILE A 12 6.85 2.79 4.52
C ILE A 12 6.14 2.46 5.83
N HIS A 13 4.83 2.25 5.74
CA HIS A 13 4.04 1.92 6.93
C HIS A 13 3.84 0.42 7.04
N TYR A 14 4.56 -0.19 7.98
CA TYR A 14 4.47 -1.63 8.20
C TYR A 14 3.21 -1.99 8.97
N ILE A 15 2.07 -1.47 8.51
CA ILE A 15 0.79 -1.73 9.16
C ILE A 15 0.18 -3.03 8.67
N LYS A 16 -0.50 -3.75 9.57
CA LYS A 16 -1.13 -5.01 9.22
C LYS A 16 -0.23 -5.84 8.31
N ASN A 17 1.08 -5.72 8.50
CA ASN A 17 2.04 -6.46 7.70
C ASN A 17 1.98 -6.02 6.25
N HIS A 18 1.85 -4.72 6.03
CA HIS A 18 1.77 -4.18 4.68
C HIS A 18 2.92 -3.21 4.42
N GLU A 19 2.93 -2.61 3.23
CA GLU A 19 3.98 -1.66 2.86
C GLU A 19 3.38 -0.36 2.34
N PHE A 20 2.18 -0.04 2.83
CA PHE A 20 1.50 1.19 2.42
C PHE A 20 2.48 2.36 2.33
N ILE A 21 2.71 2.83 1.11
CA ILE A 21 3.62 3.94 0.89
C ILE A 21 2.87 5.18 0.42
N ALA A 22 3.12 6.30 1.10
CA ALA A 22 2.47 7.56 0.76
C ALA A 22 2.57 7.84 -0.74
N THR A 23 1.40 7.93 -1.39
CA THR A 23 1.36 8.18 -2.82
C THR A 23 0.22 9.14 -3.17
N PHE A 24 0.42 9.92 -4.23
CA PHE A 24 -0.59 10.88 -4.67
C PHE A 24 -1.44 10.29 -5.80
N PHE A 25 -2.73 10.09 -5.50
CA PHE A 25 -3.65 9.53 -6.50
C PHE A 25 -4.28 10.64 -7.32
N GLY A 26 -5.12 11.45 -6.68
CA GLY A 26 -5.79 12.54 -7.37
C GLY A 26 -7.02 12.08 -8.12
N GLN A 27 -6.95 10.89 -8.71
CA GLN A 27 -8.08 10.34 -9.46
C GLN A 27 -8.95 9.46 -8.56
N PRO A 28 -10.21 9.29 -8.97
CA PRO A 28 -11.17 8.47 -8.22
C PRO A 28 -10.85 6.99 -8.28
N THR A 29 -9.96 6.54 -7.40
CA THR A 29 -9.55 5.15 -7.35
C THR A 29 -10.50 4.33 -6.49
N PHE A 30 -10.39 3.00 -6.59
CA PHE A 30 -11.25 2.11 -5.82
C PHE A 30 -10.54 1.62 -4.56
N CYS A 31 -11.08 1.98 -3.41
CA CYS A 31 -10.49 1.57 -2.13
C CYS A 31 -10.81 0.12 -1.82
N SER A 32 -10.06 -0.47 -0.90
CA SER A 32 -10.25 -1.86 -0.51
C SER A 32 -10.93 -1.96 0.85
N VAL A 33 -10.59 -1.03 1.73
CA VAL A 33 -11.17 -1.01 3.08
C VAL A 33 -12.63 -0.57 3.03
N CYS A 34 -12.85 0.72 2.73
CA CYS A 34 -14.20 1.26 2.67
C CYS A 34 -14.83 0.98 1.30
N LYS A 35 -13.98 0.84 0.28
CA LYS A 35 -14.45 0.58 -1.07
C LYS A 35 -15.29 1.75 -1.59
N ASP A 36 -14.74 2.94 -1.53
CA ASP A 36 -15.44 4.14 -1.99
C ASP A 36 -14.50 5.03 -2.81
N PHE A 37 -15.02 5.56 -3.92
CA PHE A 37 -14.23 6.42 -4.79
C PHE A 37 -13.28 7.29 -3.97
N VAL A 38 -12.00 6.94 -3.99
CA VAL A 38 -10.98 7.68 -3.25
C VAL A 38 -10.77 9.07 -3.86
N TRP A 39 -11.67 9.99 -3.54
CA TRP A 39 -11.58 11.35 -4.06
C TRP A 39 -12.13 12.35 -3.04
N GLY A 40 -12.02 13.63 -3.36
CA GLY A 40 -12.50 14.66 -2.46
C GLY A 40 -11.44 15.15 -1.50
N LEU A 41 -11.03 14.27 -0.59
CA LEU A 41 -10.00 14.61 0.39
C LEU A 41 -8.64 14.73 -0.26
N ASN A 42 -8.02 15.91 -0.13
CA ASN A 42 -6.71 16.16 -0.71
C ASN A 42 -5.65 15.28 -0.06
N LYS A 43 -5.63 15.30 1.28
CA LYS A 43 -4.67 14.49 2.03
C LYS A 43 -4.38 13.17 1.33
N GLN A 44 -3.26 13.11 0.62
CA GLN A 44 -2.87 11.90 -0.10
C GLN A 44 -3.24 10.66 0.70
N GLY A 45 -3.66 9.61 -0.01
CA GLY A 45 -4.04 8.37 0.65
C GLY A 45 -2.87 7.44 0.85
N TYR A 46 -3.11 6.14 0.67
CA TYR A 46 -2.06 5.14 0.84
C TYR A 46 -2.21 4.02 -0.19
N LYS A 47 -1.09 3.49 -0.65
CA LYS A 47 -1.10 2.41 -1.63
C LYS A 47 0.07 1.46 -1.41
N CYS A 48 -0.24 0.18 -1.22
CA CYS A 48 0.80 -0.82 -0.99
C CYS A 48 1.55 -1.14 -2.27
N ARG A 49 2.86 -0.91 -2.25
CA ARG A 49 3.70 -1.16 -3.42
C ARG A 49 4.04 -2.64 -3.54
N GLN A 50 3.32 -3.47 -2.78
CA GLN A 50 3.55 -4.91 -2.79
C GLN A 50 2.34 -5.64 -3.36
N CYS A 51 1.18 -5.38 -2.77
CA CYS A 51 -0.06 -6.02 -3.21
C CYS A 51 -0.91 -5.05 -4.03
N ASN A 52 -0.52 -3.77 -4.02
CA ASN A 52 -1.24 -2.75 -4.76
C ASN A 52 -2.62 -2.50 -4.15
N ALA A 53 -2.64 -2.18 -2.86
CA ALA A 53 -3.89 -1.92 -2.15
C ALA A 53 -4.02 -0.43 -1.82
N ALA A 54 -4.75 0.29 -2.67
CA ALA A 54 -4.95 1.72 -2.46
C ALA A 54 -6.13 1.98 -1.53
N ILE A 55 -5.85 2.63 -0.40
CA ILE A 55 -6.90 2.93 0.57
C ILE A 55 -6.75 4.36 1.12
N HIS A 56 -7.71 4.79 1.92
CA HIS A 56 -7.68 6.11 2.51
C HIS A 56 -6.73 6.17 3.70
N LYS A 57 -6.21 7.35 3.99
CA LYS A 57 -5.30 7.54 5.11
C LYS A 57 -5.93 7.05 6.41
N LYS A 58 -7.25 7.17 6.50
CA LYS A 58 -7.98 6.74 7.69
C LYS A 58 -8.36 5.27 7.61
N CYS A 59 -8.59 4.80 6.39
CA CYS A 59 -8.95 3.40 6.17
C CYS A 59 -7.81 2.47 6.60
N ILE A 60 -6.61 3.02 6.68
CA ILE A 60 -5.44 2.24 7.08
C ILE A 60 -5.65 1.61 8.46
N ASP A 61 -6.21 2.38 9.37
CA ASP A 61 -6.47 1.90 10.72
C ASP A 61 -7.74 1.07 10.78
N LYS A 62 -8.40 0.93 9.63
CA LYS A 62 -9.63 0.15 9.54
C LYS A 62 -9.42 -1.14 8.76
N ILE A 63 -8.16 -1.43 8.45
CA ILE A 63 -7.82 -2.64 7.71
C ILE A 63 -7.92 -3.88 8.59
N ILE A 64 -8.32 -5.00 7.99
CA ILE A 64 -8.46 -6.25 8.72
C ILE A 64 -7.93 -7.42 7.91
N GLY A 65 -6.75 -7.91 8.30
CA GLY A 65 -6.15 -9.04 7.60
C GLY A 65 -4.64 -8.88 7.45
N ARG A 66 -4.06 -9.67 6.55
CA ARG A 66 -2.62 -9.62 6.32
C ARG A 66 -2.32 -9.31 4.85
N CYS A 67 -1.12 -8.81 4.59
CA CYS A 67 -0.71 -8.46 3.23
C CYS A 67 -0.45 -9.73 2.42
N THR A 68 -0.88 -9.70 1.15
CA THR A 68 -0.69 -10.84 0.26
C THR A 68 0.42 -10.57 -0.76
N GLY A 69 1.43 -9.81 -0.33
CA GLY A 69 2.54 -9.50 -1.21
C GLY A 69 3.84 -9.32 -0.47
N THR A 70 4.00 -10.06 0.62
CA THR A 70 5.21 -9.98 1.43
C THR A 70 5.87 -11.34 1.58
N ALA A 71 7.15 -11.35 1.91
CA ALA A 71 7.89 -12.59 2.08
C ALA A 71 8.06 -12.92 3.57
N ALA A 72 6.99 -13.36 4.20
CA ALA A 72 7.01 -13.70 5.62
C ALA A 72 7.90 -14.93 5.86
N ASN A 73 8.58 -14.93 7.00
CA ASN A 73 9.47 -16.03 7.36
C ASN A 73 8.74 -17.05 8.22
N SER A 74 9.43 -18.14 8.56
CA SER A 74 8.84 -19.19 9.39
C SER A 74 8.91 -18.82 10.87
N ARG A 75 7.99 -17.97 11.30
CA ARG A 75 7.95 -17.54 12.69
C ARG A 75 6.78 -18.20 13.42
N ASP A 76 6.64 -19.50 13.24
CA ASP A 76 5.57 -20.25 13.88
C ASP A 76 6.12 -21.10 15.03
N THR A 77 7.03 -20.52 15.81
CA THR A 77 7.64 -21.22 16.93
C THR A 77 6.78 -21.08 18.19
N SER A 78 5.46 -21.17 18.03
CA SER A 78 4.54 -21.05 19.15
C SER A 78 3.15 -21.51 18.75
N GLY A 79 2.32 -21.81 19.76
CA GLY A 79 0.97 -22.28 19.50
C GLY A 79 0.34 -22.94 20.71
N PRO A 80 -0.06 -22.12 21.69
CA PRO A 80 -0.69 -22.60 22.93
C PRO A 80 -2.09 -23.17 22.68
N SER A 81 -2.76 -23.56 23.75
CA SER A 81 -4.10 -24.12 23.66
C SER A 81 -5.13 -23.16 24.24
N SER A 82 -6.41 -23.48 24.05
CA SER A 82 -7.49 -22.65 24.54
C SER A 82 -8.37 -23.42 25.53
N GLY A 83 -8.95 -24.52 25.05
CA GLY A 83 -9.81 -25.33 25.89
C GLY A 83 -10.94 -24.54 26.51
ZN ZN B . -0.04 -5.00 1.03
ZN ZN C . -11.17 3.74 2.04
N GLY A 1 11.01 11.64 -19.25
CA GLY A 1 12.37 12.13 -19.06
C GLY A 1 12.40 13.44 -18.29
N SER A 2 12.87 13.37 -17.04
CA SER A 2 12.95 14.57 -16.21
C SER A 2 13.86 14.31 -15.01
N SER A 3 14.59 15.35 -14.59
CA SER A 3 15.50 15.25 -13.46
C SER A 3 15.84 16.63 -12.91
N GLY A 4 16.28 16.67 -11.66
CA GLY A 4 16.63 17.92 -11.02
C GLY A 4 16.82 17.79 -9.53
N SER A 5 16.50 18.86 -8.80
CA SER A 5 16.64 18.86 -7.35
C SER A 5 15.29 18.96 -6.66
N SER A 6 14.95 17.96 -5.85
CA SER A 6 13.68 17.93 -5.15
C SER A 6 13.86 17.40 -3.72
N GLY A 7 13.04 17.90 -2.81
CA GLY A 7 13.12 17.46 -1.42
C GLY A 7 11.85 16.77 -0.96
N LYS A 8 11.94 15.47 -0.72
CA LYS A 8 10.79 14.70 -0.27
C LYS A 8 11.23 13.33 0.27
N GLN A 9 11.04 13.14 1.58
CA GLN A 9 11.42 11.89 2.22
C GLN A 9 10.20 11.01 2.45
N ALA A 10 10.14 9.90 1.71
CA ALA A 10 9.02 8.97 1.84
C ALA A 10 9.23 8.01 3.00
N LYS A 11 8.18 7.26 3.34
CA LYS A 11 8.26 6.31 4.45
C LYS A 11 7.28 5.15 4.22
N ILE A 12 7.63 3.98 4.75
CA ILE A 12 6.78 2.81 4.61
C ILE A 12 6.06 2.48 5.92
N HIS A 13 4.77 2.21 5.82
CA HIS A 13 3.97 1.88 7.01
C HIS A 13 3.81 0.37 7.14
N TYR A 14 4.53 -0.21 8.10
CA TYR A 14 4.46 -1.64 8.34
C TYR A 14 3.19 -2.02 9.09
N ILE A 15 2.05 -1.58 8.56
CA ILE A 15 0.77 -1.87 9.18
C ILE A 15 0.20 -3.18 8.68
N LYS A 16 -0.48 -3.91 9.56
CA LYS A 16 -1.08 -5.20 9.20
C LYS A 16 -0.15 -6.00 8.30
N ASN A 17 1.15 -5.86 8.52
CA ASN A 17 2.14 -6.57 7.72
C ASN A 17 2.11 -6.10 6.27
N HIS A 18 1.96 -4.79 6.07
CA HIS A 18 1.91 -4.23 4.74
C HIS A 18 3.03 -3.20 4.54
N GLU A 19 3.06 -2.58 3.37
CA GLU A 19 4.08 -1.59 3.06
C GLU A 19 3.45 -0.32 2.48
N PHE A 20 2.25 0.00 2.95
CA PHE A 20 1.53 1.18 2.47
C PHE A 20 2.48 2.38 2.37
N ILE A 21 2.75 2.80 1.15
CA ILE A 21 3.64 3.93 0.92
C ILE A 21 2.85 5.15 0.45
N ALA A 22 3.05 6.27 1.15
CA ALA A 22 2.37 7.52 0.80
C ALA A 22 2.49 7.82 -0.68
N THR A 23 1.34 8.00 -1.34
CA THR A 23 1.32 8.29 -2.76
C THR A 23 0.21 9.29 -3.11
N PHE A 24 0.42 10.06 -4.16
CA PHE A 24 -0.56 11.04 -4.59
C PHE A 24 -1.40 10.51 -5.76
N PHE A 25 -2.66 10.20 -5.48
CA PHE A 25 -3.56 9.67 -6.50
C PHE A 25 -4.22 10.81 -7.27
N GLY A 26 -4.99 11.62 -6.56
CA GLY A 26 -5.67 12.74 -7.20
C GLY A 26 -6.98 12.33 -7.85
N GLN A 27 -6.98 11.17 -8.50
CA GLN A 27 -8.16 10.66 -9.18
C GLN A 27 -8.97 9.74 -8.25
N PRO A 28 -10.28 9.66 -8.51
CA PRO A 28 -11.18 8.82 -7.71
C PRO A 28 -10.95 7.34 -7.92
N THR A 29 -9.99 6.78 -7.17
CA THR A 29 -9.66 5.37 -7.28
C THR A 29 -10.54 4.53 -6.37
N PHE A 30 -10.48 3.20 -6.53
CA PHE A 30 -11.27 2.29 -5.72
C PHE A 30 -10.50 1.88 -4.47
N CYS A 31 -11.19 1.90 -3.33
CA CYS A 31 -10.58 1.51 -2.06
C CYS A 31 -10.88 0.05 -1.72
N SER A 32 -10.09 -0.52 -0.83
CA SER A 32 -10.27 -1.90 -0.41
C SER A 32 -10.98 -1.99 0.93
N VAL A 33 -10.66 -1.04 1.81
CA VAL A 33 -11.27 -1.01 3.13
C VAL A 33 -12.72 -0.54 3.06
N CYS A 34 -12.91 0.74 2.76
CA CYS A 34 -14.25 1.31 2.65
C CYS A 34 -14.80 1.16 1.23
N LYS A 35 -13.91 1.12 0.26
CA LYS A 35 -14.30 0.98 -1.14
C LYS A 35 -15.10 2.19 -1.61
N ASP A 36 -14.54 3.38 -1.39
CA ASP A 36 -15.21 4.61 -1.80
C ASP A 36 -14.37 5.38 -2.81
N PHE A 37 -14.98 6.37 -3.44
CA PHE A 37 -14.28 7.18 -4.44
C PHE A 37 -13.04 7.84 -3.84
N VAL A 38 -11.93 7.11 -3.86
CA VAL A 38 -10.68 7.61 -3.31
C VAL A 38 -10.17 8.80 -4.12
N TRP A 39 -10.79 9.95 -3.92
CA TRP A 39 -10.41 11.17 -4.64
C TRP A 39 -10.12 12.30 -3.65
N GLY A 40 -9.32 13.27 -4.09
CA GLY A 40 -8.98 14.39 -3.24
C GLY A 40 -8.07 15.39 -3.94
N LEU A 41 -8.40 16.67 -3.82
CA LEU A 41 -7.61 17.73 -4.43
C LEU A 41 -6.24 17.83 -3.78
N ASN A 42 -6.21 17.94 -2.46
CA ASN A 42 -4.96 18.06 -1.72
C ASN A 42 -4.71 16.79 -0.91
N LYS A 43 -5.69 16.38 -0.12
CA LYS A 43 -5.58 15.19 0.71
C LYS A 43 -5.12 14.00 -0.12
N GLN A 44 -4.24 13.18 0.45
CA GLN A 44 -3.72 12.01 -0.24
C GLN A 44 -4.11 10.72 0.51
N GLY A 45 -3.80 9.59 -0.10
CA GLY A 45 -4.12 8.31 0.52
C GLY A 45 -2.91 7.41 0.64
N TYR A 46 -3.15 6.09 0.66
CA TYR A 46 -2.08 5.13 0.78
C TYR A 46 -2.23 4.01 -0.26
N LYS A 47 -1.10 3.49 -0.73
CA LYS A 47 -1.11 2.41 -1.71
C LYS A 47 0.07 1.47 -1.49
N CYS A 48 -0.24 0.21 -1.19
CA CYS A 48 0.80 -0.80 -0.96
C CYS A 48 1.57 -1.08 -2.25
N ARG A 49 2.89 -0.90 -2.20
CA ARG A 49 3.73 -1.15 -3.36
C ARG A 49 4.01 -2.64 -3.53
N GLN A 50 3.26 -3.46 -2.80
CA GLN A 50 3.43 -4.91 -2.87
C GLN A 50 2.20 -5.58 -3.48
N CYS A 51 1.06 -5.43 -2.81
CA CYS A 51 -0.18 -6.02 -3.28
C CYS A 51 -0.99 -5.00 -4.10
N ASN A 52 -0.55 -3.75 -4.07
CA ASN A 52 -1.22 -2.69 -4.81
C ASN A 52 -2.60 -2.43 -4.23
N ALA A 53 -2.67 -2.18 -2.93
CA ALA A 53 -3.93 -1.90 -2.26
C ALA A 53 -4.07 -0.43 -1.93
N ALA A 54 -4.82 0.29 -2.76
CA ALA A 54 -5.04 1.71 -2.57
C ALA A 54 -6.19 1.97 -1.60
N ILE A 55 -5.90 2.62 -0.49
CA ILE A 55 -6.91 2.93 0.51
C ILE A 55 -6.79 4.37 1.01
N HIS A 56 -7.71 4.77 1.87
CA HIS A 56 -7.70 6.12 2.42
C HIS A 56 -6.75 6.23 3.60
N LYS A 57 -6.19 7.41 3.80
CA LYS A 57 -5.25 7.65 4.90
C LYS A 57 -5.88 7.26 6.24
N LYS A 58 -7.21 7.27 6.29
CA LYS A 58 -7.92 6.92 7.50
C LYS A 58 -8.32 5.45 7.50
N CYS A 59 -8.48 4.89 6.30
CA CYS A 59 -8.85 3.48 6.16
C CYS A 59 -7.71 2.56 6.59
N ILE A 60 -6.51 3.14 6.69
CA ILE A 60 -5.33 2.37 7.10
C ILE A 60 -5.53 1.76 8.49
N ASP A 61 -6.12 2.54 9.38
CA ASP A 61 -6.37 2.08 10.75
C ASP A 61 -7.63 1.22 10.80
N LYS A 62 -8.25 1.01 9.65
CA LYS A 62 -9.48 0.21 9.58
C LYS A 62 -9.22 -1.10 8.83
N ILE A 63 -7.96 -1.36 8.52
CA ILE A 63 -7.59 -2.58 7.82
C ILE A 63 -7.62 -3.79 8.75
N ILE A 64 -7.88 -4.97 8.18
CA ILE A 64 -7.94 -6.18 8.97
C ILE A 64 -7.38 -7.37 8.18
N GLY A 65 -6.31 -7.96 8.68
CA GLY A 65 -5.69 -9.09 8.01
C GLY A 65 -4.19 -8.93 7.84
N ARG A 66 -3.67 -9.42 6.72
CA ARG A 66 -2.24 -9.34 6.44
C ARG A 66 -1.99 -9.09 4.96
N CYS A 67 -0.75 -8.74 4.63
CA CYS A 67 -0.38 -8.48 3.24
C CYS A 67 -0.11 -9.78 2.49
N THR A 68 -0.48 -9.81 1.22
CA THR A 68 -0.27 -11.00 0.39
C THR A 68 0.57 -10.67 -0.84
N GLY A 69 1.52 -9.76 -0.68
CA GLY A 69 2.38 -9.37 -1.78
C GLY A 69 3.85 -9.48 -1.44
N THR A 70 4.22 -10.55 -0.75
CA THR A 70 5.61 -10.75 -0.35
C THR A 70 6.14 -12.08 -0.88
N ALA A 71 7.43 -12.10 -1.22
CA ALA A 71 8.06 -13.31 -1.74
C ALA A 71 8.58 -14.19 -0.60
N ALA A 72 7.69 -15.00 -0.05
CA ALA A 72 8.07 -15.89 1.04
C ALA A 72 7.02 -16.98 1.26
N ASN A 73 7.45 -18.23 1.22
CA ASN A 73 6.55 -19.36 1.40
C ASN A 73 6.04 -19.42 2.84
N SER A 74 4.77 -19.07 3.04
CA SER A 74 4.18 -19.09 4.36
C SER A 74 2.65 -19.04 4.27
N ARG A 75 2.00 -20.16 4.62
CA ARG A 75 0.55 -20.23 4.57
C ARG A 75 0.03 -21.23 5.60
N ASP A 76 -1.28 -21.38 5.66
CA ASP A 76 -1.91 -22.30 6.61
C ASP A 76 -2.87 -23.24 5.89
N THR A 77 -2.83 -24.52 6.27
CA THR A 77 -3.71 -25.52 5.66
C THR A 77 -5.06 -24.93 5.31
N SER A 78 -5.29 -24.71 4.01
CA SER A 78 -6.55 -24.15 3.54
C SER A 78 -6.61 -24.17 2.02
N GLY A 79 -7.82 -24.30 1.48
CA GLY A 79 -8.00 -24.33 0.04
C GLY A 79 -9.45 -24.24 -0.37
N PRO A 80 -10.13 -23.16 0.04
CA PRO A 80 -11.54 -22.95 -0.28
C PRO A 80 -11.77 -22.65 -1.75
N SER A 81 -11.02 -21.69 -2.27
CA SER A 81 -11.13 -21.31 -3.68
C SER A 81 -10.07 -20.28 -4.06
N SER A 82 -9.71 -20.26 -5.33
CA SER A 82 -8.70 -19.33 -5.82
C SER A 82 -9.33 -18.23 -6.68
N GLY A 83 -8.65 -17.09 -6.76
CA GLY A 83 -9.17 -15.98 -7.56
C GLY A 83 -8.29 -14.75 -7.45
ZN ZN B . 0.01 -5.09 0.92
ZN ZN C . -11.19 3.87 1.98
N GLY A 1 23.51 1.47 -26.80
CA GLY A 1 22.97 2.36 -25.78
C GLY A 1 22.35 1.60 -24.62
N SER A 2 22.34 2.23 -23.45
CA SER A 2 21.77 1.62 -22.26
C SER A 2 21.70 2.62 -21.10
N SER A 3 20.49 2.85 -20.62
CA SER A 3 20.28 3.79 -19.52
C SER A 3 19.22 3.28 -18.56
N GLY A 4 19.26 3.77 -17.32
CA GLY A 4 18.30 3.34 -16.31
C GLY A 4 18.87 3.34 -14.91
N SER A 5 18.01 3.52 -13.92
CA SER A 5 18.44 3.55 -12.53
C SER A 5 17.24 3.36 -11.59
N SER A 6 17.53 2.93 -10.37
CA SER A 6 16.49 2.70 -9.37
C SER A 6 17.08 2.63 -7.97
N GLY A 7 16.21 2.73 -6.97
CA GLY A 7 16.67 2.68 -5.59
C GLY A 7 16.47 3.98 -4.85
N LYS A 8 15.31 4.14 -4.24
CA LYS A 8 14.99 5.35 -3.49
C LYS A 8 14.23 5.03 -2.22
N GLN A 9 14.58 5.71 -1.13
CA GLN A 9 13.93 5.49 0.15
C GLN A 9 12.58 6.21 0.21
N ALA A 10 11.61 5.59 0.86
CA ALA A 10 10.27 6.16 0.99
C ALA A 10 9.56 5.62 2.23
N LYS A 11 9.34 6.49 3.20
CA LYS A 11 8.66 6.09 4.44
C LYS A 11 7.56 5.08 4.15
N ILE A 12 7.71 3.89 4.72
CA ILE A 12 6.71 2.83 4.53
C ILE A 12 5.97 2.53 5.82
N HIS A 13 4.70 2.18 5.69
CA HIS A 13 3.88 1.87 6.86
C HIS A 13 3.70 0.37 7.02
N TYR A 14 4.46 -0.21 7.94
CA TYR A 14 4.40 -1.65 8.19
C TYR A 14 3.14 -2.01 8.97
N ILE A 15 1.99 -1.64 8.43
CA ILE A 15 0.72 -1.93 9.08
C ILE A 15 0.16 -3.27 8.62
N LYS A 16 -0.41 -4.01 9.57
CA LYS A 16 -0.99 -5.33 9.26
C LYS A 16 -0.04 -6.14 8.39
N ASN A 17 1.25 -5.85 8.49
CA ASN A 17 2.26 -6.56 7.70
C ASN A 17 2.24 -6.11 6.25
N HIS A 18 1.97 -4.83 6.04
CA HIS A 18 1.92 -4.26 4.69
C HIS A 18 3.07 -3.29 4.46
N GLU A 19 3.07 -2.64 3.30
CA GLU A 19 4.12 -1.69 2.96
C GLU A 19 3.52 -0.41 2.37
N PHE A 20 2.32 -0.08 2.81
CA PHE A 20 1.64 1.12 2.33
C PHE A 20 2.61 2.30 2.24
N ILE A 21 2.77 2.83 1.04
CA ILE A 21 3.66 3.96 0.81
C ILE A 21 2.89 5.19 0.34
N ALA A 22 3.11 6.31 1.01
CA ALA A 22 2.44 7.55 0.66
C ALA A 22 2.57 7.84 -0.83
N THR A 23 1.44 7.97 -1.52
CA THR A 23 1.44 8.24 -2.95
C THR A 23 0.27 9.15 -3.34
N PHE A 24 0.42 9.85 -4.46
CA PHE A 24 -0.62 10.75 -4.93
C PHE A 24 -1.36 10.14 -6.13
N PHE A 25 -2.68 10.30 -6.15
CA PHE A 25 -3.50 9.77 -7.23
C PHE A 25 -4.23 10.90 -7.96
N GLY A 26 -4.30 10.79 -9.29
CA GLY A 26 -4.98 11.81 -10.08
C GLY A 26 -6.43 11.47 -10.33
N GLN A 27 -6.73 10.18 -10.39
CA GLN A 27 -8.09 9.72 -10.63
C GLN A 27 -8.69 9.07 -9.38
N PRO A 28 -10.03 8.99 -9.33
CA PRO A 28 -10.74 8.40 -8.20
C PRO A 28 -10.56 6.88 -8.13
N THR A 29 -9.43 6.45 -7.56
CA THR A 29 -9.13 5.03 -7.43
C THR A 29 -10.19 4.33 -6.59
N PHE A 30 -10.21 3.00 -6.67
CA PHE A 30 -11.17 2.20 -5.91
C PHE A 30 -10.54 1.64 -4.65
N CYS A 31 -10.95 2.17 -3.50
CA CYS A 31 -10.43 1.73 -2.22
C CYS A 31 -10.77 0.26 -1.98
N SER A 32 -10.04 -0.37 -1.05
CA SER A 32 -10.25 -1.77 -0.72
C SER A 32 -11.00 -1.90 0.59
N VAL A 33 -10.75 -0.98 1.51
CA VAL A 33 -11.40 -1.00 2.81
C VAL A 33 -12.82 -0.47 2.73
N CYS A 34 -12.95 0.82 2.43
CA CYS A 34 -14.26 1.46 2.32
C CYS A 34 -14.80 1.33 0.89
N LYS A 35 -13.90 1.25 -0.08
CA LYS A 35 -14.28 1.13 -1.48
C LYS A 35 -14.99 2.39 -1.95
N ASP A 36 -14.44 3.54 -1.59
CA ASP A 36 -15.02 4.82 -1.99
C ASP A 36 -14.04 5.64 -2.82
N PHE A 37 -14.52 6.73 -3.40
CA PHE A 37 -13.68 7.60 -4.21
C PHE A 37 -12.37 7.92 -3.50
N VAL A 38 -11.35 7.11 -3.76
CA VAL A 38 -10.04 7.31 -3.14
C VAL A 38 -9.54 8.73 -3.34
N TRP A 39 -9.87 9.31 -4.49
CA TRP A 39 -9.47 10.68 -4.82
C TRP A 39 -9.59 11.58 -3.59
N GLY A 40 -8.54 12.35 -3.32
CA GLY A 40 -8.54 13.25 -2.18
C GLY A 40 -8.08 14.64 -2.54
N LEU A 41 -8.40 15.61 -1.69
CA LEU A 41 -8.00 16.99 -1.93
C LEU A 41 -7.12 17.51 -0.79
N ASN A 42 -7.58 17.31 0.45
CA ASN A 42 -6.84 17.74 1.62
C ASN A 42 -5.48 17.03 1.71
N LYS A 43 -5.52 15.71 1.67
CA LYS A 43 -4.30 14.91 1.75
C LYS A 43 -4.44 13.63 0.93
N GLN A 44 -3.35 13.24 0.28
CA GLN A 44 -3.34 12.03 -0.54
C GLN A 44 -3.68 10.80 0.30
N GLY A 45 -3.74 9.64 -0.36
CA GLY A 45 -4.05 8.41 0.34
C GLY A 45 -2.84 7.50 0.47
N TYR A 46 -3.08 6.22 0.71
CA TYR A 46 -2.01 5.24 0.85
C TYR A 46 -2.16 4.12 -0.16
N LYS A 47 -1.03 3.60 -0.64
CA LYS A 47 -1.02 2.51 -1.60
C LYS A 47 0.15 1.57 -1.35
N CYS A 48 -0.16 0.29 -1.18
CA CYS A 48 0.86 -0.72 -0.94
C CYS A 48 1.63 -1.02 -2.22
N ARG A 49 2.95 -0.84 -2.17
CA ARG A 49 3.81 -1.08 -3.32
C ARG A 49 4.13 -2.57 -3.45
N GLN A 50 3.38 -3.40 -2.71
CA GLN A 50 3.59 -4.84 -2.74
C GLN A 50 2.39 -5.55 -3.36
N CYS A 51 1.22 -5.34 -2.77
CA CYS A 51 -0.01 -5.95 -3.26
C CYS A 51 -0.82 -4.98 -4.10
N ASN A 52 -0.44 -3.70 -4.04
CA ASN A 52 -1.13 -2.66 -4.79
C ASN A 52 -2.52 -2.40 -4.21
N ALA A 53 -2.58 -2.12 -2.91
CA ALA A 53 -3.85 -1.85 -2.25
C ALA A 53 -3.98 -0.38 -1.88
N ALA A 54 -4.76 0.35 -2.68
CA ALA A 54 -4.96 1.77 -2.43
C ALA A 54 -6.09 1.99 -1.43
N ILE A 55 -5.75 2.60 -0.29
CA ILE A 55 -6.73 2.88 0.75
C ILE A 55 -6.62 4.31 1.24
N HIS A 56 -7.60 4.74 2.03
CA HIS A 56 -7.61 6.09 2.57
C HIS A 56 -6.75 6.19 3.82
N LYS A 57 -6.25 7.39 4.11
CA LYS A 57 -5.41 7.61 5.28
C LYS A 57 -6.12 7.17 6.55
N LYS A 58 -7.46 7.25 6.53
CA LYS A 58 -8.25 6.86 7.69
C LYS A 58 -8.63 5.38 7.61
N CYS A 59 -8.65 4.84 6.40
CA CYS A 59 -8.99 3.43 6.20
C CYS A 59 -7.88 2.53 6.69
N ILE A 60 -6.70 3.11 6.91
CA ILE A 60 -5.55 2.35 7.38
C ILE A 60 -5.80 1.77 8.78
N ASP A 61 -6.57 2.50 9.57
CA ASP A 61 -6.88 2.06 10.93
C ASP A 61 -8.10 1.15 10.94
N LYS A 62 -8.56 0.77 9.74
CA LYS A 62 -9.73 -0.10 9.62
C LYS A 62 -9.30 -1.49 9.16
N ILE A 63 -8.36 -1.54 8.23
CA ILE A 63 -7.87 -2.81 7.71
C ILE A 63 -7.84 -3.88 8.79
N ILE A 64 -8.22 -5.10 8.42
CA ILE A 64 -8.23 -6.22 9.37
C ILE A 64 -7.36 -7.37 8.87
N GLY A 65 -7.31 -7.54 7.56
CA GLY A 65 -6.51 -8.61 6.98
C GLY A 65 -5.02 -8.28 6.97
N ARG A 66 -4.24 -9.10 6.28
CA ARG A 66 -2.80 -8.89 6.19
C ARG A 66 -2.35 -8.79 4.75
N CYS A 67 -1.08 -8.45 4.55
CA CYS A 67 -0.52 -8.31 3.21
C CYS A 67 -0.22 -9.68 2.61
N THR A 68 -0.28 -9.77 1.28
CA THR A 68 -0.01 -11.03 0.59
C THR A 68 1.29 -10.95 -0.19
N GLY A 69 1.62 -9.76 -0.68
CA GLY A 69 2.84 -9.58 -1.44
C GLY A 69 4.06 -9.38 -0.54
N THR A 70 4.22 -10.27 0.43
CA THR A 70 5.34 -10.20 1.36
C THR A 70 6.11 -11.51 1.39
N ALA A 71 7.22 -11.52 2.12
CA ALA A 71 8.06 -12.71 2.23
C ALA A 71 7.94 -13.32 3.63
N ALA A 72 6.88 -14.10 3.84
CA ALA A 72 6.66 -14.75 5.13
C ALA A 72 7.03 -16.22 5.07
N ASN A 73 8.24 -16.54 5.54
CA ASN A 73 8.71 -17.93 5.53
C ASN A 73 7.70 -18.85 6.21
N SER A 74 7.17 -18.41 7.34
CA SER A 74 6.20 -19.19 8.10
C SER A 74 4.86 -19.25 7.36
N ARG A 75 4.74 -20.24 6.47
CA ARG A 75 3.51 -20.40 5.70
C ARG A 75 3.56 -21.68 4.87
N ASP A 76 2.59 -22.57 5.10
CA ASP A 76 2.53 -23.83 4.39
C ASP A 76 1.91 -23.64 3.00
N THR A 77 2.66 -24.00 1.97
CA THR A 77 2.18 -23.87 0.59
C THR A 77 1.18 -24.97 0.25
N SER A 78 0.08 -24.57 -0.39
CA SER A 78 -0.96 -25.51 -0.77
C SER A 78 -1.99 -24.84 -1.67
N GLY A 79 -2.34 -25.51 -2.76
CA GLY A 79 -3.31 -24.97 -3.70
C GLY A 79 -2.93 -25.23 -5.14
N PRO A 80 -3.14 -26.46 -5.61
CA PRO A 80 -2.81 -26.86 -6.98
C PRO A 80 -3.75 -26.21 -8.00
N SER A 81 -3.30 -26.14 -9.25
CA SER A 81 -4.09 -25.55 -10.32
C SER A 81 -3.73 -26.15 -11.67
N SER A 82 -4.50 -25.80 -12.69
CA SER A 82 -4.27 -26.32 -14.04
C SER A 82 -5.20 -25.67 -15.04
N GLY A 83 -5.06 -26.02 -16.31
CA GLY A 83 -5.90 -25.47 -17.35
C GLY A 83 -7.09 -26.34 -17.65
ZN ZN B . 0.03 -5.01 0.95
ZN ZN C . -11.02 3.87 1.93
N GLY A 1 4.29 7.83 -24.45
CA GLY A 1 5.54 7.36 -23.87
C GLY A 1 5.51 7.40 -22.34
N SER A 2 6.51 6.77 -21.73
CA SER A 2 6.59 6.73 -20.27
C SER A 2 7.71 7.63 -19.77
N SER A 3 7.49 8.26 -18.62
CA SER A 3 8.48 9.16 -18.03
C SER A 3 8.85 8.72 -16.62
N GLY A 4 10.04 9.12 -16.17
CA GLY A 4 10.49 8.75 -14.85
C GLY A 4 9.55 9.23 -13.76
N SER A 5 9.00 10.43 -13.94
CA SER A 5 8.09 11.01 -12.97
C SER A 5 8.67 10.92 -11.55
N SER A 6 9.92 11.38 -11.42
CA SER A 6 10.59 11.34 -10.12
C SER A 6 9.63 11.74 -9.00
N GLY A 7 9.91 11.25 -7.80
CA GLY A 7 9.07 11.56 -6.65
C GLY A 7 9.83 12.25 -5.55
N LYS A 8 9.18 12.39 -4.39
CA LYS A 8 9.81 13.04 -3.24
C LYS A 8 10.05 12.05 -2.11
N GLN A 9 10.61 12.54 -1.00
CA GLN A 9 10.88 11.69 0.14
C GLN A 9 9.60 11.08 0.70
N ALA A 10 9.73 9.91 1.32
CA ALA A 10 8.57 9.23 1.90
C ALA A 10 9.02 8.12 2.84
N LYS A 11 8.04 7.41 3.41
CA LYS A 11 8.33 6.31 4.33
C LYS A 11 7.36 5.16 4.12
N ILE A 12 7.71 3.99 4.67
CA ILE A 12 6.86 2.82 4.54
C ILE A 12 6.10 2.53 5.84
N HIS A 13 4.82 2.25 5.71
CA HIS A 13 3.98 1.96 6.88
C HIS A 13 3.80 0.46 7.06
N TYR A 14 4.53 -0.12 8.00
CA TYR A 14 4.45 -1.55 8.27
C TYR A 14 3.18 -1.88 9.05
N ILE A 15 2.04 -1.50 8.50
CA ILE A 15 0.75 -1.75 9.15
C ILE A 15 0.17 -3.09 8.69
N LYS A 16 -0.37 -3.84 9.64
CA LYS A 16 -0.97 -5.14 9.34
C LYS A 16 -0.04 -5.96 8.45
N ASN A 17 1.25 -5.68 8.52
CA ASN A 17 2.24 -6.40 7.72
C ASN A 17 2.18 -5.95 6.27
N HIS A 18 1.90 -4.68 6.05
CA HIS A 18 1.82 -4.13 4.70
C HIS A 18 2.97 -3.15 4.45
N GLU A 19 3.00 -2.59 3.24
CA GLU A 19 4.05 -1.64 2.87
C GLU A 19 3.44 -0.34 2.34
N PHE A 20 2.22 -0.04 2.78
CA PHE A 20 1.54 1.18 2.36
C PHE A 20 2.51 2.34 2.25
N ILE A 21 2.83 2.72 1.03
CA ILE A 21 3.75 3.84 0.78
C ILE A 21 3.00 5.08 0.32
N ALA A 22 3.23 6.19 1.01
CA ALA A 22 2.59 7.45 0.66
C ALA A 22 2.68 7.73 -0.84
N THR A 23 1.54 7.86 -1.48
CA THR A 23 1.49 8.12 -2.91
C THR A 23 0.38 9.10 -3.26
N PHE A 24 0.64 9.96 -4.25
CA PHE A 24 -0.35 10.95 -4.68
C PHE A 24 -1.21 10.40 -5.80
N PHE A 25 -2.50 10.22 -5.52
CA PHE A 25 -3.44 9.69 -6.50
C PHE A 25 -4.04 10.83 -7.33
N GLY A 26 -4.65 11.78 -6.65
CA GLY A 26 -5.27 12.91 -7.33
C GLY A 26 -6.60 12.55 -7.96
N GLN A 27 -6.66 11.39 -8.59
CA GLN A 27 -7.88 10.93 -9.24
C GLN A 27 -8.71 10.08 -8.30
N PRO A 28 -10.03 10.04 -8.53
CA PRO A 28 -10.96 9.27 -7.70
C PRO A 28 -10.80 7.77 -7.90
N THR A 29 -9.84 7.19 -7.19
CA THR A 29 -9.58 5.76 -7.28
C THR A 29 -10.56 4.96 -6.44
N PHE A 30 -10.55 3.64 -6.61
CA PHE A 30 -11.45 2.76 -5.86
C PHE A 30 -10.74 2.17 -4.65
N CYS A 31 -11.33 2.37 -3.47
CA CYS A 31 -10.76 1.86 -2.22
C CYS A 31 -11.15 0.41 -2.00
N SER A 32 -10.43 -0.27 -1.12
CA SER A 32 -10.71 -1.67 -0.81
C SER A 32 -11.44 -1.80 0.52
N VAL A 33 -11.08 -0.95 1.47
CA VAL A 33 -11.71 -0.96 2.79
C VAL A 33 -13.14 -0.43 2.73
N CYS A 34 -13.27 0.87 2.50
CA CYS A 34 -14.57 1.51 2.43
C CYS A 34 -15.09 1.51 1.00
N LYS A 35 -14.17 1.44 0.04
CA LYS A 35 -14.53 1.43 -1.38
C LYS A 35 -15.23 2.73 -1.77
N ASP A 36 -14.61 3.86 -1.41
CA ASP A 36 -15.16 5.17 -1.73
C ASP A 36 -14.17 6.00 -2.54
N PHE A 37 -14.66 6.67 -3.56
CA PHE A 37 -13.82 7.51 -4.41
C PHE A 37 -12.68 8.12 -3.61
N VAL A 38 -11.49 7.56 -3.75
CA VAL A 38 -10.31 8.06 -3.04
C VAL A 38 -9.75 9.30 -3.71
N TRP A 39 -10.47 10.42 -3.57
CA TRP A 39 -10.04 11.68 -4.16
C TRP A 39 -9.99 12.78 -3.11
N GLY A 40 -10.78 12.63 -2.05
CA GLY A 40 -10.81 13.62 -1.00
C GLY A 40 -10.59 15.03 -1.52
N LEU A 41 -9.99 15.88 -0.68
CA LEU A 41 -9.73 17.26 -1.05
C LEU A 41 -8.28 17.62 -0.78
N ASN A 42 -7.53 17.91 -1.84
CA ASN A 42 -6.13 18.28 -1.73
C ASN A 42 -5.43 17.43 -0.67
N LYS A 43 -5.77 16.14 -0.64
CA LYS A 43 -5.18 15.22 0.32
C LYS A 43 -4.85 13.88 -0.34
N GLN A 44 -3.76 13.26 0.10
CA GLN A 44 -3.34 11.98 -0.45
C GLN A 44 -3.76 10.83 0.47
N GLY A 45 -3.59 9.60 -0.01
CA GLY A 45 -3.95 8.44 0.78
C GLY A 45 -2.80 7.47 0.96
N TYR A 46 -3.05 6.20 0.72
CA TYR A 46 -2.02 5.17 0.86
C TYR A 46 -2.20 4.08 -0.19
N LYS A 47 -1.07 3.55 -0.67
CA LYS A 47 -1.10 2.49 -1.67
C LYS A 47 0.06 1.52 -1.48
N CYS A 48 -0.27 0.28 -1.11
CA CYS A 48 0.74 -0.74 -0.89
C CYS A 48 1.46 -1.09 -2.19
N ARG A 49 2.78 -0.86 -2.21
CA ARG A 49 3.58 -1.14 -3.40
C ARG A 49 3.84 -2.64 -3.53
N GLN A 50 3.17 -3.43 -2.69
CA GLN A 50 3.33 -4.88 -2.71
C GLN A 50 2.11 -5.55 -3.32
N CYS A 51 0.95 -5.30 -2.73
CA CYS A 51 -0.30 -5.88 -3.20
C CYS A 51 -1.09 -4.88 -4.04
N ASN A 52 -0.62 -3.63 -4.05
CA ASN A 52 -1.27 -2.57 -4.81
C ASN A 52 -2.68 -2.31 -4.27
N ALA A 53 -2.77 -2.09 -2.96
CA ALA A 53 -4.04 -1.84 -2.31
C ALA A 53 -4.16 -0.36 -1.92
N ALA A 54 -4.89 0.41 -2.72
CA ALA A 54 -5.08 1.83 -2.46
C ALA A 54 -6.24 2.06 -1.49
N ILE A 55 -5.96 2.73 -0.39
CA ILE A 55 -6.99 3.01 0.62
C ILE A 55 -6.83 4.43 1.17
N HIS A 56 -7.79 4.84 2.01
CA HIS A 56 -7.76 6.16 2.61
C HIS A 56 -6.86 6.19 3.84
N LYS A 57 -6.35 7.37 4.17
CA LYS A 57 -5.47 7.54 5.31
C LYS A 57 -6.15 7.02 6.58
N LYS A 58 -7.47 7.13 6.63
CA LYS A 58 -8.24 6.68 7.79
C LYS A 58 -8.60 5.21 7.66
N CYS A 59 -8.74 4.75 6.41
CA CYS A 59 -9.08 3.36 6.15
C CYS A 59 -7.95 2.42 6.55
N ILE A 60 -6.76 2.99 6.72
CA ILE A 60 -5.59 2.21 7.10
C ILE A 60 -5.77 1.59 8.49
N ASP A 61 -6.44 2.33 9.37
CA ASP A 61 -6.69 1.86 10.74
C ASP A 61 -7.94 1.00 10.80
N LYS A 62 -8.57 0.79 9.64
CA LYS A 62 -9.78 -0.01 9.56
C LYS A 62 -9.48 -1.40 8.99
N ILE A 63 -8.44 -1.48 8.16
CA ILE A 63 -8.05 -2.74 7.55
C ILE A 63 -8.09 -3.88 8.57
N ILE A 64 -8.53 -5.05 8.12
CA ILE A 64 -8.62 -6.22 8.99
C ILE A 64 -7.98 -7.44 8.34
N GLY A 65 -6.73 -7.72 8.73
CA GLY A 65 -6.02 -8.86 8.18
C GLY A 65 -4.55 -8.59 7.99
N ARG A 66 -3.96 -9.18 6.95
CA ARG A 66 -2.54 -9.00 6.68
C ARG A 66 -2.30 -8.79 5.19
N CYS A 67 -1.05 -8.56 4.82
CA CYS A 67 -0.69 -8.34 3.42
C CYS A 67 -0.46 -9.66 2.70
N THR A 68 -1.08 -9.80 1.53
CA THR A 68 -0.94 -11.03 0.75
C THR A 68 -0.32 -10.74 -0.62
N GLY A 69 0.69 -9.88 -0.63
CA GLY A 69 1.34 -9.53 -1.88
C GLY A 69 2.80 -9.14 -1.69
N THR A 70 3.41 -9.69 -0.64
CA THR A 70 4.81 -9.40 -0.33
C THR A 70 5.72 -10.53 -0.79
N ALA A 71 6.95 -10.19 -1.16
CA ALA A 71 7.91 -11.18 -1.61
C ALA A 71 9.03 -11.37 -0.58
N ALA A 72 8.65 -11.41 0.69
CA ALA A 72 9.62 -11.59 1.77
C ALA A 72 9.98 -13.06 1.94
N ASN A 73 11.08 -13.47 1.32
CA ASN A 73 11.54 -14.86 1.40
C ASN A 73 10.47 -15.81 0.87
N SER A 74 9.84 -15.44 -0.24
CA SER A 74 8.81 -16.26 -0.84
C SER A 74 8.72 -16.00 -2.35
N ARG A 75 8.72 -17.07 -3.13
CA ARG A 75 8.66 -16.97 -4.58
C ARG A 75 7.22 -17.19 -5.07
N ASP A 76 6.47 -16.10 -5.19
CA ASP A 76 5.09 -16.18 -5.64
C ASP A 76 4.98 -15.81 -7.13
N THR A 77 5.12 -16.81 -7.99
CA THR A 77 5.04 -16.59 -9.42
C THR A 77 3.80 -15.78 -9.80
N SER A 78 2.63 -16.28 -9.40
CA SER A 78 1.37 -15.61 -9.69
C SER A 78 1.43 -14.92 -11.04
N GLY A 79 2.00 -15.60 -12.03
CA GLY A 79 2.11 -15.04 -13.36
C GLY A 79 3.41 -15.40 -14.04
N PRO A 80 3.42 -16.53 -14.76
CA PRO A 80 4.61 -17.01 -15.47
C PRO A 80 4.95 -16.13 -16.67
N SER A 81 6.06 -15.40 -16.56
CA SER A 81 6.50 -14.52 -17.63
C SER A 81 7.89 -14.91 -18.12
N SER A 82 7.93 -15.59 -19.26
CA SER A 82 9.19 -16.04 -19.84
C SER A 82 10.28 -14.98 -19.66
N GLY A 83 11.46 -15.43 -19.27
CA GLY A 83 12.57 -14.51 -19.06
C GLY A 83 13.88 -15.05 -19.61
ZN ZN B . -0.12 -4.97 1.01
ZN ZN C . -11.49 3.80 2.04
N GLY A 1 9.94 16.40 -24.01
CA GLY A 1 10.22 15.64 -22.80
C GLY A 1 11.02 14.39 -23.07
N SER A 2 12.33 14.55 -23.23
CA SER A 2 13.21 13.41 -23.51
C SER A 2 13.19 12.42 -22.35
N SER A 3 13.35 12.92 -21.13
CA SER A 3 13.34 12.08 -19.94
C SER A 3 12.99 12.89 -18.70
N GLY A 4 12.14 12.31 -17.85
CA GLY A 4 11.74 13.00 -16.63
C GLY A 4 12.56 12.57 -15.44
N SER A 5 12.18 13.05 -14.26
CA SER A 5 12.89 12.73 -13.03
C SER A 5 12.17 13.31 -11.81
N SER A 6 11.97 12.47 -10.79
CA SER A 6 11.30 12.89 -9.57
C SER A 6 12.11 12.51 -8.34
N GLY A 7 11.98 13.31 -7.29
CA GLY A 7 12.70 13.04 -6.06
C GLY A 7 12.06 13.67 -4.84
N LYS A 8 11.60 12.85 -3.91
CA LYS A 8 10.97 13.34 -2.70
C LYS A 8 11.07 12.31 -1.57
N GLN A 9 11.13 12.81 -0.34
CA GLN A 9 11.22 11.94 0.82
C GLN A 9 9.95 11.13 1.03
N ALA A 10 10.08 9.95 1.59
CA ALA A 10 8.93 9.08 1.84
C ALA A 10 9.25 8.03 2.90
N LYS A 11 8.22 7.32 3.36
CA LYS A 11 8.39 6.29 4.36
C LYS A 11 7.40 5.14 4.14
N ILE A 12 7.75 3.97 4.66
CA ILE A 12 6.89 2.79 4.52
C ILE A 12 6.15 2.49 5.82
N HIS A 13 4.87 2.22 5.71
CA HIS A 13 4.05 1.90 6.89
C HIS A 13 3.87 0.40 7.03
N TYR A 14 4.60 -0.19 7.97
CA TYR A 14 4.52 -1.63 8.21
C TYR A 14 3.26 -1.98 8.99
N ILE A 15 2.12 -1.52 8.49
CA ILE A 15 0.84 -1.79 9.14
C ILE A 15 0.25 -3.10 8.65
N LYS A 16 -0.44 -3.81 9.55
CA LYS A 16 -1.06 -5.08 9.21
C LYS A 16 -0.16 -5.90 8.29
N ASN A 17 1.15 -5.79 8.50
CA ASN A 17 2.12 -6.53 7.70
C ASN A 17 2.07 -6.07 6.24
N HIS A 18 1.94 -4.76 6.04
CA HIS A 18 1.89 -4.20 4.69
C HIS A 18 3.03 -3.22 4.47
N GLU A 19 3.02 -2.57 3.30
CA GLU A 19 4.06 -1.59 2.97
C GLU A 19 3.45 -0.32 2.39
N PHE A 20 2.24 0.01 2.85
CA PHE A 20 1.55 1.20 2.38
C PHE A 20 2.50 2.39 2.29
N ILE A 21 2.78 2.83 1.07
CA ILE A 21 3.67 3.96 0.84
C ILE A 21 2.90 5.19 0.38
N ALA A 22 3.05 6.29 1.10
CA ALA A 22 2.37 7.53 0.76
C ALA A 22 2.52 7.84 -0.73
N THR A 23 1.39 8.01 -1.41
CA THR A 23 1.39 8.31 -2.84
C THR A 23 0.22 9.21 -3.21
N PHE A 24 0.46 10.12 -4.15
CA PHE A 24 -0.58 11.03 -4.61
C PHE A 24 -1.26 10.51 -5.87
N PHE A 25 -2.55 10.20 -5.76
CA PHE A 25 -3.31 9.69 -6.88
C PHE A 25 -4.04 10.82 -7.61
N GLY A 26 -4.77 11.63 -6.84
CA GLY A 26 -5.50 12.74 -7.43
C GLY A 26 -6.84 12.32 -8.01
N GLN A 27 -6.89 11.08 -8.53
CA GLN A 27 -8.12 10.57 -9.12
C GLN A 27 -8.87 9.68 -8.13
N PRO A 28 -10.19 9.60 -8.29
CA PRO A 28 -11.05 8.80 -7.41
C PRO A 28 -10.84 7.30 -7.62
N THR A 29 -9.78 6.77 -7.02
CA THR A 29 -9.48 5.35 -7.13
C THR A 29 -10.43 4.51 -6.30
N PHE A 30 -10.44 3.20 -6.56
CA PHE A 30 -11.32 2.29 -5.84
C PHE A 30 -10.62 1.74 -4.59
N CYS A 31 -11.17 2.06 -3.43
CA CYS A 31 -10.60 1.60 -2.16
C CYS A 31 -10.95 0.14 -1.91
N SER A 32 -10.21 -0.49 -1.00
CA SER A 32 -10.45 -1.89 -0.67
C SER A 32 -11.19 -2.01 0.65
N VAL A 33 -10.88 -1.13 1.60
CA VAL A 33 -11.52 -1.13 2.91
C VAL A 33 -12.97 -0.66 2.81
N CYS A 34 -13.14 0.63 2.54
CA CYS A 34 -14.48 1.21 2.42
C CYS A 34 -14.98 1.13 0.99
N LYS A 35 -14.05 1.13 0.04
CA LYS A 35 -14.40 1.06 -1.37
C LYS A 35 -15.15 2.31 -1.82
N ASP A 36 -14.66 3.47 -1.40
CA ASP A 36 -15.29 4.73 -1.75
C ASP A 36 -14.34 5.61 -2.56
N PHE A 37 -14.86 6.20 -3.63
CA PHE A 37 -14.06 7.06 -4.50
C PHE A 37 -13.00 7.81 -3.69
N VAL A 38 -11.77 7.32 -3.75
CA VAL A 38 -10.66 7.95 -3.03
C VAL A 38 -10.35 9.33 -3.60
N TRP A 39 -11.20 10.30 -3.30
CA TRP A 39 -11.03 11.66 -3.77
C TRP A 39 -11.49 12.67 -2.73
N GLY A 40 -11.18 13.94 -2.96
CA GLY A 40 -11.59 14.98 -2.03
C GLY A 40 -10.50 16.04 -1.84
N LEU A 41 -10.60 16.79 -0.75
CA LEU A 41 -9.62 17.82 -0.46
C LEU A 41 -8.20 17.33 -0.69
N ASN A 42 -7.24 18.25 -0.68
CA ASN A 42 -5.85 17.91 -0.89
C ASN A 42 -5.33 17.02 0.24
N LYS A 43 -5.70 15.74 0.19
CA LYS A 43 -5.28 14.79 1.20
C LYS A 43 -4.78 13.49 0.56
N GLN A 44 -3.47 13.29 0.58
CA GLN A 44 -2.88 12.09 0.00
C GLN A 44 -3.40 10.83 0.69
N GLY A 45 -3.37 9.71 -0.03
CA GLY A 45 -3.84 8.46 0.53
C GLY A 45 -2.72 7.48 0.78
N TYR A 46 -2.99 6.20 0.55
CA TYR A 46 -1.99 5.15 0.76
C TYR A 46 -2.17 4.02 -0.24
N LYS A 47 -1.06 3.49 -0.73
CA LYS A 47 -1.10 2.39 -1.69
C LYS A 47 0.07 1.42 -1.46
N CYS A 48 -0.25 0.19 -1.11
CA CYS A 48 0.77 -0.82 -0.87
C CYS A 48 1.53 -1.15 -2.15
N ARG A 49 2.84 -0.89 -2.13
CA ARG A 49 3.68 -1.16 -3.29
C ARG A 49 3.99 -2.65 -3.42
N GLN A 50 3.33 -3.45 -2.59
CA GLN A 50 3.52 -4.89 -2.61
C GLN A 50 2.34 -5.60 -3.25
N CYS A 51 1.15 -5.37 -2.70
CA CYS A 51 -0.07 -5.99 -3.22
C CYS A 51 -0.84 -5.01 -4.08
N ASN A 52 -0.42 -3.74 -4.08
CA ASN A 52 -1.08 -2.71 -4.86
C ASN A 52 -2.51 -2.48 -4.36
N ALA A 53 -2.63 -2.19 -3.06
CA ALA A 53 -3.94 -1.93 -2.47
C ALA A 53 -4.06 -0.49 -2.03
N ALA A 54 -4.81 0.30 -2.80
CA ALA A 54 -5.01 1.71 -2.49
C ALA A 54 -6.15 1.89 -1.50
N ILE A 55 -5.89 2.62 -0.41
CA ILE A 55 -6.90 2.86 0.61
C ILE A 55 -6.83 4.31 1.11
N HIS A 56 -7.77 4.67 1.97
CA HIS A 56 -7.83 6.02 2.52
C HIS A 56 -6.90 6.15 3.73
N LYS A 57 -6.31 7.32 3.90
CA LYS A 57 -5.41 7.56 5.01
C LYS A 57 -6.06 7.17 6.33
N LYS A 58 -7.39 7.15 6.35
CA LYS A 58 -8.13 6.79 7.56
C LYS A 58 -8.50 5.31 7.54
N CYS A 59 -8.68 4.77 6.34
CA CYS A 59 -9.04 3.36 6.19
C CYS A 59 -7.91 2.46 6.66
N ILE A 60 -6.72 3.03 6.80
CA ILE A 60 -5.56 2.28 7.25
C ILE A 60 -5.79 1.66 8.62
N ASP A 61 -6.41 2.44 9.52
CA ASP A 61 -6.70 1.97 10.87
C ASP A 61 -7.95 1.11 10.88
N LYS A 62 -8.51 0.87 9.70
CA LYS A 62 -9.72 0.05 9.57
C LYS A 62 -9.40 -1.31 9.00
N ILE A 63 -8.26 -1.41 8.30
CA ILE A 63 -7.84 -2.66 7.70
C ILE A 63 -7.86 -3.80 8.72
N ILE A 64 -8.21 -5.00 8.26
CA ILE A 64 -8.26 -6.17 9.14
C ILE A 64 -7.73 -7.40 8.43
N GLY A 65 -6.51 -7.81 8.78
CA GLY A 65 -5.91 -8.99 8.17
C GLY A 65 -4.41 -8.85 8.00
N ARG A 66 -3.92 -9.20 6.83
CA ARG A 66 -2.48 -9.11 6.54
C ARG A 66 -2.24 -8.87 5.06
N CYS A 67 -0.97 -8.69 4.70
CA CYS A 67 -0.60 -8.44 3.31
C CYS A 67 -0.38 -9.76 2.57
N THR A 68 -0.68 -9.77 1.28
CA THR A 68 -0.52 -10.96 0.45
C THR A 68 0.88 -11.02 -0.16
N GLY A 69 1.32 -9.90 -0.71
CA GLY A 69 2.64 -9.84 -1.32
C GLY A 69 3.74 -9.57 -0.32
N THR A 70 3.83 -10.43 0.70
CA THR A 70 4.84 -10.28 1.73
C THR A 70 5.78 -11.48 1.77
N ALA A 71 7.08 -11.21 1.94
CA ALA A 71 8.08 -12.27 1.99
C ALA A 71 8.98 -12.11 3.20
N ALA A 72 9.06 -13.15 4.02
CA ALA A 72 9.89 -13.12 5.22
C ALA A 72 10.71 -14.40 5.34
N ASN A 73 11.78 -14.34 6.14
CA ASN A 73 12.65 -15.50 6.34
C ASN A 73 11.83 -16.72 6.74
N SER A 74 12.47 -17.89 6.70
CA SER A 74 11.80 -19.14 7.06
C SER A 74 11.20 -19.05 8.46
N ARG A 75 9.91 -18.75 8.53
CA ARG A 75 9.22 -18.63 9.81
C ARG A 75 7.89 -19.38 9.78
N ASP A 76 7.81 -20.45 10.55
CA ASP A 76 6.59 -21.25 10.61
C ASP A 76 6.09 -21.60 9.21
N THR A 77 7.02 -21.98 8.33
CA THR A 77 6.68 -22.33 6.97
C THR A 77 6.81 -23.83 6.74
N SER A 78 7.90 -24.41 7.23
CA SER A 78 8.16 -25.83 7.08
C SER A 78 8.51 -26.17 5.63
N GLY A 79 9.36 -25.34 5.02
CA GLY A 79 9.76 -25.57 3.65
C GLY A 79 10.51 -24.39 3.06
N PRO A 80 11.70 -24.11 3.62
CA PRO A 80 12.54 -23.00 3.16
C PRO A 80 13.13 -23.25 1.77
N SER A 81 13.74 -24.42 1.60
CA SER A 81 14.34 -24.78 0.32
C SER A 81 14.82 -26.22 0.33
N SER A 82 14.78 -26.87 -0.84
CA SER A 82 15.19 -28.26 -0.96
C SER A 82 16.66 -28.42 -0.55
N GLY A 83 16.88 -28.74 0.72
CA GLY A 83 18.23 -28.91 1.21
C GLY A 83 18.29 -29.01 2.72
ZN ZN B . 0.07 -5.09 0.98
ZN ZN C . -11.26 3.64 2.04
N GLY A 1 23.02 -2.02 -24.45
CA GLY A 1 22.98 -1.75 -23.03
C GLY A 1 21.57 -1.66 -22.49
N SER A 2 21.44 -1.46 -21.18
CA SER A 2 20.14 -1.36 -20.54
C SER A 2 20.13 -0.26 -19.50
N SER A 3 18.96 0.00 -18.92
CA SER A 3 18.82 1.04 -17.90
C SER A 3 17.64 0.73 -16.99
N GLY A 4 17.56 1.45 -15.87
CA GLY A 4 16.48 1.24 -14.93
C GLY A 4 16.72 1.94 -13.60
N SER A 5 15.66 2.11 -12.82
CA SER A 5 15.77 2.77 -11.52
C SER A 5 15.90 1.74 -10.40
N SER A 6 16.37 2.18 -9.25
CA SER A 6 16.55 1.30 -8.10
C SER A 6 15.60 1.69 -6.97
N GLY A 7 15.71 2.95 -6.53
CA GLY A 7 14.86 3.42 -5.45
C GLY A 7 15.46 4.61 -4.72
N LYS A 8 14.61 5.33 -3.99
CA LYS A 8 15.06 6.51 -3.25
C LYS A 8 14.51 6.50 -1.84
N GLN A 9 14.87 7.51 -1.05
CA GLN A 9 14.41 7.61 0.33
C GLN A 9 12.89 7.81 0.38
N ALA A 10 12.25 7.16 1.34
CA ALA A 10 10.81 7.26 1.50
C ALA A 10 10.36 6.69 2.84
N LYS A 11 9.06 6.73 3.09
CA LYS A 11 8.49 6.21 4.33
C LYS A 11 7.48 5.11 4.06
N ILE A 12 7.65 3.97 4.74
CA ILE A 12 6.74 2.85 4.57
C ILE A 12 6.00 2.53 5.86
N HIS A 13 4.72 2.16 5.74
CA HIS A 13 3.90 1.85 6.89
C HIS A 13 3.77 0.32 7.06
N TYR A 14 4.45 -0.21 8.08
CA TYR A 14 4.42 -1.64 8.34
C TYR A 14 3.15 -2.02 9.10
N ILE A 15 2.00 -1.61 8.57
CA ILE A 15 0.72 -1.92 9.20
C ILE A 15 0.17 -3.25 8.73
N LYS A 16 -0.39 -4.02 9.66
CA LYS A 16 -0.96 -5.32 9.34
C LYS A 16 -0.02 -6.11 8.44
N ASN A 17 1.27 -5.81 8.53
CA ASN A 17 2.27 -6.51 7.73
C ASN A 17 2.22 -6.04 6.27
N HIS A 18 1.95 -4.75 6.08
CA HIS A 18 1.88 -4.17 4.75
C HIS A 18 3.00 -3.16 4.52
N GLU A 19 3.05 -2.62 3.31
CA GLU A 19 4.09 -1.64 2.97
C GLU A 19 3.46 -0.39 2.36
N PHE A 20 2.25 -0.05 2.80
CA PHE A 20 1.54 1.12 2.30
C PHE A 20 2.47 2.32 2.24
N ILE A 21 2.81 2.74 1.01
CA ILE A 21 3.70 3.88 0.82
C ILE A 21 2.92 5.11 0.35
N ALA A 22 3.11 6.22 1.04
CA ALA A 22 2.42 7.46 0.70
C ALA A 22 2.50 7.73 -0.79
N THR A 23 1.34 7.97 -1.41
CA THR A 23 1.28 8.24 -2.84
C THR A 23 0.16 9.21 -3.17
N PHE A 24 0.29 9.92 -4.29
CA PHE A 24 -0.72 10.87 -4.72
C PHE A 24 -1.53 10.33 -5.89
N PHE A 25 -2.82 10.12 -5.66
CA PHE A 25 -3.70 9.60 -6.71
C PHE A 25 -4.43 10.73 -7.42
N GLY A 26 -3.87 11.15 -8.56
CA GLY A 26 -4.47 12.22 -9.32
C GLY A 26 -5.89 11.90 -9.76
N GLN A 27 -6.29 10.64 -9.62
CA GLN A 27 -7.62 10.20 -10.00
C GLN A 27 -8.28 9.43 -8.87
N PRO A 28 -9.62 9.43 -8.85
CA PRO A 28 -10.40 8.73 -7.83
C PRO A 28 -10.32 7.21 -7.97
N THR A 29 -9.46 6.60 -7.18
CA THR A 29 -9.29 5.14 -7.23
C THR A 29 -10.36 4.44 -6.39
N PHE A 30 -10.45 3.12 -6.55
CA PHE A 30 -11.43 2.33 -5.81
C PHE A 30 -10.79 1.70 -4.58
N CYS A 31 -10.97 2.37 -3.44
CA CYS A 31 -10.42 1.87 -2.17
C CYS A 31 -10.79 0.41 -1.95
N SER A 32 -10.07 -0.24 -1.05
CA SER A 32 -10.32 -1.64 -0.74
C SER A 32 -11.12 -1.78 0.55
N VAL A 33 -10.87 -0.88 1.50
CA VAL A 33 -11.56 -0.91 2.78
C VAL A 33 -12.99 -0.40 2.63
N CYS A 34 -13.13 0.91 2.42
CA CYS A 34 -14.44 1.52 2.27
C CYS A 34 -14.89 1.49 0.82
N LYS A 35 -13.92 1.48 -0.10
CA LYS A 35 -14.22 1.44 -1.52
C LYS A 35 -14.92 2.71 -1.97
N ASP A 36 -14.33 3.86 -1.64
CA ASP A 36 -14.90 5.15 -2.01
C ASP A 36 -14.23 5.72 -3.25
N PHE A 37 -14.60 6.94 -3.62
CA PHE A 37 -14.03 7.59 -4.79
C PHE A 37 -12.55 7.91 -4.57
N VAL A 38 -12.20 8.24 -3.33
CA VAL A 38 -10.82 8.56 -2.98
C VAL A 38 -10.37 9.84 -3.68
N TRP A 39 -11.20 10.88 -3.59
CA TRP A 39 -10.88 12.17 -4.20
C TRP A 39 -11.81 13.26 -3.69
N GLY A 40 -11.34 14.50 -3.73
CA GLY A 40 -12.14 15.62 -3.27
C GLY A 40 -11.76 16.06 -1.87
N LEU A 41 -10.46 16.19 -1.63
CA LEU A 41 -9.96 16.61 -0.32
C LEU A 41 -8.44 16.81 -0.35
N ASN A 42 -8.00 17.98 0.06
CA ASN A 42 -6.57 18.30 0.08
C ASN A 42 -5.82 17.32 0.97
N LYS A 43 -5.50 16.16 0.41
CA LYS A 43 -4.77 15.12 1.14
C LYS A 43 -4.42 13.95 0.22
N GLN A 44 -3.41 13.18 0.62
CA GLN A 44 -2.96 12.03 -0.15
C GLN A 44 -3.28 10.73 0.57
N GLY A 45 -3.70 9.72 -0.19
CA GLY A 45 -4.03 8.43 0.39
C GLY A 45 -2.82 7.53 0.51
N TYR A 46 -3.07 6.24 0.67
CA TYR A 46 -2.00 5.26 0.81
C TYR A 46 -2.17 4.12 -0.20
N LYS A 47 -1.04 3.58 -0.68
CA LYS A 47 -1.06 2.49 -1.63
C LYS A 47 0.12 1.55 -1.42
N CYS A 48 -0.18 0.27 -1.23
CA CYS A 48 0.87 -0.72 -1.01
C CYS A 48 1.59 -1.05 -2.31
N ARG A 49 2.90 -0.83 -2.33
CA ARG A 49 3.71 -1.09 -3.51
C ARG A 49 3.92 -2.60 -3.70
N GLN A 50 3.24 -3.40 -2.88
CA GLN A 50 3.36 -4.84 -2.95
C GLN A 50 2.09 -5.46 -3.54
N CYS A 51 1.01 -5.42 -2.78
CA CYS A 51 -0.27 -5.97 -3.21
C CYS A 51 -1.04 -4.96 -4.06
N ASN A 52 -0.56 -3.72 -4.07
CA ASN A 52 -1.21 -2.66 -4.84
C ASN A 52 -2.59 -2.36 -4.29
N ALA A 53 -2.68 -2.22 -2.98
CA ALA A 53 -3.95 -1.92 -2.32
C ALA A 53 -4.04 -0.45 -1.92
N ALA A 54 -4.77 0.32 -2.71
CA ALA A 54 -4.94 1.75 -2.44
C ALA A 54 -6.09 1.99 -1.47
N ILE A 55 -5.79 2.67 -0.37
CA ILE A 55 -6.81 2.97 0.63
C ILE A 55 -6.69 4.40 1.12
N HIS A 56 -7.61 4.81 1.98
CA HIS A 56 -7.61 6.16 2.54
C HIS A 56 -6.70 6.25 3.76
N LYS A 57 -6.20 7.45 4.04
CA LYS A 57 -5.32 7.67 5.17
C LYS A 57 -5.98 7.23 6.47
N LYS A 58 -7.31 7.26 6.49
CA LYS A 58 -8.07 6.86 7.68
C LYS A 58 -8.43 5.38 7.60
N CYS A 59 -8.62 4.88 6.39
CA CYS A 59 -8.98 3.48 6.19
C CYS A 59 -7.85 2.56 6.64
N ILE A 60 -6.66 3.13 6.81
CA ILE A 60 -5.51 2.36 7.24
C ILE A 60 -5.75 1.73 8.61
N ASP A 61 -6.40 2.47 9.50
CA ASP A 61 -6.70 2.00 10.84
C ASP A 61 -7.95 1.11 10.83
N LYS A 62 -8.50 0.89 9.64
CA LYS A 62 -9.69 0.06 9.50
C LYS A 62 -9.33 -1.34 9.00
N ILE A 63 -8.37 -1.40 8.09
CA ILE A 63 -7.94 -2.68 7.53
C ILE A 63 -7.98 -3.78 8.58
N ILE A 64 -8.28 -5.00 8.15
CA ILE A 64 -8.36 -6.14 9.06
C ILE A 64 -7.39 -7.25 8.62
N GLY A 65 -7.46 -7.62 7.36
CA GLY A 65 -6.59 -8.67 6.85
C GLY A 65 -5.13 -8.26 6.88
N ARG A 66 -4.30 -9.01 6.16
CA ARG A 66 -2.87 -8.73 6.11
C ARG A 66 -2.38 -8.65 4.67
N CYS A 67 -1.08 -8.42 4.50
CA CYS A 67 -0.49 -8.31 3.18
C CYS A 67 -0.14 -9.69 2.62
N THR A 68 -0.45 -9.90 1.34
CA THR A 68 -0.17 -11.18 0.69
C THR A 68 0.78 -11.00 -0.49
N GLY A 69 1.55 -9.91 -0.45
CA GLY A 69 2.49 -9.64 -1.53
C GLY A 69 3.91 -9.45 -1.02
N THR A 70 4.34 -10.33 -0.13
CA THR A 70 5.68 -10.25 0.44
C THR A 70 6.51 -11.48 0.06
N ALA A 71 7.81 -11.42 0.33
CA ALA A 71 8.70 -12.52 0.02
C ALA A 71 9.14 -13.25 1.29
N ALA A 72 9.32 -14.56 1.17
CA ALA A 72 9.73 -15.38 2.31
C ALA A 72 11.16 -15.08 2.71
N ASN A 73 11.39 -14.93 4.00
CA ASN A 73 12.73 -14.63 4.52
C ASN A 73 13.20 -15.72 5.48
N SER A 74 12.31 -16.12 6.39
CA SER A 74 12.63 -17.14 7.37
C SER A 74 12.22 -18.53 6.87
N ARG A 75 12.54 -19.56 7.64
CA ARG A 75 12.20 -20.93 7.27
C ARG A 75 10.83 -20.99 6.60
N ASP A 76 10.81 -21.55 5.39
CA ASP A 76 9.56 -21.68 4.64
C ASP A 76 8.68 -22.78 5.22
N THR A 77 7.38 -22.64 5.04
CA THR A 77 6.43 -23.63 5.54
C THR A 77 5.35 -23.94 4.51
N SER A 78 5.01 -25.22 4.37
CA SER A 78 4.01 -25.65 3.42
C SER A 78 2.84 -24.65 3.36
N GLY A 79 2.58 -24.13 2.18
CA GLY A 79 1.50 -23.16 2.02
C GLY A 79 1.58 -22.41 0.70
N PRO A 80 1.05 -23.03 -0.36
CA PRO A 80 1.06 -22.43 -1.70
C PRO A 80 0.12 -21.23 -1.81
N SER A 81 0.54 -20.22 -2.55
CA SER A 81 -0.26 -19.02 -2.73
C SER A 81 -1.55 -19.32 -3.47
N SER A 82 -2.61 -18.59 -3.13
CA SER A 82 -3.91 -18.79 -3.77
C SER A 82 -4.67 -17.48 -3.86
N GLY A 83 -5.72 -17.46 -4.68
CA GLY A 83 -6.53 -16.27 -4.84
C GLY A 83 -6.32 -15.62 -6.20
ZN ZN B . 0.15 -5.00 0.95
ZN ZN C . -11.12 3.90 2.06
N GLY A 1 18.71 5.52 -26.37
CA GLY A 1 18.74 6.40 -25.22
C GLY A 1 18.67 5.65 -23.90
N SER A 2 18.65 6.39 -22.81
CA SER A 2 18.59 5.79 -21.48
C SER A 2 18.19 6.81 -20.43
N SER A 3 17.19 6.48 -19.62
CA SER A 3 16.70 7.38 -18.59
C SER A 3 16.73 6.68 -17.23
N GLY A 4 16.78 7.48 -16.16
CA GLY A 4 16.80 6.93 -14.82
C GLY A 4 16.12 7.84 -13.81
N SER A 5 16.10 7.41 -12.55
CA SER A 5 15.47 8.19 -11.49
C SER A 5 16.26 8.07 -10.19
N SER A 6 16.10 9.05 -9.31
CA SER A 6 16.79 9.06 -8.03
C SER A 6 15.86 8.66 -6.90
N GLY A 7 14.68 9.29 -6.86
CA GLY A 7 13.71 8.99 -5.83
C GLY A 7 13.27 10.22 -5.07
N LYS A 8 12.79 10.03 -3.84
CA LYS A 8 12.33 11.13 -3.02
C LYS A 8 12.19 10.71 -1.56
N GLN A 9 11.96 11.68 -0.68
CA GLN A 9 11.81 11.40 0.74
C GLN A 9 10.44 10.80 1.04
N ALA A 10 10.43 9.53 1.45
CA ALA A 10 9.19 8.84 1.77
C ALA A 10 9.38 7.87 2.92
N LYS A 11 8.31 7.16 3.29
CA LYS A 11 8.36 6.20 4.38
C LYS A 11 7.35 5.09 4.18
N ILE A 12 7.67 3.90 4.67
CA ILE A 12 6.79 2.75 4.53
C ILE A 12 6.05 2.47 5.84
N HIS A 13 4.78 2.10 5.73
CA HIS A 13 3.95 1.81 6.90
C HIS A 13 3.81 0.30 7.09
N TYR A 14 4.43 -0.23 8.13
CA TYR A 14 4.36 -1.66 8.43
C TYR A 14 3.07 -2.01 9.14
N ILE A 15 1.94 -1.62 8.56
CA ILE A 15 0.63 -1.90 9.14
C ILE A 15 0.08 -3.23 8.64
N LYS A 16 -0.52 -3.99 9.55
CA LYS A 16 -1.10 -5.28 9.21
C LYS A 16 -0.13 -6.09 8.34
N ASN A 17 1.15 -5.80 8.47
CA ASN A 17 2.17 -6.50 7.69
C ASN A 17 2.17 -6.05 6.24
N HIS A 18 1.90 -4.76 6.03
CA HIS A 18 1.87 -4.19 4.69
C HIS A 18 3.02 -3.20 4.49
N GLU A 19 3.09 -2.63 3.29
CA GLU A 19 4.14 -1.67 2.97
C GLU A 19 3.56 -0.38 2.39
N PHE A 20 2.33 -0.08 2.80
CA PHE A 20 1.65 1.12 2.32
C PHE A 20 2.62 2.29 2.24
N ILE A 21 2.71 2.92 1.06
CA ILE A 21 3.58 4.06 0.86
C ILE A 21 2.81 5.28 0.40
N ALA A 22 3.04 6.41 1.06
CA ALA A 22 2.37 7.65 0.72
C ALA A 22 2.45 7.94 -0.78
N THR A 23 1.29 8.00 -1.43
CA THR A 23 1.23 8.25 -2.86
C THR A 23 0.00 9.07 -3.22
N PHE A 24 0.15 9.95 -4.21
CA PHE A 24 -0.96 10.80 -4.65
C PHE A 24 -1.74 10.12 -5.77
N PHE A 25 -3.05 10.02 -5.59
CA PHE A 25 -3.91 9.40 -6.59
C PHE A 25 -4.75 10.45 -7.32
N GLY A 26 -4.24 10.91 -8.45
CA GLY A 26 -4.96 11.92 -9.22
C GLY A 26 -6.26 11.38 -9.80
N GLN A 27 -6.52 10.10 -9.58
CA GLN A 27 -7.73 9.47 -10.09
C GLN A 27 -8.44 8.70 -8.98
N PRO A 28 -9.78 8.58 -9.11
CA PRO A 28 -10.60 7.87 -8.13
C PRO A 28 -10.35 6.36 -8.15
N THR A 29 -9.45 5.91 -7.29
CA THR A 29 -9.13 4.49 -7.20
C THR A 29 -10.09 3.75 -6.28
N PHE A 30 -10.37 2.49 -6.60
CA PHE A 30 -11.27 1.68 -5.80
C PHE A 30 -10.60 1.24 -4.50
N CYS A 31 -11.10 1.75 -3.37
CA CYS A 31 -10.55 1.41 -2.07
C CYS A 31 -10.78 -0.06 -1.76
N SER A 32 -10.01 -0.57 -0.78
CA SER A 32 -10.12 -1.98 -0.39
C SER A 32 -10.81 -2.10 0.97
N VAL A 33 -11.01 -0.96 1.63
CA VAL A 33 -11.66 -0.95 2.94
C VAL A 33 -13.09 -0.47 2.83
N CYS A 34 -13.27 0.74 2.32
CA CYS A 34 -14.60 1.32 2.16
C CYS A 34 -15.05 1.27 0.70
N LYS A 35 -14.14 0.88 -0.18
CA LYS A 35 -14.44 0.78 -1.60
C LYS A 35 -15.07 2.08 -2.11
N ASP A 36 -14.38 3.19 -1.88
CA ASP A 36 -14.87 4.49 -2.32
C ASP A 36 -14.04 5.01 -3.49
N PHE A 37 -14.33 6.24 -3.91
CA PHE A 37 -13.61 6.86 -5.02
C PHE A 37 -12.13 7.04 -4.68
N VAL A 38 -11.86 7.45 -3.45
CA VAL A 38 -10.49 7.67 -3.00
C VAL A 38 -9.83 8.79 -3.77
N TRP A 39 -10.51 9.94 -3.84
CA TRP A 39 -9.98 11.10 -4.55
C TRP A 39 -10.20 12.37 -3.75
N GLY A 40 -9.19 13.25 -3.75
CA GLY A 40 -9.29 14.50 -3.02
C GLY A 40 -8.37 15.57 -3.56
N LEU A 41 -8.93 16.70 -3.96
CA LEU A 41 -8.15 17.81 -4.51
C LEU A 41 -6.90 18.04 -3.67
N ASN A 42 -7.07 18.07 -2.34
CA ASN A 42 -5.96 18.29 -1.43
C ASN A 42 -5.93 17.21 -0.35
N LYS A 43 -6.16 15.97 -0.75
CA LYS A 43 -6.16 14.85 0.19
C LYS A 43 -5.58 13.60 -0.47
N GLN A 44 -4.49 13.10 0.10
CA GLN A 44 -3.85 11.90 -0.43
C GLN A 44 -4.21 10.67 0.41
N GLY A 45 -3.86 9.49 -0.11
CA GLY A 45 -4.16 8.26 0.60
C GLY A 45 -2.93 7.38 0.78
N TYR A 46 -3.11 6.08 0.67
CA TYR A 46 -2.02 5.13 0.83
C TYR A 46 -2.12 3.99 -0.17
N LYS A 47 -0.98 3.48 -0.61
CA LYS A 47 -0.95 2.39 -1.57
C LYS A 47 0.25 1.47 -1.31
N CYS A 48 -0.02 0.17 -1.26
CA CYS A 48 1.03 -0.82 -1.02
C CYS A 48 1.78 -1.14 -2.30
N ARG A 49 3.10 -0.96 -2.28
CA ARG A 49 3.94 -1.23 -3.44
C ARG A 49 4.19 -2.73 -3.59
N GLN A 50 3.46 -3.52 -2.82
CA GLN A 50 3.62 -4.98 -2.85
C GLN A 50 2.38 -5.63 -3.46
N CYS A 51 1.23 -5.38 -2.85
CA CYS A 51 -0.03 -5.95 -3.33
C CYS A 51 -0.78 -4.96 -4.19
N ASN A 52 -0.39 -3.69 -4.12
CA ASN A 52 -1.03 -2.64 -4.89
C ASN A 52 -2.44 -2.38 -4.38
N ALA A 53 -2.58 -2.17 -3.08
CA ALA A 53 -3.88 -1.92 -2.48
C ALA A 53 -3.99 -0.47 -2.00
N ALA A 54 -4.75 0.32 -2.75
CA ALA A 54 -4.94 1.73 -2.41
C ALA A 54 -6.07 1.90 -1.39
N ILE A 55 -5.83 2.74 -0.39
CA ILE A 55 -6.82 2.99 0.65
C ILE A 55 -6.73 4.42 1.17
N HIS A 56 -7.74 4.84 1.93
CA HIS A 56 -7.77 6.18 2.49
C HIS A 56 -6.85 6.27 3.71
N LYS A 57 -6.33 7.47 3.96
CA LYS A 57 -5.44 7.69 5.10
C LYS A 57 -6.09 7.22 6.40
N LYS A 58 -7.41 7.31 6.46
CA LYS A 58 -8.16 6.90 7.64
C LYS A 58 -8.51 5.42 7.58
N CYS A 59 -8.60 4.89 6.37
CA CYS A 59 -8.93 3.49 6.17
C CYS A 59 -7.77 2.60 6.61
N ILE A 60 -6.60 3.19 6.75
CA ILE A 60 -5.42 2.45 7.17
C ILE A 60 -5.59 1.89 8.58
N ASP A 61 -6.36 2.59 9.40
CA ASP A 61 -6.62 2.16 10.77
C ASP A 61 -7.84 1.26 10.84
N LYS A 62 -8.46 1.02 9.69
CA LYS A 62 -9.65 0.17 9.62
C LYS A 62 -9.28 -1.23 9.12
N ILE A 63 -8.39 -1.28 8.13
CA ILE A 63 -7.96 -2.57 7.57
C ILE A 63 -7.89 -3.64 8.64
N ILE A 64 -8.13 -4.89 8.24
CA ILE A 64 -8.09 -6.01 9.16
C ILE A 64 -7.22 -7.15 8.62
N GLY A 65 -7.33 -7.39 7.31
CA GLY A 65 -6.55 -8.44 6.69
C GLY A 65 -5.07 -8.14 6.69
N ARG A 66 -4.29 -9.05 6.11
CA ARG A 66 -2.84 -8.89 6.04
C ARG A 66 -2.37 -8.74 4.60
N CYS A 67 -1.06 -8.57 4.42
CA CYS A 67 -0.49 -8.43 3.09
C CYS A 67 -0.10 -9.79 2.51
N THR A 68 -0.36 -9.96 1.22
CA THR A 68 -0.04 -11.22 0.55
C THR A 68 1.33 -11.14 -0.13
N GLY A 69 1.67 -9.96 -0.61
CA GLY A 69 2.95 -9.78 -1.28
C GLY A 69 4.09 -9.54 -0.31
N THR A 70 4.26 -10.46 0.63
CA THR A 70 5.31 -10.34 1.63
C THR A 70 6.39 -11.40 1.42
N ALA A 71 7.55 -11.20 2.05
CA ALA A 71 8.65 -12.14 1.94
C ALA A 71 9.01 -12.74 3.30
N ALA A 72 8.48 -13.92 3.58
CA ALA A 72 8.75 -14.60 4.85
C ALA A 72 9.13 -16.06 4.62
N ASN A 73 8.21 -16.81 4.04
CA ASN A 73 8.44 -18.23 3.78
C ASN A 73 9.83 -18.45 3.19
N SER A 74 10.76 -18.92 4.02
CA SER A 74 12.13 -19.17 3.59
C SER A 74 12.92 -19.85 4.69
N ARG A 75 13.78 -20.80 4.30
CA ARG A 75 14.59 -21.54 5.25
C ARG A 75 15.22 -20.59 6.27
N ASP A 76 15.62 -21.14 7.41
CA ASP A 76 16.23 -20.36 8.47
C ASP A 76 17.20 -19.33 7.90
N THR A 77 17.37 -18.22 8.61
CA THR A 77 18.26 -17.16 8.17
C THR A 77 18.67 -16.27 9.33
N SER A 78 19.91 -15.79 9.30
CA SER A 78 20.43 -14.92 10.36
C SER A 78 19.80 -13.52 10.26
N GLY A 79 19.48 -12.96 11.42
CA GLY A 79 18.89 -11.64 11.46
C GLY A 79 17.91 -11.46 12.61
N PRO A 80 18.45 -11.47 13.84
CA PRO A 80 17.65 -11.32 15.06
C PRO A 80 17.08 -9.91 15.20
N SER A 81 16.27 -9.71 16.24
CA SER A 81 15.65 -8.41 16.48
C SER A 81 15.76 -8.04 17.96
N SER A 82 15.36 -6.81 18.29
CA SER A 82 15.41 -6.33 19.66
C SER A 82 14.58 -7.23 20.58
N GLY A 83 13.30 -7.36 20.26
CA GLY A 83 12.41 -8.18 21.07
C GLY A 83 12.50 -7.85 22.54
ZN ZN B . 0.29 -5.08 0.88
ZN ZN C . -11.34 3.75 1.96
N GLY A 1 5.14 6.68 -25.58
CA GLY A 1 5.70 7.79 -24.84
C GLY A 1 5.83 7.49 -23.35
N SER A 2 6.65 8.27 -22.66
CA SER A 2 6.87 8.09 -21.23
C SER A 2 7.36 9.37 -20.58
N SER A 3 7.19 9.47 -19.26
CA SER A 3 7.62 10.65 -18.53
C SER A 3 8.07 10.27 -17.11
N GLY A 4 9.30 10.64 -16.78
CA GLY A 4 9.83 10.35 -15.46
C GLY A 4 9.21 11.20 -14.37
N SER A 5 9.70 11.03 -13.15
CA SER A 5 9.19 11.80 -12.01
C SER A 5 10.13 11.68 -10.82
N SER A 6 10.37 12.81 -10.15
CA SER A 6 11.25 12.84 -8.99
C SER A 6 10.75 11.90 -7.90
N GLY A 7 11.51 11.81 -6.81
CA GLY A 7 11.12 10.94 -5.71
C GLY A 7 11.71 11.38 -4.39
N LYS A 8 11.12 12.41 -3.78
CA LYS A 8 11.59 12.93 -2.51
C LYS A 8 11.64 11.83 -1.46
N GLN A 9 12.10 12.19 -0.26
CA GLN A 9 12.18 11.23 0.84
C GLN A 9 10.80 10.74 1.26
N ALA A 10 10.65 9.43 1.38
CA ALA A 10 9.38 8.84 1.78
C ALA A 10 9.57 7.82 2.89
N LYS A 11 8.47 7.21 3.32
CA LYS A 11 8.52 6.21 4.39
C LYS A 11 7.48 5.12 4.14
N ILE A 12 7.78 3.91 4.62
CA ILE A 12 6.88 2.78 4.45
C ILE A 12 6.16 2.45 5.76
N HIS A 13 4.85 2.24 5.67
CA HIS A 13 4.05 1.92 6.84
C HIS A 13 3.87 0.42 6.99
N TYR A 14 4.60 -0.17 7.91
CA TYR A 14 4.52 -1.62 8.14
C TYR A 14 3.27 -1.98 8.93
N ILE A 15 2.12 -1.52 8.45
CA ILE A 15 0.85 -1.80 9.10
C ILE A 15 0.25 -3.12 8.62
N LYS A 16 -0.41 -3.83 9.54
CA LYS A 16 -1.04 -5.10 9.20
C LYS A 16 -0.13 -5.92 8.29
N ASN A 17 1.17 -5.78 8.48
CA ASN A 17 2.15 -6.51 7.66
C ASN A 17 2.07 -6.09 6.20
N HIS A 18 1.93 -4.79 5.98
CA HIS A 18 1.84 -4.25 4.63
C HIS A 18 2.97 -3.26 4.37
N GLU A 19 2.97 -2.65 3.19
CA GLU A 19 3.99 -1.70 2.81
C GLU A 19 3.37 -0.40 2.28
N PHE A 20 2.20 -0.07 2.80
CA PHE A 20 1.50 1.14 2.39
C PHE A 20 2.45 2.33 2.33
N ILE A 21 2.74 2.78 1.11
CA ILE A 21 3.64 3.90 0.90
C ILE A 21 2.88 5.15 0.45
N ALA A 22 3.06 6.25 1.19
CA ALA A 22 2.39 7.50 0.86
C ALA A 22 2.47 7.80 -0.63
N THR A 23 1.31 7.95 -1.26
CA THR A 23 1.25 8.24 -2.69
C THR A 23 0.06 9.12 -3.02
N PHE A 24 0.25 10.03 -3.97
CA PHE A 24 -0.81 10.94 -4.39
C PHE A 24 -1.53 10.42 -5.63
N PHE A 25 -2.80 10.08 -5.48
CA PHE A 25 -3.59 9.57 -6.60
C PHE A 25 -4.31 10.71 -7.33
N GLY A 26 -3.65 11.26 -8.34
CA GLY A 26 -4.23 12.34 -9.10
C GLY A 26 -5.61 12.01 -9.64
N GLN A 27 -5.88 10.72 -9.78
CA GLN A 27 -7.17 10.26 -10.28
C GLN A 27 -7.98 9.58 -9.19
N PRO A 28 -9.31 9.55 -9.36
CA PRO A 28 -10.21 8.94 -8.39
C PRO A 28 -10.09 7.42 -8.36
N THR A 29 -9.07 6.92 -7.67
CA THR A 29 -8.84 5.49 -7.56
C THR A 29 -9.85 4.83 -6.62
N PHE A 30 -9.89 3.50 -6.64
CA PHE A 30 -10.81 2.76 -5.80
C PHE A 30 -10.13 2.32 -4.50
N CYS A 31 -10.94 2.01 -3.49
CA CYS A 31 -10.41 1.57 -2.21
C CYS A 31 -10.77 0.11 -1.94
N SER A 32 -10.05 -0.50 -1.00
CA SER A 32 -10.29 -1.90 -0.64
C SER A 32 -11.05 -2.01 0.68
N VAL A 33 -10.64 -1.21 1.65
CA VAL A 33 -11.28 -1.21 2.96
C VAL A 33 -12.75 -0.82 2.86
N CYS A 34 -13.01 0.44 2.55
CA CYS A 34 -14.37 0.94 2.41
C CYS A 34 -14.87 0.77 0.98
N LYS A 35 -13.97 0.92 0.02
CA LYS A 35 -14.32 0.79 -1.39
C LYS A 35 -15.14 1.99 -1.87
N ASP A 36 -14.62 3.18 -1.63
CA ASP A 36 -15.31 4.41 -2.04
C ASP A 36 -14.35 5.36 -2.74
N PHE A 37 -14.80 5.93 -3.85
CA PHE A 37 -13.97 6.85 -4.62
C PHE A 37 -13.07 7.67 -3.70
N VAL A 38 -11.76 7.47 -3.83
CA VAL A 38 -10.79 8.19 -3.02
C VAL A 38 -10.57 9.61 -3.53
N TRP A 39 -11.67 10.29 -3.85
CA TRP A 39 -11.60 11.65 -4.35
C TRP A 39 -12.39 12.61 -3.46
N GLY A 40 -12.25 12.43 -2.15
CA GLY A 40 -12.95 13.29 -1.21
C GLY A 40 -12.07 14.34 -0.59
N LEU A 41 -12.08 14.43 0.73
CA LEU A 41 -11.27 15.40 1.45
C LEU A 41 -9.94 15.63 0.75
N ASN A 42 -9.11 14.59 0.72
CA ASN A 42 -7.80 14.67 0.06
C ASN A 42 -7.56 13.46 -0.83
N LYS A 43 -7.52 13.71 -2.14
CA LYS A 43 -7.29 12.63 -3.10
C LYS A 43 -6.16 11.71 -2.64
N GLN A 44 -5.12 12.29 -2.07
CA GLN A 44 -3.98 11.53 -1.58
C GLN A 44 -4.42 10.49 -0.55
N GLY A 45 -3.59 9.49 -0.34
CA GLY A 45 -3.91 8.44 0.62
C GLY A 45 -2.76 7.48 0.83
N TYR A 46 -3.06 6.18 0.75
CA TYR A 46 -2.03 5.15 0.94
C TYR A 46 -2.19 4.04 -0.08
N LYS A 47 -1.07 3.50 -0.54
CA LYS A 47 -1.07 2.43 -1.52
C LYS A 47 0.10 1.47 -1.30
N CYS A 48 -0.21 0.20 -1.17
CA CYS A 48 0.82 -0.82 -0.95
C CYS A 48 1.57 -1.13 -2.24
N ARG A 49 2.86 -0.85 -2.25
CA ARG A 49 3.69 -1.10 -3.43
C ARG A 49 4.01 -2.58 -3.57
N GLN A 50 3.36 -3.40 -2.75
CA GLN A 50 3.58 -4.85 -2.78
C GLN A 50 2.37 -5.56 -3.40
N CYS A 51 1.20 -5.35 -2.82
CA CYS A 51 -0.02 -5.97 -3.31
C CYS A 51 -0.86 -4.97 -4.11
N ASN A 52 -0.41 -3.72 -4.14
CA ASN A 52 -1.12 -2.67 -4.86
C ASN A 52 -2.51 -2.45 -4.27
N ALA A 53 -2.56 -2.20 -2.97
CA ALA A 53 -3.83 -1.97 -2.28
C ALA A 53 -3.96 -0.51 -1.87
N ALA A 54 -4.66 0.27 -2.69
CA ALA A 54 -4.87 1.68 -2.40
C ALA A 54 -6.08 1.89 -1.50
N ILE A 55 -5.89 2.66 -0.44
CA ILE A 55 -6.96 2.94 0.51
C ILE A 55 -6.88 4.37 1.04
N HIS A 56 -7.85 4.76 1.85
CA HIS A 56 -7.89 6.09 2.42
C HIS A 56 -6.98 6.20 3.63
N LYS A 57 -6.38 7.36 3.82
CA LYS A 57 -5.48 7.60 4.95
C LYS A 57 -6.13 7.19 6.26
N LYS A 58 -7.46 7.22 6.29
CA LYS A 58 -8.22 6.85 7.48
C LYS A 58 -8.58 5.37 7.45
N CYS A 59 -8.71 4.82 6.26
CA CYS A 59 -9.06 3.41 6.10
C CYS A 59 -7.92 2.51 6.56
N ILE A 60 -6.72 3.09 6.66
CA ILE A 60 -5.55 2.34 7.09
C ILE A 60 -5.73 1.77 8.49
N ASP A 61 -6.30 2.57 9.38
CA ASP A 61 -6.55 2.16 10.76
C ASP A 61 -7.74 1.21 10.83
N LYS A 62 -8.34 0.94 9.67
CA LYS A 62 -9.50 0.04 9.60
C LYS A 62 -9.09 -1.35 9.15
N ILE A 63 -8.11 -1.41 8.24
CA ILE A 63 -7.63 -2.68 7.72
C ILE A 63 -7.67 -3.76 8.80
N ILE A 64 -8.04 -4.97 8.40
CA ILE A 64 -8.11 -6.10 9.33
C ILE A 64 -7.27 -7.27 8.84
N GLY A 65 -7.38 -7.57 7.55
CA GLY A 65 -6.63 -8.68 6.98
C GLY A 65 -5.14 -8.40 6.98
N ARG A 66 -4.39 -9.24 6.25
CA ARG A 66 -2.95 -9.09 6.17
C ARG A 66 -2.50 -8.93 4.72
N CYS A 67 -1.21 -8.68 4.52
CA CYS A 67 -0.66 -8.50 3.18
C CYS A 67 -0.33 -9.84 2.55
N THR A 68 -0.60 -9.96 1.26
CA THR A 68 -0.34 -11.20 0.53
C THR A 68 1.02 -11.15 -0.16
N GLY A 69 1.37 -9.99 -0.71
CA GLY A 69 2.63 -9.83 -1.39
C GLY A 69 3.77 -9.52 -0.43
N THR A 70 3.99 -10.39 0.54
CA THR A 70 5.04 -10.19 1.53
C THR A 70 6.28 -11.02 1.19
N ALA A 71 7.45 -10.41 1.28
CA ALA A 71 8.70 -11.08 0.98
C ALA A 71 9.49 -11.35 2.25
N ALA A 72 10.58 -12.11 2.11
CA ALA A 72 11.43 -12.43 3.26
C ALA A 72 10.72 -13.39 4.21
N ASN A 73 10.02 -14.37 3.65
CA ASN A 73 9.31 -15.36 4.45
C ASN A 73 10.22 -15.98 5.50
N SER A 74 9.87 -15.80 6.78
CA SER A 74 10.66 -16.34 7.87
C SER A 74 9.76 -16.99 8.92
N ARG A 75 10.08 -18.23 9.27
CA ARG A 75 9.31 -18.96 10.26
C ARG A 75 9.14 -18.15 11.54
N ASP A 76 8.03 -18.36 12.23
CA ASP A 76 7.75 -17.65 13.47
C ASP A 76 8.91 -17.76 14.44
N THR A 77 8.81 -17.06 15.56
CA THR A 77 9.87 -17.09 16.58
C THR A 77 10.36 -18.50 16.83
N SER A 78 11.63 -18.75 16.49
CA SER A 78 12.23 -20.07 16.67
C SER A 78 13.61 -19.95 17.29
N GLY A 79 14.06 -21.02 17.95
CA GLY A 79 15.37 -21.01 18.57
C GLY A 79 16.00 -22.39 18.61
N PRO A 80 16.35 -22.91 17.42
CA PRO A 80 16.97 -24.24 17.29
C PRO A 80 18.39 -24.28 17.84
N SER A 81 18.95 -25.47 17.92
CA SER A 81 20.32 -25.63 18.42
C SER A 81 21.32 -24.89 17.56
N SER A 82 22.21 -24.13 18.21
CA SER A 82 23.21 -23.36 17.50
C SER A 82 24.08 -24.26 16.63
N GLY A 83 24.72 -23.67 15.63
CA GLY A 83 25.58 -24.44 14.74
C GLY A 83 26.81 -23.66 14.30
ZN ZN B . -0.02 -5.09 0.94
ZN ZN C . -11.37 3.60 1.97
N GLY A 1 17.76 5.85 -24.67
CA GLY A 1 18.03 5.68 -23.26
C GLY A 1 17.08 6.47 -22.38
N SER A 2 16.97 6.05 -21.12
CA SER A 2 16.08 6.71 -20.18
C SER A 2 16.86 7.65 -19.26
N SER A 3 16.17 8.66 -18.73
CA SER A 3 16.80 9.63 -17.84
C SER A 3 17.04 9.04 -16.46
N GLY A 4 15.95 8.66 -15.80
CA GLY A 4 16.05 8.08 -14.48
C GLY A 4 15.32 8.89 -13.42
N SER A 5 15.73 8.73 -12.16
CA SER A 5 15.11 9.44 -11.06
C SER A 5 16.16 9.98 -10.10
N SER A 6 15.77 10.93 -9.26
CA SER A 6 16.68 11.53 -8.30
C SER A 6 16.51 10.88 -6.92
N GLY A 7 15.26 10.78 -6.48
CA GLY A 7 14.99 10.17 -5.19
C GLY A 7 14.15 11.07 -4.29
N LYS A 8 12.87 10.73 -4.14
CA LYS A 8 11.96 11.51 -3.32
C LYS A 8 11.91 10.96 -1.90
N GLN A 9 11.61 11.83 -0.94
CA GLN A 9 11.53 11.42 0.46
C GLN A 9 10.17 10.79 0.76
N ALA A 10 10.19 9.74 1.57
CA ALA A 10 8.96 9.03 1.94
C ALA A 10 9.22 8.02 3.04
N LYS A 11 8.17 7.32 3.47
CA LYS A 11 8.28 6.31 4.51
C LYS A 11 7.33 5.15 4.25
N ILE A 12 7.68 3.98 4.77
CA ILE A 12 6.86 2.79 4.60
C ILE A 12 6.09 2.47 5.88
N HIS A 13 4.79 2.20 5.73
CA HIS A 13 3.94 1.87 6.88
C HIS A 13 3.79 0.36 7.02
N TYR A 14 4.43 -0.20 8.04
CA TYR A 14 4.37 -1.63 8.28
C TYR A 14 3.09 -2.00 9.02
N ILE A 15 1.97 -1.57 8.49
CA ILE A 15 0.67 -1.85 9.09
C ILE A 15 0.13 -3.20 8.62
N LYS A 16 -0.45 -3.95 9.54
CA LYS A 16 -1.01 -5.26 9.24
C LYS A 16 -0.04 -6.07 8.37
N ASN A 17 1.24 -5.77 8.48
CA ASN A 17 2.27 -6.47 7.71
C ASN A 17 2.23 -6.04 6.24
N HIS A 18 1.94 -4.76 6.01
CA HIS A 18 1.88 -4.21 4.67
C HIS A 18 3.01 -3.22 4.43
N GLU A 19 3.00 -2.59 3.25
CA GLU A 19 4.02 -1.61 2.90
C GLU A 19 3.39 -0.34 2.37
N PHE A 20 2.18 -0.03 2.84
CA PHE A 20 1.47 1.16 2.41
C PHE A 20 2.41 2.36 2.33
N ILE A 21 2.74 2.76 1.11
CA ILE A 21 3.64 3.89 0.90
C ILE A 21 2.86 5.11 0.41
N ALA A 22 3.04 6.23 1.12
CA ALA A 22 2.35 7.47 0.76
C ALA A 22 2.50 7.77 -0.72
N THR A 23 1.37 8.00 -1.39
CA THR A 23 1.38 8.29 -2.81
C THR A 23 0.29 9.29 -3.17
N PHE A 24 0.48 10.03 -4.27
CA PHE A 24 -0.49 11.01 -4.72
C PHE A 24 -1.22 10.53 -5.96
N PHE A 25 -2.32 9.82 -5.75
CA PHE A 25 -3.11 9.30 -6.86
C PHE A 25 -3.64 10.43 -7.74
N GLY A 26 -4.29 11.40 -7.09
CA GLY A 26 -4.84 12.52 -7.82
C GLY A 26 -6.19 12.22 -8.42
N GLN A 27 -6.38 10.97 -8.84
CA GLN A 27 -7.64 10.55 -9.44
C GLN A 27 -8.45 9.70 -8.47
N PRO A 28 -9.77 9.71 -8.63
CA PRO A 28 -10.69 8.95 -7.78
C PRO A 28 -10.59 7.45 -8.01
N THR A 29 -9.61 6.82 -7.37
CA THR A 29 -9.40 5.39 -7.51
C THR A 29 -10.33 4.60 -6.59
N PHE A 30 -10.23 3.27 -6.64
CA PHE A 30 -11.06 2.42 -5.81
C PHE A 30 -10.34 2.04 -4.51
N CYS A 31 -11.12 1.88 -3.45
CA CYS A 31 -10.55 1.52 -2.15
C CYS A 31 -10.90 0.08 -1.77
N SER A 32 -10.14 -0.48 -0.84
CA SER A 32 -10.37 -1.85 -0.40
C SER A 32 -11.09 -1.88 0.95
N VAL A 33 -10.65 -1.01 1.86
CA VAL A 33 -11.24 -0.92 3.19
C VAL A 33 -12.69 -0.44 3.12
N CYS A 34 -12.86 0.81 2.73
CA CYS A 34 -14.19 1.40 2.62
C CYS A 34 -14.74 1.25 1.20
N LYS A 35 -13.85 1.20 0.22
CA LYS A 35 -14.23 1.05 -1.17
C LYS A 35 -15.08 2.24 -1.63
N ASP A 36 -14.58 3.44 -1.39
CA ASP A 36 -15.29 4.66 -1.78
C ASP A 36 -14.40 5.55 -2.64
N PHE A 37 -15.01 6.23 -3.60
CA PHE A 37 -14.26 7.12 -4.49
C PHE A 37 -13.15 7.84 -3.75
N VAL A 38 -11.95 7.28 -3.80
CA VAL A 38 -10.80 7.87 -3.13
C VAL A 38 -10.43 9.21 -3.75
N TRP A 39 -11.17 10.24 -3.38
CA TRP A 39 -10.91 11.58 -3.91
C TRP A 39 -11.21 12.64 -2.85
N GLY A 40 -10.45 13.73 -2.86
CA GLY A 40 -10.66 14.79 -1.90
C GLY A 40 -9.86 16.04 -2.25
N LEU A 41 -10.33 17.19 -1.75
CA LEU A 41 -9.66 18.46 -2.01
C LEU A 41 -8.24 18.46 -1.44
N ASN A 42 -7.27 18.21 -2.30
CA ASN A 42 -5.87 18.18 -1.89
C ASN A 42 -5.66 17.17 -0.76
N LYS A 43 -6.25 15.99 -0.92
CA LYS A 43 -6.13 14.93 0.08
C LYS A 43 -5.57 13.66 -0.54
N GLN A 44 -4.47 13.16 0.04
CA GLN A 44 -3.83 11.96 -0.46
C GLN A 44 -4.26 10.74 0.34
N GLY A 45 -3.78 9.57 -0.06
CA GLY A 45 -4.14 8.35 0.65
C GLY A 45 -2.94 7.44 0.85
N TYR A 46 -3.16 6.13 0.67
CA TYR A 46 -2.09 5.16 0.85
C TYR A 46 -2.20 4.04 -0.20
N LYS A 47 -1.06 3.51 -0.61
CA LYS A 47 -1.02 2.44 -1.60
C LYS A 47 0.14 1.49 -1.32
N CYS A 48 -0.18 0.21 -1.15
CA CYS A 48 0.83 -0.81 -0.88
C CYS A 48 1.62 -1.13 -2.14
N ARG A 49 2.94 -0.95 -2.06
CA ARG A 49 3.82 -1.22 -3.20
C ARG A 49 4.14 -2.71 -3.29
N GLN A 50 3.34 -3.53 -2.61
CA GLN A 50 3.55 -4.97 -2.62
C GLN A 50 2.37 -5.69 -3.27
N CYS A 51 1.17 -5.42 -2.76
CA CYS A 51 -0.04 -6.05 -3.29
C CYS A 51 -0.83 -5.05 -4.14
N ASN A 52 -0.48 -3.76 -4.01
CA ASN A 52 -1.16 -2.71 -4.76
C ASN A 52 -2.55 -2.45 -4.18
N ALA A 53 -2.61 -2.20 -2.88
CA ALA A 53 -3.87 -1.93 -2.21
C ALA A 53 -4.02 -0.44 -1.90
N ALA A 54 -4.80 0.25 -2.71
CA ALA A 54 -5.02 1.69 -2.53
C ALA A 54 -6.19 1.93 -1.57
N ILE A 55 -5.92 2.67 -0.50
CA ILE A 55 -6.94 2.98 0.49
C ILE A 55 -6.80 4.41 0.99
N HIS A 56 -7.72 4.82 1.87
CA HIS A 56 -7.69 6.16 2.43
C HIS A 56 -6.75 6.23 3.64
N LYS A 57 -6.24 7.42 3.92
CA LYS A 57 -5.34 7.62 5.04
C LYS A 57 -5.99 7.19 6.35
N LYS A 58 -7.31 7.28 6.41
CA LYS A 58 -8.05 6.91 7.60
C LYS A 58 -8.46 5.44 7.55
N CYS A 59 -8.54 4.90 6.34
CA CYS A 59 -8.92 3.50 6.14
C CYS A 59 -7.80 2.57 6.58
N ILE A 60 -6.58 3.11 6.67
CA ILE A 60 -5.42 2.33 7.08
C ILE A 60 -5.60 1.76 8.49
N ASP A 61 -6.21 2.57 9.35
CA ASP A 61 -6.45 2.15 10.73
C ASP A 61 -7.69 1.27 10.83
N LYS A 62 -8.34 1.05 9.69
CA LYS A 62 -9.55 0.22 9.65
C LYS A 62 -9.30 -1.04 8.83
N ILE A 63 -8.03 -1.31 8.53
CA ILE A 63 -7.67 -2.49 7.76
C ILE A 63 -7.79 -3.75 8.60
N ILE A 64 -8.21 -4.85 7.96
CA ILE A 64 -8.37 -6.12 8.65
C ILE A 64 -7.87 -7.28 7.78
N GLY A 65 -6.72 -7.84 8.16
CA GLY A 65 -6.17 -8.95 7.41
C GLY A 65 -4.66 -8.87 7.31
N ARG A 66 -4.10 -9.59 6.34
CA ARG A 66 -2.66 -9.60 6.13
C ARG A 66 -2.30 -9.29 4.68
N CYS A 67 -1.08 -8.83 4.46
CA CYS A 67 -0.62 -8.49 3.12
C CYS A 67 -0.29 -9.76 2.31
N THR A 68 -0.66 -9.74 1.04
CA THR A 68 -0.41 -10.89 0.16
C THR A 68 0.92 -10.74 -0.56
N GLY A 69 1.40 -9.51 -0.68
CA GLY A 69 2.67 -9.25 -1.34
C GLY A 69 3.86 -9.79 -0.56
N THR A 70 3.79 -9.68 0.76
CA THR A 70 4.86 -10.15 1.62
C THR A 70 4.82 -11.67 1.78
N ALA A 71 5.69 -12.36 1.04
CA ALA A 71 5.75 -13.81 1.09
C ALA A 71 6.55 -14.28 2.30
N ALA A 72 6.23 -15.48 2.79
CA ALA A 72 6.92 -16.04 3.94
C ALA A 72 8.43 -15.94 3.79
N ASN A 73 9.10 -15.54 4.86
CA ASN A 73 10.55 -15.40 4.85
C ASN A 73 11.20 -16.37 5.83
N SER A 74 12.53 -16.28 5.95
CA SER A 74 13.27 -17.15 6.85
C SER A 74 12.59 -17.24 8.22
N ARG A 75 12.08 -18.42 8.54
CA ARG A 75 11.40 -18.62 9.81
C ARG A 75 12.17 -19.63 10.68
N ASP A 76 11.66 -19.89 11.88
CA ASP A 76 12.30 -20.82 12.80
C ASP A 76 12.44 -22.19 12.15
N THR A 77 13.08 -23.11 12.88
CA THR A 77 13.28 -24.46 12.38
C THR A 77 12.05 -24.97 11.64
N SER A 78 12.15 -25.01 10.31
CA SER A 78 11.04 -25.48 9.48
C SER A 78 10.66 -26.91 9.83
N GLY A 79 9.42 -27.28 9.54
CA GLY A 79 8.94 -28.61 9.83
C GLY A 79 7.67 -28.96 9.08
N PRO A 80 7.77 -29.00 7.74
CA PRO A 80 6.61 -29.31 6.88
C PRO A 80 6.20 -30.77 7.00
N SER A 81 4.97 -31.07 6.54
CA SER A 81 4.45 -32.43 6.61
C SER A 81 4.37 -33.03 5.21
N SER A 82 5.41 -32.80 4.41
CA SER A 82 5.45 -33.33 3.04
C SER A 82 6.61 -34.30 2.87
N GLY A 83 6.64 -34.98 1.74
CA GLY A 83 7.70 -35.94 1.47
C GLY A 83 8.89 -35.31 0.76
ZN ZN B . -0.01 -5.16 0.89
ZN ZN C . -11.19 3.78 1.91
N GLY A 1 35.19 17.77 -9.87
CA GLY A 1 34.67 16.44 -9.56
C GLY A 1 33.16 16.40 -9.54
N SER A 2 32.61 15.29 -9.05
CA SER A 2 31.16 15.11 -8.98
C SER A 2 30.55 16.14 -8.03
N SER A 3 29.22 16.22 -8.04
CA SER A 3 28.50 17.16 -7.18
C SER A 3 27.83 16.42 -6.03
N GLY A 4 27.16 15.32 -6.34
CA GLY A 4 26.49 14.54 -5.31
C GLY A 4 25.85 13.28 -5.85
N SER A 5 25.58 12.33 -4.97
CA SER A 5 24.97 11.06 -5.37
C SER A 5 23.49 11.02 -4.99
N SER A 6 22.68 10.44 -5.88
CA SER A 6 21.25 10.34 -5.63
C SER A 6 20.92 9.09 -4.82
N GLY A 7 20.32 9.29 -3.65
CA GLY A 7 19.96 8.18 -2.79
C GLY A 7 18.48 7.90 -2.79
N LYS A 8 18.11 6.65 -2.52
CA LYS A 8 16.71 6.25 -2.49
C LYS A 8 16.15 6.34 -1.07
N GLN A 9 15.46 7.44 -0.78
CA GLN A 9 14.87 7.64 0.55
C GLN A 9 13.35 7.68 0.47
N ALA A 10 12.70 7.02 1.42
CA ALA A 10 11.24 6.98 1.46
C ALA A 10 10.74 6.47 2.80
N LYS A 11 9.43 6.53 3.01
CA LYS A 11 8.82 6.07 4.25
C LYS A 11 7.76 5.01 3.98
N ILE A 12 7.86 3.89 4.69
CA ILE A 12 6.91 2.80 4.52
C ILE A 12 6.15 2.54 5.82
N HIS A 13 4.87 2.20 5.70
CA HIS A 13 4.03 1.92 6.85
C HIS A 13 3.83 0.42 7.02
N TYR A 14 4.55 -0.17 7.97
CA TYR A 14 4.45 -1.60 8.23
C TYR A 14 3.17 -1.92 9.00
N ILE A 15 2.03 -1.49 8.46
CA ILE A 15 0.74 -1.74 9.10
C ILE A 15 0.14 -3.05 8.62
N LYS A 16 -0.45 -3.80 9.55
CA LYS A 16 -1.07 -5.08 9.21
C LYS A 16 -0.17 -5.91 8.31
N ASN A 17 1.13 -5.69 8.43
CA ASN A 17 2.11 -6.43 7.61
C ASN A 17 2.07 -5.96 6.17
N HIS A 18 1.81 -4.67 5.97
CA HIS A 18 1.75 -4.10 4.63
C HIS A 18 2.89 -3.11 4.40
N GLU A 19 2.96 -2.57 3.20
CA GLU A 19 4.01 -1.60 2.85
C GLU A 19 3.40 -0.32 2.31
N PHE A 20 2.20 0.00 2.76
CA PHE A 20 1.50 1.21 2.31
C PHE A 20 2.47 2.38 2.24
N ILE A 21 2.78 2.81 1.02
CA ILE A 21 3.68 3.93 0.81
C ILE A 21 2.94 5.16 0.31
N ALA A 22 3.09 6.26 1.03
CA ALA A 22 2.42 7.51 0.67
C ALA A 22 2.48 7.74 -0.84
N THR A 23 1.31 7.89 -1.45
CA THR A 23 1.21 8.12 -2.88
C THR A 23 0.02 9.01 -3.23
N PHE A 24 0.19 9.82 -4.27
CA PHE A 24 -0.88 10.72 -4.71
C PHE A 24 -1.65 10.12 -5.87
N PHE A 25 -2.95 9.93 -5.68
CA PHE A 25 -3.80 9.37 -6.71
C PHE A 25 -4.57 10.47 -7.45
N GLY A 26 -3.93 11.06 -8.45
CA GLY A 26 -4.56 12.12 -9.22
C GLY A 26 -5.98 11.77 -9.64
N GLN A 27 -6.27 10.47 -9.67
CA GLN A 27 -7.60 10.02 -10.05
C GLN A 27 -8.28 9.29 -8.90
N PRO A 28 -9.63 9.32 -8.89
CA PRO A 28 -10.44 8.68 -7.85
C PRO A 28 -10.37 7.15 -7.92
N THR A 29 -9.29 6.59 -7.38
CA THR A 29 -9.10 5.14 -7.38
C THR A 29 -10.16 4.45 -6.53
N PHE A 30 -10.31 3.15 -6.72
CA PHE A 30 -11.28 2.37 -5.96
C PHE A 30 -10.65 1.81 -4.68
N CYS A 31 -11.06 2.37 -3.54
CA CYS A 31 -10.55 1.94 -2.25
C CYS A 31 -10.93 0.49 -1.97
N SER A 32 -10.23 -0.14 -1.03
CA SER A 32 -10.50 -1.52 -0.67
C SER A 32 -11.27 -1.60 0.66
N VAL A 33 -10.86 -0.77 1.61
CA VAL A 33 -11.52 -0.75 2.92
C VAL A 33 -12.97 -0.29 2.80
N CYS A 34 -13.16 0.98 2.49
CA CYS A 34 -14.51 1.54 2.36
C CYS A 34 -14.99 1.42 0.91
N LYS A 35 -14.06 1.46 -0.03
CA LYS A 35 -14.39 1.36 -1.45
C LYS A 35 -15.18 2.58 -1.91
N ASP A 36 -14.65 3.77 -1.63
CA ASP A 36 -15.30 5.01 -2.03
C ASP A 36 -14.36 5.86 -2.87
N PHE A 37 -14.91 6.45 -3.93
CA PHE A 37 -14.12 7.29 -4.83
C PHE A 37 -13.05 8.06 -4.05
N VAL A 38 -11.81 7.56 -4.10
CA VAL A 38 -10.71 8.20 -3.40
C VAL A 38 -10.29 9.49 -4.10
N TRP A 39 -11.04 10.55 -3.86
CA TRP A 39 -10.74 11.85 -4.47
C TRP A 39 -11.40 12.98 -3.67
N GLY A 40 -10.69 14.10 -3.57
CA GLY A 40 -11.22 15.24 -2.84
C GLY A 40 -10.28 15.71 -1.75
N LEU A 41 -10.01 14.84 -0.78
CA LEU A 41 -9.12 15.17 0.32
C LEU A 41 -7.70 15.40 -0.17
N ASN A 42 -7.30 16.67 -0.26
CA ASN A 42 -5.97 17.02 -0.72
C ASN A 42 -4.94 16.01 -0.23
N LYS A 43 -4.80 15.89 1.08
CA LYS A 43 -3.84 14.96 1.68
C LYS A 43 -3.88 13.62 0.95
N GLN A 44 -2.78 13.31 0.26
CA GLN A 44 -2.67 12.05 -0.47
C GLN A 44 -3.17 10.88 0.37
N GLY A 45 -3.31 9.72 -0.27
CA GLY A 45 -3.77 8.54 0.44
C GLY A 45 -2.65 7.55 0.70
N TYR A 46 -2.99 6.26 0.66
CA TYR A 46 -2.01 5.21 0.91
C TYR A 46 -2.17 4.07 -0.10
N LYS A 47 -1.04 3.53 -0.55
CA LYS A 47 -1.05 2.44 -1.52
C LYS A 47 0.11 1.48 -1.27
N CYS A 48 -0.22 0.21 -1.04
CA CYS A 48 0.81 -0.81 -0.78
C CYS A 48 1.58 -1.13 -2.07
N ARG A 49 2.88 -0.89 -2.04
CA ARG A 49 3.74 -1.15 -3.19
C ARG A 49 4.09 -2.64 -3.28
N GLN A 50 3.36 -3.46 -2.52
CA GLN A 50 3.60 -4.89 -2.52
C GLN A 50 2.44 -5.65 -3.15
N CYS A 51 1.23 -5.37 -2.67
CA CYS A 51 0.03 -6.01 -3.19
C CYS A 51 -0.79 -5.05 -4.04
N ASN A 52 -0.47 -3.77 -3.94
CA ASN A 52 -1.17 -2.74 -4.71
C ASN A 52 -2.56 -2.49 -4.14
N ALA A 53 -2.62 -2.19 -2.84
CA ALA A 53 -3.89 -1.92 -2.18
C ALA A 53 -4.01 -0.45 -1.78
N ALA A 54 -4.71 0.32 -2.60
CA ALA A 54 -4.90 1.74 -2.34
C ALA A 54 -6.08 1.97 -1.41
N ILE A 55 -5.84 2.70 -0.32
CA ILE A 55 -6.88 2.99 0.66
C ILE A 55 -6.76 4.42 1.18
N HIS A 56 -7.69 4.81 2.05
CA HIS A 56 -7.69 6.14 2.63
C HIS A 56 -6.78 6.21 3.84
N LYS A 57 -6.28 7.40 4.14
CA LYS A 57 -5.39 7.59 5.29
C LYS A 57 -6.08 7.14 6.57
N LYS A 58 -7.41 7.14 6.58
CA LYS A 58 -8.17 6.71 7.74
C LYS A 58 -8.55 5.24 7.64
N CYS A 59 -8.69 4.75 6.42
CA CYS A 59 -9.05 3.35 6.20
C CYS A 59 -7.91 2.43 6.62
N ILE A 60 -6.72 3.00 6.79
CA ILE A 60 -5.55 2.23 7.20
C ILE A 60 -5.76 1.59 8.56
N ASP A 61 -6.46 2.32 9.44
CA ASP A 61 -6.73 1.82 10.79
C ASP A 61 -7.96 0.92 10.80
N LYS A 62 -8.52 0.68 9.62
CA LYS A 62 -9.71 -0.17 9.49
C LYS A 62 -9.36 -1.50 8.82
N ILE A 63 -8.37 -1.48 7.94
CA ILE A 63 -7.93 -2.68 7.25
C ILE A 63 -8.07 -3.91 8.14
N ILE A 64 -8.52 -5.01 7.55
CA ILE A 64 -8.68 -6.26 8.29
C ILE A 64 -7.90 -7.40 7.66
N GLY A 65 -6.90 -7.90 8.39
CA GLY A 65 -6.08 -8.98 7.87
C GLY A 65 -4.66 -8.54 7.57
N ARG A 66 -3.83 -9.50 7.16
CA ARG A 66 -2.43 -9.21 6.85
C ARG A 66 -2.26 -8.97 5.35
N CYS A 67 -1.03 -8.66 4.95
CA CYS A 67 -0.72 -8.40 3.54
C CYS A 67 -0.55 -9.71 2.78
N THR A 68 -0.86 -9.69 1.48
CA THR A 68 -0.73 -10.86 0.64
C THR A 68 0.15 -10.59 -0.57
N GLY A 69 1.07 -9.64 -0.42
CA GLY A 69 1.97 -9.29 -1.50
C GLY A 69 3.43 -9.52 -1.16
N THR A 70 3.72 -10.71 -0.63
CA THR A 70 5.09 -11.06 -0.26
C THR A 70 5.31 -12.57 -0.30
N ALA A 71 6.57 -12.97 -0.42
CA ALA A 71 6.92 -14.38 -0.47
C ALA A 71 6.91 -15.00 0.91
N ALA A 72 5.82 -14.80 1.65
CA ALA A 72 5.69 -15.34 2.99
C ALA A 72 5.87 -16.86 2.99
N ASN A 73 5.19 -17.55 2.07
CA ASN A 73 5.28 -18.99 1.97
C ASN A 73 6.73 -19.45 2.10
N SER A 74 6.92 -20.75 2.28
CA SER A 74 8.26 -21.32 2.42
C SER A 74 9.26 -20.57 1.55
N ARG A 75 8.93 -20.43 0.28
CA ARG A 75 9.80 -19.72 -0.66
C ARG A 75 10.46 -18.52 0.00
N ASP A 76 11.70 -18.22 -0.42
CA ASP A 76 12.43 -17.09 0.14
C ASP A 76 12.48 -17.17 1.66
N THR A 77 12.69 -18.37 2.18
CA THR A 77 12.76 -18.58 3.62
C THR A 77 13.42 -17.40 4.32
N SER A 78 13.07 -17.19 5.58
CA SER A 78 13.62 -16.09 6.36
C SER A 78 13.45 -16.33 7.85
N GLY A 79 14.20 -15.59 8.66
CA GLY A 79 14.11 -15.75 10.10
C GLY A 79 14.58 -14.51 10.85
N PRO A 80 13.88 -13.40 10.66
CA PRO A 80 14.22 -12.13 11.30
C PRO A 80 13.96 -12.15 12.81
N SER A 81 14.52 -11.18 13.53
CA SER A 81 14.34 -11.10 14.96
C SER A 81 12.87 -11.05 15.34
N SER A 82 12.30 -12.21 15.66
CA SER A 82 10.90 -12.31 16.04
C SER A 82 10.76 -12.67 17.51
N GLY A 83 9.51 -12.71 17.98
CA GLY A 83 9.25 -13.05 19.37
C GLY A 83 8.61 -14.41 19.52
ZN ZN B . -0.03 -5.11 1.04
ZN ZN C . -11.32 3.85 1.98
N GLY A 1 20.62 7.05 -23.74
CA GLY A 1 20.73 8.10 -22.75
C GLY A 1 20.25 7.66 -21.38
N SER A 2 19.99 8.62 -20.49
CA SER A 2 19.54 8.32 -19.15
C SER A 2 18.59 9.40 -18.64
N SER A 3 17.73 9.03 -17.70
CA SER A 3 16.76 9.97 -17.12
C SER A 3 17.05 10.21 -15.65
N GLY A 4 16.30 11.13 -15.06
CA GLY A 4 16.49 11.45 -13.65
C GLY A 4 15.17 11.57 -12.90
N SER A 5 15.24 11.61 -11.58
CA SER A 5 14.05 11.73 -10.75
C SER A 5 14.38 12.39 -9.41
N SER A 6 13.49 13.27 -8.97
CA SER A 6 13.68 13.98 -7.71
C SER A 6 13.86 13.00 -6.55
N GLY A 7 14.34 13.51 -5.42
CA GLY A 7 14.56 12.66 -4.26
C GLY A 7 13.67 13.05 -3.09
N LYS A 8 12.37 13.16 -3.34
CA LYS A 8 11.42 13.53 -2.31
C LYS A 8 11.44 12.51 -1.17
N GLN A 9 11.13 12.99 0.03
CA GLN A 9 11.11 12.11 1.21
C GLN A 9 9.96 11.12 1.12
N ALA A 10 10.12 9.99 1.82
CA ALA A 10 9.09 8.96 1.82
C ALA A 10 9.36 7.92 2.91
N LYS A 11 8.32 7.20 3.30
CA LYS A 11 8.44 6.17 4.35
C LYS A 11 7.45 5.05 4.11
N ILE A 12 7.75 3.87 4.65
CA ILE A 12 6.88 2.71 4.51
C ILE A 12 6.13 2.42 5.81
N HIS A 13 4.84 2.16 5.69
CA HIS A 13 4.02 1.85 6.85
C HIS A 13 3.83 0.35 7.02
N TYR A 14 4.57 -0.23 7.96
CA TYR A 14 4.49 -1.67 8.22
C TYR A 14 3.23 -2.02 9.01
N ILE A 15 2.09 -1.57 8.50
CA ILE A 15 0.80 -1.84 9.15
C ILE A 15 0.22 -3.17 8.69
N LYS A 16 -0.35 -3.91 9.64
CA LYS A 16 -0.94 -5.21 9.34
C LYS A 16 -0.03 -6.04 8.44
N ASN A 17 1.27 -5.77 8.51
CA ASN A 17 2.26 -6.49 7.71
C ASN A 17 2.21 -6.03 6.26
N HIS A 18 1.95 -4.74 6.06
CA HIS A 18 1.87 -4.17 4.72
C HIS A 18 3.03 -3.19 4.48
N GLU A 19 3.02 -2.55 3.32
CA GLU A 19 4.07 -1.60 2.97
C GLU A 19 3.47 -0.31 2.39
N PHE A 20 2.23 -0.02 2.79
CA PHE A 20 1.55 1.18 2.33
C PHE A 20 2.50 2.36 2.26
N ILE A 21 2.76 2.84 1.04
CA ILE A 21 3.66 3.97 0.85
C ILE A 21 2.90 5.21 0.41
N ALA A 22 3.10 6.32 1.12
CA ALA A 22 2.44 7.57 0.81
C ALA A 22 2.54 7.89 -0.67
N THR A 23 1.39 7.89 -1.35
CA THR A 23 1.34 8.18 -2.78
C THR A 23 0.14 9.04 -3.13
N PHE A 24 0.27 9.86 -4.17
CA PHE A 24 -0.80 10.73 -4.61
C PHE A 24 -1.56 10.12 -5.78
N PHE A 25 -2.89 10.16 -5.71
CA PHE A 25 -3.72 9.60 -6.76
C PHE A 25 -4.54 10.69 -7.44
N GLY A 26 -3.99 11.28 -8.49
CA GLY A 26 -4.68 12.34 -9.20
C GLY A 26 -6.01 11.88 -9.78
N GLN A 27 -6.25 10.56 -9.71
CA GLN A 27 -7.49 10.00 -10.24
C GLN A 27 -8.26 9.27 -9.14
N PRO A 28 -9.59 9.21 -9.28
CA PRO A 28 -10.47 8.54 -8.31
C PRO A 28 -10.29 7.02 -8.33
N THR A 29 -9.27 6.54 -7.62
CA THR A 29 -9.00 5.11 -7.55
C THR A 29 -10.01 4.40 -6.65
N PHE A 30 -10.12 3.09 -6.82
CA PHE A 30 -11.06 2.29 -6.03
C PHE A 30 -10.40 1.83 -4.73
N CYS A 31 -11.09 2.05 -3.61
CA CYS A 31 -10.57 1.65 -2.30
C CYS A 31 -10.88 0.18 -2.03
N SER A 32 -10.19 -0.37 -1.03
CA SER A 32 -10.38 -1.78 -0.66
C SER A 32 -11.14 -1.89 0.66
N VAL A 33 -10.85 -0.98 1.58
CA VAL A 33 -11.50 -0.98 2.88
C VAL A 33 -12.95 -0.51 2.77
N CYS A 34 -13.13 0.73 2.35
CA CYS A 34 -14.47 1.31 2.20
C CYS A 34 -14.97 1.14 0.77
N LYS A 35 -14.04 1.05 -0.17
CA LYS A 35 -14.38 0.89 -1.58
C LYS A 35 -15.12 2.12 -2.10
N ASP A 36 -14.62 3.30 -1.74
CA ASP A 36 -15.22 4.55 -2.18
C ASP A 36 -14.24 5.37 -3.00
N PHE A 37 -14.73 5.96 -4.09
CA PHE A 37 -13.89 6.77 -4.97
C PHE A 37 -12.84 7.53 -4.17
N VAL A 38 -11.61 7.02 -4.18
CA VAL A 38 -10.52 7.64 -3.46
C VAL A 38 -10.05 8.91 -4.14
N TRP A 39 -10.88 9.95 -4.09
CA TRP A 39 -10.56 11.23 -4.71
C TRP A 39 -10.86 12.39 -3.77
N GLY A 40 -10.00 13.40 -3.80
CA GLY A 40 -10.19 14.56 -2.94
C GLY A 40 -8.91 15.34 -2.73
N LEU A 41 -9.03 16.66 -2.64
CA LEU A 41 -7.87 17.52 -2.44
C LEU A 41 -7.66 17.82 -0.95
N ASN A 42 -7.65 16.75 -0.14
CA ASN A 42 -7.46 16.89 1.30
C ASN A 42 -6.05 16.47 1.69
N LYS A 43 -5.70 15.23 1.38
CA LYS A 43 -4.38 14.70 1.71
C LYS A 43 -4.16 13.34 1.06
N GLN A 44 -3.04 13.19 0.36
CA GLN A 44 -2.72 11.94 -0.31
C GLN A 44 -3.14 10.74 0.53
N GLY A 45 -3.52 9.66 -0.13
CA GLY A 45 -3.94 8.46 0.58
C GLY A 45 -2.78 7.49 0.80
N TYR A 46 -3.06 6.21 0.60
CA TYR A 46 -2.03 5.18 0.80
C TYR A 46 -2.20 4.05 -0.22
N LYS A 47 -1.08 3.53 -0.70
CA LYS A 47 -1.10 2.44 -1.68
C LYS A 47 0.07 1.48 -1.46
N CYS A 48 -0.24 0.24 -1.14
CA CYS A 48 0.78 -0.77 -0.90
C CYS A 48 1.50 -1.13 -2.21
N ARG A 49 2.77 -0.76 -2.29
CA ARG A 49 3.57 -1.04 -3.48
C ARG A 49 3.85 -2.53 -3.61
N GLN A 50 3.34 -3.31 -2.65
CA GLN A 50 3.54 -4.75 -2.66
C GLN A 50 2.31 -5.46 -3.25
N CYS A 51 1.17 -5.28 -2.61
CA CYS A 51 -0.07 -5.91 -3.07
C CYS A 51 -0.88 -4.93 -3.93
N ASN A 52 -0.37 -3.72 -4.07
CA ASN A 52 -1.06 -2.69 -4.87
C ASN A 52 -2.47 -2.45 -4.34
N ALA A 53 -2.57 -2.15 -3.05
CA ALA A 53 -3.87 -1.89 -2.43
C ALA A 53 -3.99 -0.43 -2.02
N ALA A 54 -4.79 0.33 -2.76
CA ALA A 54 -5.00 1.73 -2.48
C ALA A 54 -6.16 1.93 -1.50
N ILE A 55 -5.89 2.66 -0.43
CA ILE A 55 -6.91 2.93 0.59
C ILE A 55 -6.82 4.36 1.09
N HIS A 56 -7.81 4.77 1.89
CA HIS A 56 -7.85 6.11 2.43
C HIS A 56 -6.95 6.22 3.66
N LYS A 57 -6.31 7.38 3.82
CA LYS A 57 -5.42 7.61 4.95
C LYS A 57 -6.09 7.20 6.27
N LYS A 58 -7.42 7.23 6.28
CA LYS A 58 -8.18 6.86 7.46
C LYS A 58 -8.54 5.37 7.44
N CYS A 59 -8.67 4.82 6.24
CA CYS A 59 -9.01 3.41 6.07
C CYS A 59 -7.87 2.52 6.54
N ILE A 60 -6.71 3.13 6.78
CA ILE A 60 -5.54 2.38 7.23
C ILE A 60 -5.78 1.75 8.59
N ASP A 61 -6.44 2.49 9.48
CA ASP A 61 -6.75 2.00 10.81
C ASP A 61 -8.02 1.15 10.81
N LYS A 62 -8.56 0.92 9.62
CA LYS A 62 -9.77 0.11 9.47
C LYS A 62 -9.45 -1.26 8.88
N ILE A 63 -8.28 -1.37 8.26
CA ILE A 63 -7.86 -2.62 7.65
C ILE A 63 -7.89 -3.76 8.66
N ILE A 64 -8.23 -4.96 8.19
CA ILE A 64 -8.30 -6.13 9.05
C ILE A 64 -7.73 -7.36 8.35
N GLY A 65 -6.52 -7.76 8.76
CA GLY A 65 -5.89 -8.92 8.16
C GLY A 65 -4.40 -8.72 7.97
N ARG A 66 -3.87 -9.31 6.90
CA ARG A 66 -2.44 -9.20 6.60
C ARG A 66 -2.22 -8.93 5.12
N CYS A 67 -0.96 -8.67 4.75
CA CYS A 67 -0.61 -8.39 3.37
C CYS A 67 -0.37 -9.68 2.59
N THR A 68 -1.03 -9.81 1.43
CA THR A 68 -0.89 -10.99 0.60
C THR A 68 0.32 -10.88 -0.32
N GLY A 69 0.87 -9.67 -0.44
CA GLY A 69 2.02 -9.45 -1.28
C GLY A 69 3.32 -9.40 -0.49
N THR A 70 3.59 -10.46 0.26
CA THR A 70 4.81 -10.53 1.06
C THR A 70 5.75 -11.61 0.55
N ALA A 71 6.54 -11.27 -0.45
CA ALA A 71 7.49 -12.22 -1.03
C ALA A 71 8.47 -12.72 0.03
N ALA A 72 8.36 -14.01 0.35
CA ALA A 72 9.24 -14.62 1.34
C ALA A 72 9.03 -16.13 1.40
N ASN A 73 10.06 -16.85 1.82
CA ASN A 73 10.00 -18.30 1.93
C ASN A 73 9.68 -18.73 3.36
N SER A 74 8.40 -18.74 3.69
CA SER A 74 7.96 -19.13 5.03
C SER A 74 7.66 -20.62 5.09
N ARG A 75 7.50 -21.14 6.30
CA ARG A 75 7.20 -22.57 6.49
C ARG A 75 6.24 -23.07 5.42
N ASP A 76 6.37 -24.34 5.08
CA ASP A 76 5.51 -24.95 4.06
C ASP A 76 4.32 -25.66 4.71
N THR A 77 4.59 -26.39 5.78
CA THR A 77 3.54 -27.11 6.49
C THR A 77 2.26 -26.31 6.55
N SER A 78 1.12 -27.00 6.64
CA SER A 78 -0.18 -26.35 6.70
C SER A 78 -1.26 -27.33 7.13
N GLY A 79 -2.49 -26.82 7.25
CA GLY A 79 -3.60 -27.67 7.66
C GLY A 79 -4.91 -27.22 7.06
N PRO A 80 -5.05 -27.36 5.73
CA PRO A 80 -6.27 -26.96 5.01
C PRO A 80 -7.45 -27.86 5.33
N SER A 81 -8.57 -27.26 5.70
CA SER A 81 -9.78 -28.02 6.03
C SER A 81 -11.03 -27.32 5.51
N SER A 82 -11.65 -27.92 4.49
CA SER A 82 -12.85 -27.33 3.90
C SER A 82 -13.49 -28.32 2.91
N GLY A 83 -14.71 -28.02 2.50
CA GLY A 83 -15.41 -28.87 1.56
C GLY A 83 -16.26 -28.10 0.57
ZN ZN B . -0.01 -4.99 1.09
ZN ZN C . -11.34 3.72 1.81
N GLY A 1 17.96 -1.64 -26.62
CA GLY A 1 16.97 -1.21 -25.64
C GLY A 1 17.56 -1.11 -24.23
N SER A 2 16.73 -0.73 -23.28
CA SER A 2 17.16 -0.60 -21.89
C SER A 2 16.06 -1.03 -20.94
N SER A 3 16.47 -1.45 -19.74
CA SER A 3 15.52 -1.91 -18.73
C SER A 3 16.09 -1.75 -17.33
N GLY A 4 15.28 -1.25 -16.41
CA GLY A 4 15.72 -1.05 -15.04
C GLY A 4 14.93 0.03 -14.32
N SER A 5 14.95 -0.02 -13.00
CA SER A 5 14.22 0.96 -12.18
C SER A 5 14.95 1.22 -10.87
N SER A 6 14.91 2.47 -10.42
CA SER A 6 15.56 2.86 -9.17
C SER A 6 14.64 2.63 -7.98
N GLY A 7 15.17 1.98 -6.95
CA GLY A 7 14.37 1.72 -5.77
C GLY A 7 14.37 2.89 -4.80
N LYS A 8 13.51 3.86 -5.04
CA LYS A 8 13.41 5.04 -4.19
C LYS A 8 12.99 4.65 -2.77
N GLN A 9 13.57 5.33 -1.78
CA GLN A 9 13.25 5.05 -0.39
C GLN A 9 12.27 6.08 0.16
N ALA A 10 11.10 5.62 0.57
CA ALA A 10 10.07 6.50 1.11
C ALA A 10 9.40 5.87 2.33
N LYS A 11 9.19 6.69 3.37
CA LYS A 11 8.55 6.21 4.58
C LYS A 11 7.49 5.16 4.28
N ILE A 12 7.67 3.97 4.85
CA ILE A 12 6.73 2.87 4.64
C ILE A 12 6.01 2.51 5.93
N HIS A 13 4.71 2.23 5.82
CA HIS A 13 3.92 1.86 6.99
C HIS A 13 3.79 0.35 7.10
N TYR A 14 4.55 -0.25 8.02
CA TYR A 14 4.52 -1.68 8.23
C TYR A 14 3.27 -2.10 9.00
N ILE A 15 2.12 -1.62 8.55
CA ILE A 15 0.85 -1.94 9.20
C ILE A 15 0.28 -3.26 8.67
N LYS A 16 -0.31 -4.04 9.56
CA LYS A 16 -0.90 -5.32 9.18
C LYS A 16 0.02 -6.08 8.25
N ASN A 17 1.33 -5.88 8.41
CA ASN A 17 2.32 -6.55 7.58
C ASN A 17 2.21 -6.09 6.12
N HIS A 18 1.95 -4.80 5.93
CA HIS A 18 1.82 -4.24 4.59
C HIS A 18 2.96 -3.27 4.29
N GLU A 19 2.90 -2.64 3.13
CA GLU A 19 3.93 -1.67 2.73
C GLU A 19 3.29 -0.39 2.22
N PHE A 20 2.16 -0.02 2.80
CA PHE A 20 1.46 1.20 2.39
C PHE A 20 2.41 2.38 2.32
N ILE A 21 2.71 2.82 1.10
CA ILE A 21 3.62 3.93 0.89
C ILE A 21 2.87 5.14 0.34
N ALA A 22 3.02 6.29 1.01
CA ALA A 22 2.37 7.52 0.59
C ALA A 22 2.53 7.75 -0.91
N THR A 23 1.42 7.94 -1.61
CA THR A 23 1.44 8.16 -3.04
C THR A 23 0.32 9.10 -3.47
N PHE A 24 0.59 9.90 -4.50
CA PHE A 24 -0.40 10.85 -5.00
C PHE A 24 -1.25 10.21 -6.10
N PHE A 25 -2.55 10.07 -5.82
CA PHE A 25 -3.47 9.48 -6.78
C PHE A 25 -4.15 10.56 -7.62
N GLY A 26 -3.51 10.96 -8.70
CA GLY A 26 -4.06 11.98 -9.57
C GLY A 26 -5.40 11.58 -10.16
N GLN A 27 -5.78 10.32 -9.95
CA GLN A 27 -7.04 9.81 -10.47
C GLN A 27 -7.87 9.18 -9.36
N PRO A 28 -9.20 9.17 -9.54
CA PRO A 28 -10.13 8.59 -8.56
C PRO A 28 -10.02 7.08 -8.49
N THR A 29 -9.04 6.58 -7.76
CA THR A 29 -8.83 5.15 -7.60
C THR A 29 -9.83 4.55 -6.62
N PHE A 30 -10.25 3.31 -6.89
CA PHE A 30 -11.20 2.63 -6.03
C PHE A 30 -10.52 2.14 -4.75
N CYS A 31 -11.22 2.29 -3.62
CA CYS A 31 -10.69 1.87 -2.33
C CYS A 31 -11.11 0.43 -2.02
N SER A 32 -10.43 -0.18 -1.05
CA SER A 32 -10.72 -1.55 -0.65
C SER A 32 -11.43 -1.59 0.69
N VAL A 33 -11.02 -0.71 1.61
CA VAL A 33 -11.61 -0.64 2.93
C VAL A 33 -13.03 -0.06 2.87
N CYS A 34 -13.12 1.23 2.55
CA CYS A 34 -14.39 1.91 2.46
C CYS A 34 -15.03 1.69 1.10
N LYS A 35 -14.21 1.35 0.11
CA LYS A 35 -14.69 1.10 -1.25
C LYS A 35 -15.32 2.36 -1.83
N ASP A 36 -14.74 3.51 -1.52
CA ASP A 36 -15.25 4.78 -2.03
C ASP A 36 -14.18 5.51 -2.85
N PHE A 37 -14.62 6.16 -3.92
CA PHE A 37 -13.71 6.89 -4.79
C PHE A 37 -12.61 7.58 -3.98
N VAL A 38 -11.37 7.21 -4.25
CA VAL A 38 -10.22 7.79 -3.55
C VAL A 38 -9.70 9.04 -4.27
N TRP A 39 -10.55 10.05 -4.36
CA TRP A 39 -10.18 11.29 -5.03
C TRP A 39 -10.35 12.48 -4.09
N GLY A 40 -11.30 12.37 -3.17
CA GLY A 40 -11.54 13.44 -2.22
C GLY A 40 -10.65 13.36 -1.00
N LEU A 41 -9.34 13.50 -1.21
CA LEU A 41 -8.37 13.44 -0.12
C LEU A 41 -7.56 14.73 -0.05
N ASN A 42 -7.59 15.37 1.12
CA ASN A 42 -6.86 16.62 1.33
C ASN A 42 -5.55 16.62 0.54
N LYS A 43 -4.60 15.79 0.97
CA LYS A 43 -3.31 15.69 0.30
C LYS A 43 -3.24 14.44 -0.56
N GLN A 44 -3.24 13.28 0.09
CA GLN A 44 -3.18 12.00 -0.63
C GLN A 44 -3.52 10.85 0.30
N GLY A 45 -3.59 9.64 -0.27
CA GLY A 45 -3.91 8.47 0.53
C GLY A 45 -2.72 7.53 0.69
N TYR A 46 -2.97 6.24 0.57
CA TYR A 46 -1.93 5.24 0.70
C TYR A 46 -2.10 4.12 -0.32
N LYS A 47 -0.99 3.57 -0.78
CA LYS A 47 -1.01 2.49 -1.76
C LYS A 47 0.15 1.52 -1.53
N CYS A 48 -0.18 0.28 -1.15
CA CYS A 48 0.82 -0.74 -0.91
C CYS A 48 1.57 -1.10 -2.19
N ARG A 49 2.88 -0.92 -2.18
CA ARG A 49 3.70 -1.22 -3.35
C ARG A 49 3.98 -2.72 -3.44
N GLN A 50 3.22 -3.50 -2.68
CA GLN A 50 3.39 -4.95 -2.68
C GLN A 50 2.19 -5.64 -3.32
N CYS A 51 1.00 -5.32 -2.83
CA CYS A 51 -0.23 -5.91 -3.35
C CYS A 51 -1.01 -4.89 -4.17
N ASN A 52 -0.57 -3.63 -4.12
CA ASN A 52 -1.23 -2.56 -4.85
C ASN A 52 -2.62 -2.28 -4.26
N ALA A 53 -2.68 -2.20 -2.94
CA ALA A 53 -3.93 -1.93 -2.25
C ALA A 53 -4.04 -0.46 -1.86
N ALA A 54 -4.78 0.31 -2.65
CA ALA A 54 -4.97 1.73 -2.38
C ALA A 54 -6.09 1.96 -1.39
N ILE A 55 -5.80 2.68 -0.31
CA ILE A 55 -6.79 2.97 0.71
C ILE A 55 -6.64 4.40 1.24
N HIS A 56 -7.61 4.83 2.04
CA HIS A 56 -7.58 6.17 2.61
C HIS A 56 -6.73 6.20 3.88
N LYS A 57 -6.19 7.37 4.20
CA LYS A 57 -5.36 7.54 5.39
C LYS A 57 -6.10 7.08 6.64
N LYS A 58 -7.42 7.24 6.63
CA LYS A 58 -8.25 6.83 7.76
C LYS A 58 -8.65 5.37 7.64
N CYS A 59 -8.69 4.86 6.42
CA CYS A 59 -9.04 3.47 6.17
C CYS A 59 -7.95 2.53 6.65
N ILE A 60 -6.77 3.08 6.90
CA ILE A 60 -5.64 2.29 7.38
C ILE A 60 -5.92 1.71 8.77
N ASP A 61 -6.56 2.50 9.61
CA ASP A 61 -6.89 2.07 10.97
C ASP A 61 -8.13 1.19 10.97
N LYS A 62 -8.68 0.94 9.78
CA LYS A 62 -9.87 0.12 9.64
C LYS A 62 -9.51 -1.27 9.14
N ILE A 63 -8.54 -1.34 8.23
CA ILE A 63 -8.09 -2.61 7.67
C ILE A 63 -8.15 -3.71 8.71
N ILE A 64 -8.48 -4.93 8.27
CA ILE A 64 -8.57 -6.07 9.16
C ILE A 64 -7.46 -7.08 8.87
N GLY A 65 -7.52 -7.69 7.70
CA GLY A 65 -6.52 -8.67 7.32
C GLY A 65 -5.13 -8.06 7.19
N ARG A 66 -4.23 -8.79 6.54
CA ARG A 66 -2.86 -8.30 6.36
C ARG A 66 -2.42 -8.46 4.91
N CYS A 67 -1.15 -8.18 4.65
CA CYS A 67 -0.60 -8.30 3.30
C CYS A 67 -0.34 -9.75 2.94
N THR A 68 -0.55 -10.10 1.67
CA THR A 68 -0.34 -11.46 1.20
C THR A 68 0.94 -11.57 0.40
N GLY A 69 1.39 -10.44 -0.15
CA GLY A 69 2.61 -10.44 -0.94
C GLY A 69 3.83 -10.12 -0.11
N THR A 70 4.48 -11.16 0.41
CA THR A 70 5.67 -10.99 1.23
C THR A 70 6.93 -11.37 0.45
N ALA A 71 7.42 -10.44 -0.36
CA ALA A 71 8.63 -10.68 -1.14
C ALA A 71 9.61 -11.56 -0.40
N ALA A 72 10.36 -12.37 -1.15
CA ALA A 72 11.34 -13.27 -0.55
C ALA A 72 10.67 -14.35 0.29
N ASN A 73 9.65 -14.97 -0.28
CA ASN A 73 8.91 -16.02 0.42
C ASN A 73 9.37 -17.40 -0.04
N SER A 74 8.88 -18.43 0.64
CA SER A 74 9.24 -19.81 0.31
C SER A 74 8.96 -20.10 -1.16
N ARG A 75 9.41 -21.27 -1.62
CA ARG A 75 9.21 -21.67 -3.01
C ARG A 75 9.81 -20.65 -3.96
N ASP A 76 10.96 -20.09 -3.58
CA ASP A 76 11.63 -19.10 -4.41
C ASP A 76 13.12 -19.04 -4.06
N THR A 77 13.88 -18.32 -4.88
CA THR A 77 15.32 -18.18 -4.67
C THR A 77 15.65 -18.14 -3.19
N SER A 78 16.74 -18.81 -2.80
CA SER A 78 17.17 -18.86 -1.41
C SER A 78 18.42 -18.00 -1.20
N GLY A 79 18.72 -17.71 0.06
CA GLY A 79 19.89 -16.91 0.37
C GLY A 79 19.85 -16.37 1.79
N PRO A 80 19.88 -17.26 2.77
CA PRO A 80 19.84 -16.89 4.19
C PRO A 80 21.13 -16.21 4.65
N SER A 81 21.04 -15.41 5.70
CA SER A 81 22.20 -14.70 6.23
C SER A 81 23.00 -15.60 7.18
N SER A 82 24.14 -15.08 7.64
CA SER A 82 24.99 -15.84 8.55
C SER A 82 25.89 -14.90 9.35
N GLY A 83 26.61 -15.46 10.31
CA GLY A 83 27.49 -14.66 11.14
C GLY A 83 28.22 -15.49 12.18
ZN ZN B . -0.09 -5.04 0.84
ZN ZN C . -11.11 4.18 1.83
N GLY A 1 24.28 13.99 -25.10
CA GLY A 1 23.32 13.53 -24.12
C GLY A 1 23.75 13.80 -22.69
N SER A 2 22.82 14.26 -21.87
CA SER A 2 23.12 14.56 -20.48
C SER A 2 22.28 13.71 -19.54
N SER A 3 22.94 13.08 -18.57
CA SER A 3 22.26 12.21 -17.61
C SER A 3 21.71 13.03 -16.45
N GLY A 4 20.53 13.62 -16.64
CA GLY A 4 19.92 14.40 -15.59
C GLY A 4 18.77 13.70 -14.91
N SER A 5 18.87 13.55 -13.59
CA SER A 5 17.84 12.88 -12.81
C SER A 5 17.79 13.41 -11.39
N SER A 6 16.81 12.94 -10.62
CA SER A 6 16.65 13.38 -9.24
C SER A 6 15.89 12.34 -8.42
N GLY A 7 16.10 12.35 -7.11
CA GLY A 7 15.43 11.40 -6.25
C GLY A 7 14.54 12.08 -5.22
N LYS A 8 13.90 11.28 -4.37
CA LYS A 8 13.01 11.81 -3.35
C LYS A 8 12.88 10.84 -2.18
N GLN A 9 12.74 11.38 -0.98
CA GLN A 9 12.62 10.56 0.23
C GLN A 9 11.19 10.03 0.37
N ALA A 10 11.03 9.03 1.22
CA ALA A 10 9.72 8.43 1.45
C ALA A 10 9.72 7.58 2.72
N LYS A 11 8.53 7.11 3.11
CA LYS A 11 8.40 6.29 4.31
C LYS A 11 7.39 5.16 4.08
N ILE A 12 7.66 4.01 4.69
CA ILE A 12 6.78 2.86 4.55
C ILE A 12 6.06 2.56 5.87
N HIS A 13 4.79 2.18 5.76
CA HIS A 13 4.00 1.86 6.95
C HIS A 13 3.80 0.36 7.07
N TYR A 14 4.52 -0.24 8.01
CA TYR A 14 4.42 -1.69 8.24
C TYR A 14 3.15 -2.03 9.00
N ILE A 15 2.01 -1.51 8.53
CA ILE A 15 0.73 -1.77 9.16
C ILE A 15 0.12 -3.07 8.65
N LYS A 16 -0.55 -3.78 9.55
CA LYS A 16 -1.19 -5.05 9.20
C LYS A 16 -0.28 -5.88 8.30
N ASN A 17 1.03 -5.76 8.51
CA ASN A 17 2.00 -6.50 7.73
C ASN A 17 1.96 -6.07 6.26
N HIS A 18 1.81 -4.77 6.03
CA HIS A 18 1.75 -4.23 4.68
C HIS A 18 2.91 -3.27 4.42
N GLU A 19 2.92 -2.67 3.24
CA GLU A 19 3.97 -1.73 2.88
C GLU A 19 3.38 -0.43 2.33
N PHE A 20 2.21 -0.06 2.84
CA PHE A 20 1.53 1.15 2.41
C PHE A 20 2.51 2.32 2.31
N ILE A 21 2.71 2.82 1.10
CA ILE A 21 3.62 3.94 0.87
C ILE A 21 2.87 5.18 0.39
N ALA A 22 3.07 6.29 1.08
CA ALA A 22 2.40 7.54 0.72
C ALA A 22 2.56 7.83 -0.77
N THR A 23 1.44 7.97 -1.46
CA THR A 23 1.44 8.25 -2.89
C THR A 23 0.25 9.12 -3.29
N PHE A 24 0.50 10.10 -4.14
CA PHE A 24 -0.55 11.00 -4.60
C PHE A 24 -1.28 10.41 -5.81
N PHE A 25 -2.58 10.19 -5.65
CA PHE A 25 -3.40 9.65 -6.72
C PHE A 25 -4.15 10.74 -7.47
N GLY A 26 -3.49 11.33 -8.46
CA GLY A 26 -4.11 12.39 -9.23
C GLY A 26 -5.46 11.98 -9.81
N GLN A 27 -5.64 10.68 -10.03
CA GLN A 27 -6.88 10.17 -10.57
C GLN A 27 -7.76 9.56 -9.47
N PRO A 28 -9.08 9.56 -9.70
CA PRO A 28 -10.04 9.02 -8.74
C PRO A 28 -9.95 7.50 -8.62
N THR A 29 -8.97 7.02 -7.86
CA THR A 29 -8.78 5.60 -7.67
C THR A 29 -9.85 5.01 -6.74
N PHE A 30 -9.97 3.68 -6.74
CA PHE A 30 -10.95 3.01 -5.91
C PHE A 30 -10.30 2.49 -4.63
N CYS A 31 -11.09 2.44 -3.55
CA CYS A 31 -10.59 1.96 -2.27
C CYS A 31 -11.02 0.52 -2.02
N SER A 32 -10.35 -0.14 -1.08
CA SER A 32 -10.67 -1.53 -0.75
C SER A 32 -11.38 -1.62 0.59
N VAL A 33 -10.94 -0.80 1.55
CA VAL A 33 -11.53 -0.79 2.88
C VAL A 33 -12.96 -0.27 2.84
N CYS A 34 -13.11 1.02 2.58
CA CYS A 34 -14.43 1.64 2.51
C CYS A 34 -15.04 1.46 1.12
N LYS A 35 -14.19 1.27 0.12
CA LYS A 35 -14.64 1.09 -1.25
C LYS A 35 -15.38 2.31 -1.75
N ASP A 36 -14.80 3.48 -1.51
CA ASP A 36 -15.41 4.74 -1.94
C ASP A 36 -14.41 5.56 -2.77
N PHE A 37 -14.86 6.03 -3.93
CA PHE A 37 -14.02 6.83 -4.81
C PHE A 37 -13.03 7.66 -4.00
N VAL A 38 -11.74 7.39 -4.21
CA VAL A 38 -10.69 8.12 -3.51
C VAL A 38 -10.33 9.41 -4.24
N TRP A 39 -11.32 10.27 -4.44
CA TRP A 39 -11.11 11.54 -5.12
C TRP A 39 -11.62 12.71 -4.28
N GLY A 40 -12.74 12.48 -3.61
CA GLY A 40 -13.32 13.52 -2.78
C GLY A 40 -12.50 13.80 -1.53
N LEU A 41 -13.17 13.78 -0.37
CA LEU A 41 -12.48 14.03 0.90
C LEU A 41 -11.28 13.11 1.06
N ASN A 42 -10.14 13.69 1.40
CA ASN A 42 -8.91 12.92 1.59
C ASN A 42 -8.35 12.45 0.25
N LYS A 43 -8.33 13.35 -0.72
CA LYS A 43 -7.81 13.03 -2.05
C LYS A 43 -6.67 12.04 -1.96
N GLN A 44 -5.59 12.44 -1.29
CA GLN A 44 -4.42 11.57 -1.13
C GLN A 44 -4.67 10.52 -0.06
N GLY A 45 -4.02 9.37 -0.20
CA GLY A 45 -4.17 8.30 0.76
C GLY A 45 -2.93 7.44 0.88
N TYR A 46 -3.09 6.13 0.64
CA TYR A 46 -1.98 5.20 0.73
C TYR A 46 -2.14 4.08 -0.30
N LYS A 47 -1.00 3.54 -0.75
CA LYS A 47 -1.01 2.46 -1.73
C LYS A 47 0.15 1.51 -1.48
N CYS A 48 -0.16 0.23 -1.27
CA CYS A 48 0.85 -0.78 -1.04
C CYS A 48 1.63 -1.09 -2.31
N ARG A 49 2.94 -0.86 -2.26
CA ARG A 49 3.80 -1.12 -3.41
C ARG A 49 4.11 -2.61 -3.55
N GLN A 50 3.38 -3.43 -2.79
CA GLN A 50 3.57 -4.87 -2.83
C GLN A 50 2.37 -5.56 -3.45
N CYS A 51 1.20 -5.36 -2.86
CA CYS A 51 -0.02 -5.98 -3.35
C CYS A 51 -0.82 -4.99 -4.19
N ASN A 52 -0.43 -3.72 -4.13
CA ASN A 52 -1.11 -2.68 -4.89
C ASN A 52 -2.51 -2.42 -4.33
N ALA A 53 -2.59 -2.14 -3.04
CA ALA A 53 -3.86 -1.88 -2.39
C ALA A 53 -3.99 -0.41 -1.98
N ALA A 54 -4.74 0.35 -2.77
CA ALA A 54 -4.94 1.77 -2.49
C ALA A 54 -6.07 1.97 -1.48
N ILE A 55 -5.75 2.66 -0.39
CA ILE A 55 -6.74 2.93 0.66
C ILE A 55 -6.63 4.36 1.16
N HIS A 56 -7.54 4.75 2.04
CA HIS A 56 -7.55 6.10 2.60
C HIS A 56 -6.65 6.18 3.84
N LYS A 57 -6.04 7.34 4.03
CA LYS A 57 -5.15 7.54 5.18
C LYS A 57 -5.85 7.16 6.48
N LYS A 58 -7.17 7.17 6.46
CA LYS A 58 -7.97 6.82 7.64
C LYS A 58 -8.37 5.35 7.61
N CYS A 59 -8.47 4.80 6.41
CA CYS A 59 -8.85 3.39 6.24
C CYS A 59 -7.75 2.47 6.72
N ILE A 60 -6.53 2.99 6.78
CA ILE A 60 -5.38 2.21 7.22
C ILE A 60 -5.62 1.61 8.60
N ASP A 61 -6.24 2.40 9.49
CA ASP A 61 -6.54 1.94 10.83
C ASP A 61 -7.85 1.17 10.87
N LYS A 62 -8.43 0.94 9.70
CA LYS A 62 -9.68 0.21 9.60
C LYS A 62 -9.46 -1.18 8.99
N ILE A 63 -8.42 -1.30 8.18
CA ILE A 63 -8.10 -2.57 7.53
C ILE A 63 -8.25 -3.73 8.51
N ILE A 64 -8.66 -4.88 7.99
CA ILE A 64 -8.84 -6.07 8.81
C ILE A 64 -8.24 -7.30 8.16
N GLY A 65 -6.94 -7.49 8.33
CA GLY A 65 -6.26 -8.63 7.75
C GLY A 65 -4.76 -8.43 7.65
N ARG A 66 -4.15 -9.01 6.62
CA ARG A 66 -2.72 -8.89 6.42
C ARG A 66 -2.39 -8.72 4.94
N CYS A 67 -1.11 -8.51 4.64
CA CYS A 67 -0.66 -8.33 3.26
C CYS A 67 -0.43 -9.69 2.59
N THR A 68 -0.75 -9.76 1.30
CA THR A 68 -0.58 -10.99 0.54
C THR A 68 0.76 -11.00 -0.19
N GLY A 69 1.21 -9.82 -0.59
CA GLY A 69 2.48 -9.72 -1.30
C GLY A 69 3.65 -9.46 -0.37
N THR A 70 4.05 -10.48 0.38
CA THR A 70 5.16 -10.35 1.32
C THR A 70 5.70 -11.71 1.71
N ALA A 71 7.02 -11.85 1.67
CA ALA A 71 7.68 -13.11 2.02
C ALA A 71 7.59 -13.37 3.52
N ALA A 72 6.59 -14.14 3.92
CA ALA A 72 6.40 -14.47 5.33
C ALA A 72 6.12 -15.95 5.52
N ASN A 73 6.01 -16.39 6.77
CA ASN A 73 5.75 -17.79 7.08
C ASN A 73 6.56 -18.71 6.18
N SER A 74 7.82 -18.34 5.95
CA SER A 74 8.71 -19.13 5.09
C SER A 74 8.98 -20.49 5.72
N ARG A 75 9.71 -21.34 4.99
CA ARG A 75 10.05 -22.66 5.48
C ARG A 75 10.72 -22.60 6.84
N ASP A 76 11.65 -21.66 7.00
CA ASP A 76 12.36 -21.48 8.25
C ASP A 76 11.44 -20.91 9.32
N THR A 77 11.93 -20.88 10.56
CA THR A 77 11.16 -20.35 11.68
C THR A 77 11.81 -19.11 12.27
N SER A 78 10.99 -18.25 12.87
CA SER A 78 11.50 -17.02 13.48
C SER A 78 11.38 -17.07 15.00
N GLY A 79 12.21 -16.30 15.68
CA GLY A 79 12.18 -16.27 17.13
C GLY A 79 13.03 -15.15 17.70
N PRO A 80 12.42 -13.97 17.90
CA PRO A 80 13.10 -12.80 18.45
C PRO A 80 13.46 -12.98 19.92
N SER A 81 14.14 -11.98 20.49
CA SER A 81 14.55 -12.03 21.88
C SER A 81 13.35 -11.81 22.81
N SER A 82 13.45 -12.32 24.03
CA SER A 82 12.37 -12.19 25.00
C SER A 82 12.77 -11.22 26.12
N GLY A 83 11.80 -10.86 26.95
CA GLY A 83 12.06 -9.94 28.05
C GLY A 83 11.01 -10.02 29.13
ZN ZN B . -0.04 -5.02 0.88
ZN ZN C . -11.19 3.99 2.05
N GLY A 1 13.19 9.38 -26.27
CA GLY A 1 13.70 9.62 -24.94
C GLY A 1 12.61 9.78 -23.91
N SER A 2 12.81 9.19 -22.74
CA SER A 2 11.83 9.27 -21.66
C SER A 2 12.47 8.91 -20.33
N SER A 3 12.43 9.84 -19.39
CA SER A 3 13.01 9.63 -18.06
C SER A 3 12.22 10.41 -17.00
N GLY A 4 12.55 10.16 -15.73
CA GLY A 4 11.88 10.84 -14.65
C GLY A 4 12.34 10.35 -13.29
N SER A 5 13.29 11.07 -12.70
CA SER A 5 13.82 10.70 -11.39
C SER A 5 13.68 11.86 -10.41
N SER A 6 13.80 11.55 -9.12
CA SER A 6 13.68 12.57 -8.07
C SER A 6 14.04 11.99 -6.71
N GLY A 7 14.24 12.87 -5.73
CA GLY A 7 14.57 12.41 -4.40
C GLY A 7 13.75 13.11 -3.33
N LYS A 8 12.61 12.52 -2.99
CA LYS A 8 11.73 13.09 -1.98
C LYS A 8 11.67 12.19 -0.75
N GLN A 9 11.46 12.80 0.42
CA GLN A 9 11.38 12.06 1.67
C GLN A 9 10.15 11.18 1.70
N ALA A 10 10.36 9.87 1.84
CA ALA A 10 9.26 8.92 1.89
C ALA A 10 9.47 7.89 3.00
N LYS A 11 8.38 7.25 3.41
CA LYS A 11 8.45 6.24 4.46
C LYS A 11 7.45 5.12 4.20
N ILE A 12 7.75 3.93 4.73
CA ILE A 12 6.87 2.78 4.56
C ILE A 12 6.09 2.47 5.83
N HIS A 13 4.80 2.23 5.69
CA HIS A 13 3.94 1.93 6.83
C HIS A 13 3.77 0.42 7.00
N TYR A 14 4.49 -0.15 7.97
CA TYR A 14 4.42 -1.58 8.22
C TYR A 14 3.15 -1.94 8.99
N ILE A 15 2.01 -1.51 8.48
CA ILE A 15 0.73 -1.77 9.11
C ILE A 15 0.17 -3.12 8.65
N LYS A 16 -0.41 -3.86 9.60
CA LYS A 16 -0.98 -5.17 9.29
C LYS A 16 -0.05 -5.98 8.41
N ASN A 17 1.24 -5.70 8.50
CA ASN A 17 2.24 -6.41 7.71
C ASN A 17 2.18 -5.98 6.24
N HIS A 18 1.91 -4.70 6.02
CA HIS A 18 1.84 -4.15 4.67
C HIS A 18 2.98 -3.18 4.41
N GLU A 19 2.96 -2.56 3.24
CA GLU A 19 4.01 -1.60 2.86
C GLU A 19 3.39 -0.32 2.32
N PHE A 20 2.16 -0.03 2.74
CA PHE A 20 1.47 1.18 2.30
C PHE A 20 2.42 2.36 2.25
N ILE A 21 2.79 2.76 1.03
CA ILE A 21 3.70 3.88 0.83
C ILE A 21 2.93 5.12 0.37
N ALA A 22 3.10 6.21 1.11
CA ALA A 22 2.43 7.47 0.77
C ALA A 22 2.48 7.73 -0.74
N THR A 23 1.30 7.91 -1.33
CA THR A 23 1.21 8.17 -2.77
C THR A 23 0.04 9.09 -3.08
N PHE A 24 0.17 9.85 -4.16
CA PHE A 24 -0.88 10.77 -4.58
C PHE A 24 -1.64 10.22 -5.77
N PHE A 25 -2.96 10.41 -5.77
CA PHE A 25 -3.82 9.93 -6.85
C PHE A 25 -4.53 11.09 -7.54
N GLY A 26 -4.14 11.37 -8.78
CA GLY A 26 -4.74 12.45 -9.52
C GLY A 26 -6.20 12.17 -9.85
N GLN A 27 -6.56 10.90 -9.91
CA GLN A 27 -7.93 10.51 -10.23
C GLN A 27 -8.55 9.73 -9.08
N PRO A 28 -9.89 9.77 -8.99
CA PRO A 28 -10.63 9.07 -7.94
C PRO A 28 -10.59 7.56 -8.10
N THR A 29 -9.53 6.94 -7.60
CA THR A 29 -9.37 5.49 -7.69
C THR A 29 -10.39 4.77 -6.83
N PHE A 30 -10.26 3.45 -6.74
CA PHE A 30 -11.17 2.64 -5.94
C PHE A 30 -10.49 2.15 -4.66
N CYS A 31 -11.20 2.22 -3.55
CA CYS A 31 -10.67 1.79 -2.27
C CYS A 31 -11.07 0.35 -1.97
N SER A 32 -10.37 -0.28 -1.04
CA SER A 32 -10.65 -1.66 -0.66
C SER A 32 -11.42 -1.73 0.66
N VAL A 33 -10.99 -0.92 1.63
CA VAL A 33 -11.65 -0.88 2.93
C VAL A 33 -13.06 -0.34 2.81
N CYS A 34 -13.17 0.96 2.55
CA CYS A 34 -14.47 1.61 2.42
C CYS A 34 -15.01 1.48 0.99
N LYS A 35 -14.09 1.47 0.02
CA LYS A 35 -14.47 1.34 -1.38
C LYS A 35 -15.27 2.56 -1.84
N ASP A 36 -14.70 3.74 -1.65
CA ASP A 36 -15.35 4.98 -2.04
C ASP A 36 -14.41 5.87 -2.85
N PHE A 37 -14.95 6.56 -3.84
CA PHE A 37 -14.14 7.44 -4.68
C PHE A 37 -13.03 8.09 -3.87
N VAL A 38 -11.83 7.53 -3.98
CA VAL A 38 -10.66 8.04 -3.26
C VAL A 38 -10.26 9.41 -3.80
N TRP A 39 -11.02 10.44 -3.44
CA TRP A 39 -10.74 11.80 -3.88
C TRP A 39 -11.19 12.81 -2.83
N GLY A 40 -10.47 13.93 -2.76
CA GLY A 40 -10.81 14.96 -1.80
C GLY A 40 -10.09 16.27 -2.07
N LEU A 41 -9.54 16.88 -1.02
CA LEU A 41 -8.83 18.14 -1.17
C LEU A 41 -7.31 17.92 -1.11
N ASN A 42 -6.72 17.64 -2.26
CA ASN A 42 -5.29 17.41 -2.34
C ASN A 42 -4.78 16.65 -1.12
N LYS A 43 -5.55 15.64 -0.70
CA LYS A 43 -5.18 14.83 0.45
C LYS A 43 -4.71 13.45 0.03
N GLN A 44 -3.41 13.32 -0.22
CA GLN A 44 -2.83 12.05 -0.64
C GLN A 44 -3.37 10.90 0.22
N GLY A 45 -3.29 9.68 -0.30
CA GLY A 45 -3.75 8.53 0.43
C GLY A 45 -2.65 7.53 0.71
N TYR A 46 -2.99 6.24 0.65
CA TYR A 46 -2.02 5.18 0.90
C TYR A 46 -2.15 4.07 -0.13
N LYS A 47 -1.01 3.54 -0.57
CA LYS A 47 -1.00 2.46 -1.55
C LYS A 47 0.16 1.51 -1.30
N CYS A 48 -0.15 0.22 -1.19
CA CYS A 48 0.87 -0.80 -0.95
C CYS A 48 1.60 -1.16 -2.24
N ARG A 49 2.90 -0.91 -2.26
CA ARG A 49 3.72 -1.21 -3.43
C ARG A 49 3.98 -2.71 -3.54
N GLN A 50 3.33 -3.49 -2.69
CA GLN A 50 3.49 -4.94 -2.69
C GLN A 50 2.28 -5.63 -3.30
N CYS A 51 1.10 -5.34 -2.76
CA CYS A 51 -0.13 -5.93 -3.24
C CYS A 51 -0.91 -4.94 -4.11
N ASN A 52 -0.51 -3.68 -4.04
CA ASN A 52 -1.16 -2.62 -4.81
C ASN A 52 -2.58 -2.37 -4.30
N ALA A 53 -2.68 -2.10 -3.00
CA ALA A 53 -3.98 -1.83 -2.37
C ALA A 53 -4.10 -0.36 -1.98
N ALA A 54 -4.86 0.39 -2.76
CA ALA A 54 -5.06 1.81 -2.50
C ALA A 54 -6.23 2.02 -1.53
N ILE A 55 -5.93 2.66 -0.40
CA ILE A 55 -6.96 2.93 0.61
C ILE A 55 -6.85 4.36 1.12
N HIS A 56 -7.78 4.73 1.99
CA HIS A 56 -7.80 6.08 2.56
C HIS A 56 -6.91 6.15 3.80
N LYS A 57 -6.34 7.33 4.04
CA LYS A 57 -5.46 7.54 5.18
C LYS A 57 -6.14 7.10 6.48
N LYS A 58 -7.47 7.15 6.50
CA LYS A 58 -8.24 6.75 7.67
C LYS A 58 -8.60 5.28 7.60
N CYS A 59 -8.73 4.75 6.38
CA CYS A 59 -9.07 3.35 6.18
C CYS A 59 -7.93 2.44 6.63
N ILE A 60 -6.74 3.01 6.73
CA ILE A 60 -5.57 2.25 7.16
C ILE A 60 -5.78 1.65 8.55
N ASP A 61 -6.34 2.44 9.45
CA ASP A 61 -6.60 1.99 10.82
C ASP A 61 -7.84 1.10 10.86
N LYS A 62 -8.46 0.89 9.71
CA LYS A 62 -9.65 0.06 9.62
C LYS A 62 -9.32 -1.32 9.05
N ILE A 63 -8.23 -1.39 8.28
CA ILE A 63 -7.80 -2.64 7.68
C ILE A 63 -7.83 -3.78 8.70
N ILE A 64 -8.16 -4.98 8.23
CA ILE A 64 -8.22 -6.15 9.10
C ILE A 64 -7.67 -7.38 8.39
N GLY A 65 -6.50 -7.83 8.82
CA GLY A 65 -5.88 -9.00 8.23
C GLY A 65 -4.39 -8.85 8.05
N ARG A 66 -3.88 -9.26 6.89
CA ARG A 66 -2.45 -9.17 6.59
C ARG A 66 -2.23 -8.94 5.11
N CYS A 67 -0.98 -8.66 4.74
CA CYS A 67 -0.62 -8.41 3.34
C CYS A 67 -0.29 -9.72 2.64
N THR A 68 -0.70 -9.82 1.38
CA THR A 68 -0.45 -11.02 0.57
C THR A 68 1.00 -11.06 0.09
N GLY A 69 1.52 -9.90 -0.29
CA GLY A 69 2.89 -9.83 -0.77
C GLY A 69 2.97 -9.35 -2.20
N THR A 70 3.13 -10.28 -3.14
CA THR A 70 3.23 -9.94 -4.55
C THR A 70 2.20 -10.71 -5.37
N ALA A 71 1.86 -10.17 -6.54
CA ALA A 71 0.89 -10.80 -7.41
C ALA A 71 1.56 -11.51 -8.57
N ALA A 72 2.68 -12.17 -8.29
CA ALA A 72 3.44 -12.90 -9.31
C ALA A 72 4.34 -13.95 -8.68
N ASN A 73 4.79 -14.90 -9.49
CA ASN A 73 5.67 -15.96 -9.01
C ASN A 73 6.83 -15.39 -8.20
N SER A 74 6.77 -15.56 -6.88
CA SER A 74 7.80 -15.06 -6.00
C SER A 74 8.21 -16.12 -4.98
N ARG A 75 9.37 -15.94 -4.37
CA ARG A 75 9.88 -16.88 -3.39
C ARG A 75 9.94 -16.23 -2.01
N ASP A 76 9.20 -16.81 -1.06
CA ASP A 76 9.16 -16.29 0.30
C ASP A 76 10.27 -16.91 1.15
N THR A 77 10.87 -16.09 2.00
CA THR A 77 11.96 -16.56 2.86
C THR A 77 11.61 -16.37 4.34
N SER A 78 10.67 -15.48 4.60
CA SER A 78 10.24 -15.20 5.98
C SER A 78 9.72 -16.47 6.64
N GLY A 79 10.30 -16.80 7.80
CA GLY A 79 9.89 -17.99 8.52
C GLY A 79 10.53 -18.08 9.89
N PRO A 80 9.91 -17.40 10.88
CA PRO A 80 10.40 -17.39 12.25
C PRO A 80 10.23 -18.75 12.94
N SER A 81 10.69 -18.84 14.19
CA SER A 81 10.60 -20.07 14.95
C SER A 81 10.73 -19.80 16.45
N SER A 82 9.80 -20.33 17.22
CA SER A 82 9.81 -20.14 18.67
C SER A 82 8.82 -21.10 19.35
N GLY A 83 9.07 -21.38 20.63
CA GLY A 83 8.20 -22.27 21.38
C GLY A 83 8.69 -22.50 22.79
ZN ZN B . 0.01 -5.03 0.99
ZN ZN C . -11.33 3.93 1.92
N GLY A 1 18.50 14.43 -22.10
CA GLY A 1 19.04 15.08 -20.91
C GLY A 1 18.20 14.78 -19.68
N SER A 2 18.53 15.45 -18.57
CA SER A 2 17.81 15.25 -17.32
C SER A 2 17.21 16.56 -16.82
N SER A 3 15.92 16.75 -17.07
CA SER A 3 15.23 17.96 -16.64
C SER A 3 15.42 18.21 -15.15
N GLY A 4 15.00 17.24 -14.34
CA GLY A 4 15.13 17.37 -12.90
C GLY A 4 14.28 16.36 -12.15
N SER A 5 14.16 16.55 -10.83
CA SER A 5 13.38 15.66 -10.01
C SER A 5 12.88 16.37 -8.75
N SER A 6 11.64 16.09 -8.37
CA SER A 6 11.04 16.71 -7.19
C SER A 6 10.30 15.67 -6.36
N GLY A 7 10.86 15.36 -5.19
CA GLY A 7 10.25 14.39 -4.31
C GLY A 7 10.23 14.84 -2.86
N LYS A 8 9.14 14.53 -2.16
CA LYS A 8 9.00 14.91 -0.76
C LYS A 8 9.33 13.74 0.16
N GLN A 9 9.36 14.00 1.46
CA GLN A 9 9.65 12.97 2.45
C GLN A 9 8.58 11.88 2.43
N ALA A 10 9.03 10.62 2.44
CA ALA A 10 8.10 9.49 2.42
C ALA A 10 8.59 8.38 3.35
N LYS A 11 7.67 7.51 3.76
CA LYS A 11 8.01 6.41 4.65
C LYS A 11 7.09 5.22 4.40
N ILE A 12 7.51 4.04 4.83
CA ILE A 12 6.72 2.83 4.67
C ILE A 12 5.96 2.47 5.94
N HIS A 13 4.67 2.21 5.80
CA HIS A 13 3.83 1.86 6.94
C HIS A 13 3.69 0.36 7.08
N TYR A 14 4.41 -0.23 8.02
CA TYR A 14 4.36 -1.67 8.25
C TYR A 14 3.10 -2.06 9.01
N ILE A 15 1.95 -1.64 8.50
CA ILE A 15 0.68 -1.95 9.13
C ILE A 15 0.13 -3.29 8.65
N LYS A 16 -0.43 -4.06 9.58
CA LYS A 16 -0.99 -5.37 9.25
C LYS A 16 -0.02 -6.17 8.38
N ASN A 17 1.26 -5.84 8.47
CA ASN A 17 2.28 -6.53 7.69
C ASN A 17 2.24 -6.09 6.23
N HIS A 18 1.94 -4.81 6.02
CA HIS A 18 1.88 -4.26 4.67
C HIS A 18 3.02 -3.27 4.43
N GLU A 19 3.02 -2.65 3.25
CA GLU A 19 4.05 -1.69 2.90
C GLU A 19 3.44 -0.42 2.32
N PHE A 20 2.25 -0.08 2.80
CA PHE A 20 1.55 1.12 2.33
C PHE A 20 2.49 2.32 2.28
N ILE A 21 2.78 2.78 1.07
CA ILE A 21 3.67 3.92 0.88
C ILE A 21 2.90 5.14 0.40
N ALA A 22 3.04 6.26 1.11
CA ALA A 22 2.36 7.49 0.75
C ALA A 22 2.44 7.74 -0.75
N THR A 23 1.29 7.95 -1.38
CA THR A 23 1.24 8.20 -2.81
C THR A 23 0.11 9.16 -3.15
N PHE A 24 0.30 9.95 -4.21
CA PHE A 24 -0.71 10.91 -4.64
C PHE A 24 -1.46 10.39 -5.86
N PHE A 25 -2.61 9.76 -5.62
CA PHE A 25 -3.42 9.20 -6.70
C PHE A 25 -3.96 10.32 -7.59
N GLY A 26 -4.67 11.27 -6.99
CA GLY A 26 -5.22 12.37 -7.74
C GLY A 26 -6.53 12.02 -8.40
N GLN A 27 -6.68 10.74 -8.77
CA GLN A 27 -7.90 10.27 -9.43
C GLN A 27 -8.75 9.44 -8.48
N PRO A 28 -10.03 9.25 -8.83
CA PRO A 28 -10.96 8.47 -8.01
C PRO A 28 -10.64 6.98 -8.03
N THR A 29 -9.66 6.58 -7.21
CA THR A 29 -9.26 5.18 -7.12
C THR A 29 -10.22 4.39 -6.26
N PHE A 30 -10.37 3.10 -6.59
CA PHE A 30 -11.26 2.22 -5.84
C PHE A 30 -10.58 1.67 -4.59
N CYS A 31 -11.05 2.11 -3.42
CA CYS A 31 -10.48 1.67 -2.15
C CYS A 31 -10.85 0.21 -1.87
N SER A 32 -10.10 -0.41 -0.97
CA SER A 32 -10.35 -1.80 -0.61
C SER A 32 -11.07 -1.90 0.73
N VAL A 33 -10.64 -1.09 1.69
CA VAL A 33 -11.24 -1.09 3.03
C VAL A 33 -12.71 -0.70 2.95
N CYS A 34 -12.97 0.56 2.63
CA CYS A 34 -14.34 1.04 2.53
C CYS A 34 -14.87 0.91 1.11
N LYS A 35 -13.97 1.08 0.13
CA LYS A 35 -14.35 0.97 -1.27
C LYS A 35 -15.20 2.16 -1.70
N ASP A 36 -14.69 3.36 -1.46
CA ASP A 36 -15.41 4.58 -1.83
C ASP A 36 -14.50 5.55 -2.58
N PHE A 37 -15.06 6.20 -3.60
CA PHE A 37 -14.29 7.14 -4.40
C PHE A 37 -13.25 7.87 -3.55
N VAL A 38 -12.03 7.36 -3.56
CA VAL A 38 -10.94 7.96 -2.80
C VAL A 38 -10.83 9.46 -3.07
N TRP A 39 -11.13 9.85 -4.30
CA TRP A 39 -11.07 11.26 -4.70
C TRP A 39 -11.79 12.13 -3.68
N GLY A 40 -11.51 13.44 -3.72
CA GLY A 40 -12.14 14.36 -2.80
C GLY A 40 -11.20 14.81 -1.70
N LEU A 41 -11.75 15.47 -0.68
CA LEU A 41 -10.95 15.95 0.44
C LEU A 41 -9.80 15.01 0.74
N ASN A 42 -8.58 15.56 0.80
CA ASN A 42 -7.40 14.76 1.08
C ASN A 42 -7.18 13.71 0.00
N LYS A 43 -7.36 14.12 -1.25
CA LYS A 43 -7.18 13.21 -2.38
C LYS A 43 -6.08 12.21 -2.10
N GLN A 44 -4.94 12.69 -1.62
CA GLN A 44 -3.80 11.83 -1.30
C GLN A 44 -4.21 10.73 -0.33
N GLY A 45 -3.61 9.56 -0.49
CA GLY A 45 -3.93 8.43 0.38
C GLY A 45 -2.75 7.48 0.55
N TYR A 46 -3.06 6.20 0.72
CA TYR A 46 -2.01 5.20 0.90
C TYR A 46 -2.15 4.09 -0.14
N LYS A 47 -1.01 3.59 -0.62
CA LYS A 47 -1.00 2.52 -1.62
C LYS A 47 0.16 1.57 -1.39
N CYS A 48 -0.13 0.29 -1.25
CA CYS A 48 0.90 -0.72 -1.03
C CYS A 48 1.65 -1.02 -2.32
N ARG A 49 2.96 -0.75 -2.32
CA ARG A 49 3.79 -0.99 -3.49
C ARG A 49 4.09 -2.48 -3.63
N GLN A 50 3.41 -3.30 -2.84
CA GLN A 50 3.62 -4.75 -2.89
C GLN A 50 2.41 -5.43 -3.52
N CYS A 51 1.25 -5.29 -2.89
CA CYS A 51 0.02 -5.91 -3.38
C CYS A 51 -0.79 -4.91 -4.20
N ASN A 52 -0.43 -3.64 -4.10
CA ASN A 52 -1.13 -2.59 -4.83
C ASN A 52 -2.52 -2.36 -4.25
N ALA A 53 -2.59 -2.14 -2.94
CA ALA A 53 -3.86 -1.92 -2.26
C ALA A 53 -4.02 -0.45 -1.87
N ALA A 54 -4.76 0.30 -2.68
CA ALA A 54 -4.99 1.72 -2.42
C ALA A 54 -6.16 1.92 -1.47
N ILE A 55 -5.95 2.68 -0.40
CA ILE A 55 -7.00 2.96 0.57
C ILE A 55 -6.90 4.38 1.09
N HIS A 56 -7.87 4.77 1.92
CA HIS A 56 -7.90 6.11 2.49
C HIS A 56 -6.96 6.21 3.69
N LYS A 57 -6.31 7.37 3.83
CA LYS A 57 -5.39 7.59 4.93
C LYS A 57 -6.00 7.16 6.26
N LYS A 58 -7.32 7.25 6.35
CA LYS A 58 -8.04 6.87 7.56
C LYS A 58 -8.39 5.39 7.54
N CYS A 59 -8.60 4.85 6.35
CA CYS A 59 -8.95 3.44 6.19
C CYS A 59 -7.80 2.55 6.66
N ILE A 60 -6.60 3.11 6.73
CA ILE A 60 -5.43 2.37 7.15
C ILE A 60 -5.61 1.83 8.56
N ASP A 61 -6.24 2.62 9.44
CA ASP A 61 -6.47 2.22 10.81
C ASP A 61 -7.66 1.26 10.90
N LYS A 62 -8.27 0.98 9.76
CA LYS A 62 -9.42 0.09 9.69
C LYS A 62 -9.01 -1.30 9.22
N ILE A 63 -8.06 -1.35 8.29
CA ILE A 63 -7.57 -2.61 7.76
C ILE A 63 -7.59 -3.70 8.82
N ILE A 64 -7.86 -4.93 8.40
CA ILE A 64 -7.91 -6.06 9.32
C ILE A 64 -7.04 -7.21 8.82
N GLY A 65 -7.24 -7.62 7.57
CA GLY A 65 -6.47 -8.70 7.00
C GLY A 65 -4.98 -8.40 7.00
N ARG A 66 -4.22 -9.18 6.23
CA ARG A 66 -2.78 -9.00 6.15
C ARG A 66 -2.35 -8.80 4.70
N CYS A 67 -1.05 -8.55 4.50
CA CYS A 67 -0.51 -8.34 3.17
C CYS A 67 -0.19 -9.68 2.49
N THR A 68 -0.45 -9.75 1.19
CA THR A 68 -0.20 -10.96 0.42
C THR A 68 0.68 -10.68 -0.78
N GLY A 69 1.58 -9.71 -0.64
CA GLY A 69 2.47 -9.36 -1.72
C GLY A 69 3.84 -9.98 -1.57
N THR A 70 4.27 -10.17 -0.32
CA THR A 70 5.57 -10.76 -0.05
C THR A 70 5.62 -12.23 -0.47
N ALA A 71 4.49 -12.74 -0.93
CA ALA A 71 4.40 -14.13 -1.37
C ALA A 71 5.69 -14.58 -2.02
N ALA A 72 6.53 -15.27 -1.24
CA ALA A 72 7.81 -15.75 -1.74
C ALA A 72 7.70 -16.19 -3.20
N ASN A 73 8.63 -15.71 -4.02
CA ASN A 73 8.63 -16.04 -5.45
C ASN A 73 9.31 -17.40 -5.68
N SER A 74 10.42 -17.62 -4.98
CA SER A 74 11.17 -18.87 -5.12
C SER A 74 10.35 -20.05 -4.61
N ARG A 75 10.82 -21.25 -4.89
CA ARG A 75 10.14 -22.47 -4.45
C ARG A 75 9.75 -22.37 -2.98
N ASP A 76 8.47 -22.09 -2.74
CA ASP A 76 7.97 -21.97 -1.36
C ASP A 76 6.77 -22.90 -1.15
N THR A 77 6.34 -23.01 0.10
CA THR A 77 5.21 -23.84 0.45
C THR A 77 4.00 -23.02 0.88
N SER A 78 3.76 -21.93 0.15
CA SER A 78 2.64 -21.05 0.45
C SER A 78 1.67 -20.97 -0.73
N GLY A 79 0.75 -21.91 -0.79
CA GLY A 79 -0.22 -21.94 -1.88
C GLY A 79 -1.39 -22.84 -1.58
N PRO A 80 -2.39 -22.32 -0.84
CA PRO A 80 -3.58 -23.07 -0.47
C PRO A 80 -4.50 -23.33 -1.66
N SER A 81 -4.63 -24.60 -2.03
CA SER A 81 -5.47 -24.98 -3.17
C SER A 81 -6.90 -25.24 -2.72
N SER A 82 -7.86 -24.60 -3.39
CA SER A 82 -9.26 -24.76 -3.06
C SER A 82 -10.14 -24.59 -4.30
N GLY A 83 -11.35 -25.14 -4.25
CA GLY A 83 -12.26 -25.04 -5.36
C GLY A 83 -13.41 -26.03 -5.27
ZN ZN B . 0.08 -5.00 0.86
ZN ZN C . -11.37 3.56 2.12
N GLY A 1 17.04 15.18 -24.12
CA GLY A 1 15.87 15.75 -23.47
C GLY A 1 16.15 16.19 -22.05
N SER A 2 15.09 16.50 -21.31
CA SER A 2 15.22 16.94 -19.92
C SER A 2 14.37 16.09 -19.00
N SER A 3 15.02 15.31 -18.14
CA SER A 3 14.32 14.44 -17.20
C SER A 3 14.38 15.01 -15.79
N GLY A 4 15.57 15.48 -15.39
CA GLY A 4 15.74 16.03 -14.07
C GLY A 4 15.54 15.00 -12.97
N SER A 5 16.28 15.15 -11.87
CA SER A 5 16.18 14.22 -10.76
C SER A 5 15.48 14.87 -9.57
N SER A 6 14.65 14.09 -8.88
CA SER A 6 13.91 14.59 -7.73
C SER A 6 14.17 13.72 -6.49
N GLY A 7 14.28 14.37 -5.35
CA GLY A 7 14.54 13.65 -4.11
C GLY A 7 13.68 14.15 -2.96
N LYS A 8 12.75 13.31 -2.51
CA LYS A 8 11.86 13.68 -1.41
C LYS A 8 11.92 12.64 -0.30
N GLN A 9 11.36 12.98 0.85
CA GLN A 9 11.35 12.08 2.00
C GLN A 9 10.14 11.14 1.94
N ALA A 10 10.41 9.84 1.99
CA ALA A 10 9.34 8.84 1.95
C ALA A 10 9.49 7.83 3.08
N LYS A 11 8.39 7.19 3.44
CA LYS A 11 8.40 6.21 4.51
C LYS A 11 7.35 5.13 4.26
N ILE A 12 7.62 3.91 4.74
CA ILE A 12 6.71 2.80 4.57
C ILE A 12 5.97 2.49 5.86
N HIS A 13 4.67 2.23 5.76
CA HIS A 13 3.85 1.91 6.92
C HIS A 13 3.69 0.39 7.08
N TYR A 14 4.41 -0.17 8.03
CA TYR A 14 4.35 -1.61 8.29
C TYR A 14 3.08 -1.97 9.04
N ILE A 15 1.94 -1.53 8.52
CA ILE A 15 0.66 -1.81 9.15
C ILE A 15 0.10 -3.15 8.68
N LYS A 16 -0.48 -3.90 9.61
CA LYS A 16 -1.05 -5.20 9.29
C LYS A 16 -0.11 -6.02 8.41
N ASN A 17 1.19 -5.73 8.52
CA ASN A 17 2.19 -6.44 7.74
C ASN A 17 2.16 -6.01 6.28
N HIS A 18 1.87 -4.73 6.06
CA HIS A 18 1.81 -4.18 4.70
C HIS A 18 2.96 -3.23 4.45
N GLU A 19 3.01 -2.67 3.24
CA GLU A 19 4.07 -1.74 2.87
C GLU A 19 3.47 -0.44 2.32
N PHE A 20 2.27 -0.10 2.77
CA PHE A 20 1.59 1.11 2.32
C PHE A 20 2.57 2.28 2.25
N ILE A 21 2.77 2.80 1.04
CA ILE A 21 3.68 3.94 0.85
C ILE A 21 2.92 5.16 0.38
N ALA A 22 3.12 6.27 1.08
CA ALA A 22 2.46 7.53 0.72
C ALA A 22 2.56 7.80 -0.77
N THR A 23 1.41 7.96 -1.42
CA THR A 23 1.37 8.22 -2.85
C THR A 23 0.20 9.13 -3.21
N PHE A 24 0.39 9.95 -4.24
CA PHE A 24 -0.65 10.87 -4.68
C PHE A 24 -1.45 10.28 -5.85
N PHE A 25 -2.70 9.94 -5.58
CA PHE A 25 -3.57 9.36 -6.61
C PHE A 25 -4.22 10.45 -7.45
N GLY A 26 -3.47 10.96 -8.42
CA GLY A 26 -4.00 12.01 -9.28
C GLY A 26 -5.40 11.70 -9.79
N GLN A 27 -5.76 10.42 -9.74
CA GLN A 27 -7.09 9.99 -10.20
C GLN A 27 -7.87 9.32 -9.07
N PRO A 28 -9.20 9.29 -9.22
CA PRO A 28 -10.09 8.68 -8.22
C PRO A 28 -9.95 7.16 -8.19
N THR A 29 -9.07 6.66 -7.34
CA THR A 29 -8.86 5.23 -7.20
C THR A 29 -9.96 4.57 -6.39
N PHE A 30 -10.21 3.29 -6.66
CA PHE A 30 -11.25 2.55 -5.94
C PHE A 30 -10.69 1.93 -4.67
N CYS A 31 -10.95 2.58 -3.53
CA CYS A 31 -10.46 2.09 -2.25
C CYS A 31 -10.84 0.62 -2.05
N SER A 32 -10.20 -0.01 -1.08
CA SER A 32 -10.47 -1.42 -0.79
C SER A 32 -11.22 -1.58 0.52
N VAL A 33 -11.01 -0.63 1.44
CA VAL A 33 -11.67 -0.66 2.73
C VAL A 33 -13.10 -0.11 2.63
N CYS A 34 -13.21 1.19 2.42
CA CYS A 34 -14.51 1.83 2.31
C CYS A 34 -15.03 1.76 0.88
N LYS A 35 -14.11 1.72 -0.09
CA LYS A 35 -14.49 1.64 -1.49
C LYS A 35 -15.09 2.95 -1.97
N ASP A 36 -14.39 4.05 -1.70
CA ASP A 36 -14.87 5.38 -2.12
C ASP A 36 -14.13 5.86 -3.35
N PHE A 37 -14.41 7.10 -3.75
CA PHE A 37 -13.77 7.68 -4.92
C PHE A 37 -12.26 7.80 -4.71
N VAL A 38 -11.87 8.32 -3.55
CA VAL A 38 -10.46 8.48 -3.22
C VAL A 38 -9.81 9.54 -4.10
N TRP A 39 -10.43 10.72 -4.17
CA TRP A 39 -9.92 11.81 -4.97
C TRP A 39 -9.99 13.13 -4.22
N GLY A 40 -9.09 14.05 -4.55
CA GLY A 40 -9.06 15.34 -3.89
C GLY A 40 -7.99 16.26 -4.43
N LEU A 41 -7.50 17.16 -3.60
CA LEU A 41 -6.46 18.10 -4.01
C LEU A 41 -5.15 17.84 -3.26
N ASN A 42 -5.21 17.97 -1.93
CA ASN A 42 -4.03 17.74 -1.10
C ASN A 42 -4.15 16.43 -0.34
N LYS A 43 -5.29 16.23 0.32
CA LYS A 43 -5.54 15.03 1.09
C LYS A 43 -5.25 13.78 0.26
N GLN A 44 -4.07 13.19 0.45
CA GLN A 44 -3.68 12.00 -0.29
C GLN A 44 -3.99 10.74 0.52
N GLY A 45 -3.87 9.58 -0.13
CA GLY A 45 -4.13 8.32 0.54
C GLY A 45 -2.90 7.44 0.64
N TYR A 46 -3.11 6.14 0.64
CA TYR A 46 -2.01 5.19 0.73
C TYR A 46 -2.14 4.08 -0.31
N LYS A 47 -1.02 3.54 -0.75
CA LYS A 47 -1.02 2.47 -1.74
C LYS A 47 0.15 1.51 -1.51
N CYS A 48 -0.19 0.25 -1.21
CA CYS A 48 0.84 -0.77 -0.96
C CYS A 48 1.60 -1.09 -2.25
N ARG A 49 2.90 -0.84 -2.22
CA ARG A 49 3.74 -1.12 -3.39
C ARG A 49 4.05 -2.60 -3.50
N GLN A 50 3.35 -3.41 -2.70
CA GLN A 50 3.54 -4.86 -2.72
C GLN A 50 2.34 -5.56 -3.34
N CYS A 51 1.17 -5.36 -2.74
CA CYS A 51 -0.06 -5.98 -3.24
C CYS A 51 -0.85 -5.00 -4.09
N ASN A 52 -0.45 -3.73 -4.05
CA ASN A 52 -1.13 -2.69 -4.82
C ASN A 52 -2.52 -2.42 -4.26
N ALA A 53 -2.59 -2.12 -2.96
CA ALA A 53 -3.86 -1.85 -2.31
C ALA A 53 -3.97 -0.37 -1.95
N ALA A 54 -4.79 0.37 -2.70
CA ALA A 54 -4.98 1.79 -2.47
C ALA A 54 -6.12 2.02 -1.46
N ILE A 55 -5.80 2.73 -0.38
CA ILE A 55 -6.78 3.02 0.65
C ILE A 55 -6.63 4.44 1.17
N HIS A 56 -7.54 4.85 2.05
CA HIS A 56 -7.49 6.19 2.63
C HIS A 56 -6.60 6.21 3.87
N LYS A 57 -6.06 7.39 4.18
CA LYS A 57 -5.19 7.54 5.35
C LYS A 57 -5.89 7.07 6.61
N LYS A 58 -7.21 7.23 6.64
CA LYS A 58 -7.99 6.81 7.80
C LYS A 58 -8.39 5.34 7.70
N CYS A 59 -8.53 4.85 6.47
CA CYS A 59 -8.89 3.46 6.22
C CYS A 59 -7.78 2.52 6.67
N ILE A 60 -6.57 3.06 6.79
CA ILE A 60 -5.42 2.26 7.20
C ILE A 60 -5.65 1.65 8.58
N ASP A 61 -6.30 2.40 9.46
CA ASP A 61 -6.59 1.93 10.81
C ASP A 61 -7.83 1.06 10.84
N LYS A 62 -8.44 0.88 9.67
CA LYS A 62 -9.65 0.07 9.55
C LYS A 62 -9.33 -1.31 9.00
N ILE A 63 -8.41 -1.37 8.04
CA ILE A 63 -8.02 -2.63 7.44
C ILE A 63 -8.06 -3.77 8.45
N ILE A 64 -8.62 -4.90 8.04
CA ILE A 64 -8.73 -6.07 8.90
C ILE A 64 -8.13 -7.30 8.25
N GLY A 65 -6.84 -7.52 8.46
CA GLY A 65 -6.17 -8.67 7.88
C GLY A 65 -4.67 -8.47 7.77
N ARG A 66 -4.07 -9.07 6.75
CA ARG A 66 -2.63 -8.97 6.54
C ARG A 66 -2.31 -8.78 5.05
N CYS A 67 -1.04 -8.56 4.75
CA CYS A 67 -0.61 -8.36 3.37
C CYS A 67 -0.33 -9.70 2.69
N THR A 68 -0.81 -9.84 1.46
CA THR A 68 -0.62 -11.07 0.70
C THR A 68 0.15 -10.81 -0.60
N GLY A 69 1.14 -9.93 -0.52
CA GLY A 69 1.94 -9.61 -1.70
C GLY A 69 3.42 -9.51 -1.39
N THR A 70 3.93 -10.46 -0.61
CA THR A 70 5.34 -10.48 -0.24
C THR A 70 5.79 -11.88 0.15
N ALA A 71 7.03 -12.22 -0.18
CA ALA A 71 7.57 -13.53 0.15
C ALA A 71 8.09 -13.57 1.57
N ALA A 72 7.26 -14.08 2.48
CA ALA A 72 7.64 -14.18 3.89
C ALA A 72 7.18 -15.51 4.49
N ASN A 73 8.09 -16.17 5.18
CA ASN A 73 7.78 -17.46 5.81
C ASN A 73 7.53 -17.29 7.30
N SER A 74 6.26 -17.07 7.68
CA SER A 74 5.89 -16.90 9.07
C SER A 74 5.06 -18.06 9.57
N ARG A 75 5.69 -19.01 10.25
CA ARG A 75 5.01 -20.17 10.78
C ARG A 75 3.95 -20.68 9.79
N ASP A 76 4.32 -20.69 8.51
CA ASP A 76 3.41 -21.16 7.46
C ASP A 76 3.33 -22.68 7.44
N THR A 77 2.14 -23.21 7.71
CA THR A 77 1.94 -24.66 7.72
C THR A 77 2.11 -25.25 6.32
N SER A 78 3.23 -25.93 6.11
CA SER A 78 3.51 -26.54 4.81
C SER A 78 4.05 -27.96 4.99
N GLY A 79 4.24 -28.66 3.88
CA GLY A 79 4.75 -30.01 3.93
C GLY A 79 5.58 -30.37 2.71
N PRO A 80 6.72 -29.67 2.54
CA PRO A 80 7.62 -29.90 1.40
C PRO A 80 8.33 -31.24 1.50
N SER A 81 9.23 -31.50 0.54
CA SER A 81 9.98 -32.74 0.52
C SER A 81 11.42 -32.50 0.07
N SER A 82 12.35 -33.20 0.70
CA SER A 82 13.77 -33.06 0.38
C SER A 82 14.25 -31.64 0.68
N GLY A 83 13.83 -31.11 1.83
CA GLY A 83 14.24 -29.77 2.21
C GLY A 83 15.41 -29.78 3.16
ZN ZN B . -0.05 -5.00 0.97
ZN ZN C . -11.28 4.12 2.06
N GLY A 1 17.70 12.22 -24.98
CA GLY A 1 18.28 11.85 -23.70
C GLY A 1 17.27 11.17 -22.79
N SER A 2 17.64 11.01 -21.52
CA SER A 2 16.77 10.37 -20.55
C SER A 2 17.15 10.77 -19.13
N SER A 3 16.15 10.89 -18.26
CA SER A 3 16.39 11.27 -16.88
C SER A 3 15.11 11.18 -16.06
N GLY A 4 15.22 11.38 -14.75
CA GLY A 4 14.06 11.32 -13.88
C GLY A 4 14.23 12.15 -12.63
N SER A 5 13.32 11.98 -11.68
CA SER A 5 13.37 12.72 -10.42
C SER A 5 12.66 11.96 -9.31
N SER A 6 13.12 12.15 -8.08
CA SER A 6 12.54 11.48 -6.92
C SER A 6 11.15 12.04 -6.63
N GLY A 7 11.07 13.36 -6.49
CA GLY A 7 9.79 14.00 -6.21
C GLY A 7 9.74 14.56 -4.80
N LYS A 8 9.10 13.82 -3.90
CA LYS A 8 8.97 14.25 -2.51
C LYS A 8 9.28 13.10 -1.55
N GLN A 9 9.65 13.45 -0.32
CA GLN A 9 9.96 12.45 0.68
C GLN A 9 8.77 11.53 0.96
N ALA A 10 9.04 10.35 1.49
CA ALA A 10 7.99 9.39 1.79
C ALA A 10 8.45 8.38 2.85
N LYS A 11 7.56 7.46 3.20
CA LYS A 11 7.87 6.44 4.20
C LYS A 11 6.94 5.24 4.07
N ILE A 12 7.42 4.08 4.50
CA ILE A 12 6.63 2.85 4.44
C ILE A 12 5.91 2.60 5.75
N HIS A 13 4.63 2.22 5.66
CA HIS A 13 3.84 1.94 6.84
C HIS A 13 3.69 0.43 7.06
N TYR A 14 4.43 -0.08 8.03
CA TYR A 14 4.39 -1.51 8.34
C TYR A 14 3.12 -1.87 9.12
N ILE A 15 1.97 -1.53 8.55
CA ILE A 15 0.69 -1.81 9.19
C ILE A 15 0.15 -3.16 8.74
N LYS A 16 -0.43 -3.90 9.67
CA LYS A 16 -1.00 -5.20 9.37
C LYS A 16 -0.06 -6.02 8.49
N ASN A 17 1.24 -5.74 8.59
CA ASN A 17 2.24 -6.44 7.81
C ASN A 17 2.22 -5.99 6.35
N HIS A 18 1.95 -4.70 6.15
CA HIS A 18 1.90 -4.13 4.81
C HIS A 18 3.04 -3.14 4.59
N GLU A 19 3.05 -2.50 3.44
CA GLU A 19 4.08 -1.52 3.10
C GLU A 19 3.47 -0.26 2.50
N PHE A 20 2.20 -0.01 2.81
CA PHE A 20 1.50 1.15 2.30
C PHE A 20 2.43 2.35 2.22
N ILE A 21 2.82 2.71 0.99
CA ILE A 21 3.71 3.84 0.78
C ILE A 21 2.94 5.07 0.31
N ALA A 22 3.12 6.17 1.02
CA ALA A 22 2.44 7.42 0.67
C ALA A 22 2.57 7.73 -0.81
N THR A 23 1.44 7.89 -1.48
CA THR A 23 1.44 8.18 -2.91
C THR A 23 0.29 9.12 -3.27
N PHE A 24 0.53 9.98 -4.26
CA PHE A 24 -0.48 10.93 -4.70
C PHE A 24 -1.32 10.35 -5.83
N PHE A 25 -2.64 10.36 -5.64
CA PHE A 25 -3.57 9.82 -6.64
C PHE A 25 -4.30 10.95 -7.35
N GLY A 26 -3.76 11.36 -8.50
CA GLY A 26 -4.38 12.44 -9.26
C GLY A 26 -5.78 12.09 -9.71
N GLN A 27 -6.09 10.81 -9.75
CA GLN A 27 -7.41 10.34 -10.16
C GLN A 27 -8.11 9.59 -9.03
N PRO A 28 -9.45 9.59 -9.05
CA PRO A 28 -10.26 8.92 -8.04
C PRO A 28 -10.17 7.40 -8.13
N THR A 29 -9.20 6.83 -7.43
CA THR A 29 -9.00 5.38 -7.43
C THR A 29 -10.07 4.67 -6.61
N PHE A 30 -10.17 3.36 -6.77
CA PHE A 30 -11.15 2.56 -6.05
C PHE A 30 -10.54 1.98 -4.77
N CYS A 31 -10.91 2.56 -3.64
CA CYS A 31 -10.40 2.11 -2.34
C CYS A 31 -10.73 0.63 -2.12
N SER A 32 -10.04 0.02 -1.17
CA SER A 32 -10.24 -1.40 -0.87
C SER A 32 -11.01 -1.56 0.44
N VAL A 33 -10.67 -0.75 1.43
CA VAL A 33 -11.32 -0.80 2.73
C VAL A 33 -12.78 -0.36 2.63
N CYS A 34 -12.98 0.93 2.36
CA CYS A 34 -14.33 1.48 2.24
C CYS A 34 -14.88 1.26 0.83
N LYS A 35 -13.98 1.28 -0.16
CA LYS A 35 -14.38 1.09 -1.55
C LYS A 35 -15.19 2.27 -2.06
N ASP A 36 -14.67 3.48 -1.82
CA ASP A 36 -15.35 4.69 -2.26
C ASP A 36 -14.39 5.60 -3.04
N PHE A 37 -14.88 6.16 -4.14
CA PHE A 37 -14.08 7.04 -4.97
C PHE A 37 -13.09 7.84 -4.13
N VAL A 38 -11.82 7.47 -4.19
CA VAL A 38 -10.78 8.15 -3.44
C VAL A 38 -10.44 9.50 -4.07
N TRP A 39 -11.26 10.51 -3.80
CA TRP A 39 -11.03 11.84 -4.36
C TRP A 39 -11.81 12.88 -3.56
N GLY A 40 -11.13 13.96 -3.18
CA GLY A 40 -11.77 15.01 -2.41
C GLY A 40 -11.18 15.18 -1.03
N LEU A 41 -9.86 15.05 -0.93
CA LEU A 41 -9.17 15.18 0.35
C LEU A 41 -7.97 16.10 0.23
N ASN A 42 -7.70 16.86 1.28
CA ASN A 42 -6.58 17.79 1.29
C ASN A 42 -5.29 17.09 1.69
N LYS A 43 -5.12 15.86 1.19
CA LYS A 43 -3.92 15.07 1.49
C LYS A 43 -3.91 13.78 0.68
N GLN A 44 -2.71 13.24 0.46
CA GLN A 44 -2.56 12.01 -0.30
C GLN A 44 -2.99 10.80 0.54
N GLY A 45 -3.43 9.75 -0.14
CA GLY A 45 -3.87 8.54 0.55
C GLY A 45 -2.72 7.57 0.78
N TYR A 46 -3.01 6.28 0.64
CA TYR A 46 -2.01 5.25 0.84
C TYR A 46 -2.17 4.13 -0.18
N LYS A 47 -1.05 3.58 -0.64
CA LYS A 47 -1.06 2.50 -1.61
C LYS A 47 0.09 1.53 -1.37
N CYS A 48 -0.23 0.26 -1.15
CA CYS A 48 0.78 -0.76 -0.92
C CYS A 48 1.54 -1.09 -2.19
N ARG A 49 2.85 -0.91 -2.16
CA ARG A 49 3.69 -1.18 -3.32
C ARG A 49 3.92 -2.68 -3.49
N GLN A 50 3.18 -3.47 -2.71
CA GLN A 50 3.30 -4.93 -2.77
C GLN A 50 2.06 -5.55 -3.40
N CYS A 51 0.93 -5.43 -2.71
CA CYS A 51 -0.33 -5.98 -3.22
C CYS A 51 -1.06 -4.96 -4.08
N ASN A 52 -0.60 -3.72 -4.03
CA ASN A 52 -1.21 -2.65 -4.81
C ASN A 52 -2.62 -2.34 -4.31
N ALA A 53 -2.74 -2.14 -3.00
CA ALA A 53 -4.03 -1.84 -2.40
C ALA A 53 -4.10 -0.38 -1.96
N ALA A 54 -4.80 0.44 -2.75
CA ALA A 54 -4.95 1.85 -2.45
C ALA A 54 -6.10 2.09 -1.47
N ILE A 55 -5.79 2.73 -0.35
CA ILE A 55 -6.80 3.02 0.66
C ILE A 55 -6.65 4.43 1.21
N HIS A 56 -7.60 4.85 2.03
CA HIS A 56 -7.57 6.19 2.63
C HIS A 56 -6.67 6.21 3.86
N LYS A 57 -6.14 7.38 4.18
CA LYS A 57 -5.26 7.55 5.33
C LYS A 57 -5.96 7.07 6.61
N LYS A 58 -7.29 7.12 6.61
CA LYS A 58 -8.06 6.69 7.77
C LYS A 58 -8.46 5.23 7.63
N CYS A 59 -8.59 4.76 6.40
CA CYS A 59 -8.96 3.37 6.14
C CYS A 59 -7.85 2.42 6.57
N ILE A 60 -6.66 2.97 6.79
CA ILE A 60 -5.52 2.16 7.20
C ILE A 60 -5.76 1.51 8.56
N ASP A 61 -6.34 2.27 9.48
CA ASP A 61 -6.64 1.77 10.82
C ASP A 61 -7.93 0.96 10.83
N LYS A 62 -8.49 0.74 9.64
CA LYS A 62 -9.72 -0.03 9.50
C LYS A 62 -9.45 -1.40 8.89
N ILE A 63 -8.47 -1.45 8.00
CA ILE A 63 -8.10 -2.70 7.34
C ILE A 63 -8.33 -3.89 8.26
N ILE A 64 -8.71 -5.02 7.67
CA ILE A 64 -8.95 -6.24 8.45
C ILE A 64 -8.26 -7.44 7.81
N GLY A 65 -6.94 -7.52 7.99
CA GLY A 65 -6.18 -8.61 7.43
C GLY A 65 -4.73 -8.25 7.19
N ARG A 66 -3.91 -9.25 6.85
CA ARG A 66 -2.49 -9.03 6.60
C ARG A 66 -2.24 -8.79 5.12
N CYS A 67 -0.98 -8.58 4.76
CA CYS A 67 -0.59 -8.33 3.38
C CYS A 67 -0.34 -9.64 2.64
N THR A 68 -0.86 -9.73 1.42
CA THR A 68 -0.69 -10.93 0.61
C THR A 68 -0.13 -10.59 -0.77
N GLY A 69 0.80 -9.65 -0.80
CA GLY A 69 1.40 -9.25 -2.05
C GLY A 69 2.89 -9.59 -2.13
N THR A 70 3.22 -10.80 -1.73
CA THR A 70 4.60 -11.26 -1.74
C THR A 70 4.73 -12.64 -2.36
N ALA A 71 5.56 -12.75 -3.40
CA ALA A 71 5.76 -14.02 -4.08
C ALA A 71 6.72 -14.91 -3.30
N ALA A 72 6.18 -15.78 -2.46
CA ALA A 72 6.99 -16.68 -1.66
C ALA A 72 8.14 -17.27 -2.48
N ASN A 73 9.20 -17.67 -1.79
CA ASN A 73 10.37 -18.24 -2.46
C ASN A 73 10.01 -19.54 -3.18
N SER A 74 9.85 -19.45 -4.49
CA SER A 74 9.50 -20.63 -5.29
C SER A 74 10.72 -21.52 -5.51
N ARG A 75 10.46 -22.79 -5.80
CA ARG A 75 11.54 -23.75 -6.02
C ARG A 75 12.29 -23.43 -7.31
N ASP A 76 13.21 -22.47 -7.22
CA ASP A 76 14.00 -22.06 -8.39
C ASP A 76 15.31 -21.42 -7.95
N THR A 77 16.23 -21.27 -8.90
CA THR A 77 17.53 -20.68 -8.61
C THR A 77 17.39 -19.45 -7.71
N SER A 78 17.94 -19.55 -6.50
CA SER A 78 17.87 -18.44 -5.55
C SER A 78 18.69 -18.76 -4.30
N GLY A 79 18.93 -17.73 -3.48
CA GLY A 79 19.69 -17.92 -2.27
C GLY A 79 20.62 -16.76 -1.99
N PRO A 80 20.13 -15.77 -1.21
CA PRO A 80 20.90 -14.59 -0.85
C PRO A 80 22.05 -14.91 0.11
N SER A 81 23.08 -14.06 0.10
CA SER A 81 24.23 -14.25 0.97
C SER A 81 24.96 -12.93 1.21
N SER A 82 26.00 -12.99 2.03
CA SER A 82 26.78 -11.81 2.35
C SER A 82 28.18 -12.17 2.81
N GLY A 83 29.01 -11.17 3.07
CA GLY A 83 30.37 -11.41 3.52
C GLY A 83 31.09 -10.13 3.88
ZN ZN B . -0.11 -5.02 0.98
ZN ZN C . -11.24 3.93 1.89
N GLY A 1 -1.26 5.78 -23.82
CA GLY A 1 -1.10 5.61 -22.38
C GLY A 1 0.24 6.06 -21.88
N SER A 2 0.31 6.42 -20.60
CA SER A 2 1.56 6.88 -20.01
C SER A 2 1.68 6.41 -18.56
N SER A 3 2.88 6.50 -18.00
CA SER A 3 3.12 6.09 -16.63
C SER A 3 4.55 6.42 -16.20
N GLY A 4 4.71 6.80 -14.93
CA GLY A 4 6.03 7.14 -14.42
C GLY A 4 6.17 6.82 -12.95
N SER A 5 7.20 7.38 -12.33
CA SER A 5 7.46 7.14 -10.91
C SER A 5 7.51 8.46 -10.15
N SER A 6 8.32 9.40 -10.63
CA SER A 6 8.45 10.70 -10.00
C SER A 6 8.33 10.58 -8.48
N GLY A 7 9.04 9.59 -7.92
CA GLY A 7 8.99 9.39 -6.49
C GLY A 7 9.14 10.67 -5.71
N LYS A 8 8.89 10.62 -4.40
CA LYS A 8 9.00 11.79 -3.54
C LYS A 8 9.33 11.38 -2.11
N GLN A 9 9.50 12.38 -1.25
CA GLN A 9 9.82 12.12 0.15
C GLN A 9 8.66 11.45 0.87
N ALA A 10 8.92 10.29 1.46
CA ALA A 10 7.89 9.55 2.18
C ALA A 10 8.49 8.35 2.90
N LYS A 11 7.62 7.53 3.52
CA LYS A 11 8.06 6.35 4.23
C LYS A 11 7.06 5.22 4.07
N ILE A 12 7.44 4.02 4.52
CA ILE A 12 6.57 2.86 4.42
C ILE A 12 5.88 2.59 5.74
N HIS A 13 4.58 2.25 5.68
CA HIS A 13 3.80 1.96 6.86
C HIS A 13 3.66 0.46 7.07
N TYR A 14 4.36 -0.06 8.08
CA TYR A 14 4.32 -1.49 8.37
C TYR A 14 3.04 -1.85 9.13
N ILE A 15 1.89 -1.55 8.52
CA ILE A 15 0.61 -1.84 9.13
C ILE A 15 0.06 -3.18 8.65
N LYS A 16 -0.52 -3.95 9.57
CA LYS A 16 -1.08 -5.25 9.24
C LYS A 16 -0.13 -6.05 8.37
N ASN A 17 1.16 -5.76 8.48
CA ASN A 17 2.17 -6.45 7.69
C ASN A 17 2.17 -5.97 6.25
N HIS A 18 1.88 -4.69 6.06
CA HIS A 18 1.85 -4.11 4.72
C HIS A 18 2.96 -3.08 4.53
N GLU A 19 3.11 -2.59 3.31
CA GLU A 19 4.14 -1.60 3.00
C GLU A 19 3.52 -0.34 2.43
N PHE A 20 2.27 -0.08 2.79
CA PHE A 20 1.57 1.10 2.30
C PHE A 20 2.51 2.31 2.22
N ILE A 21 2.79 2.75 1.00
CA ILE A 21 3.67 3.88 0.80
C ILE A 21 2.89 5.13 0.39
N ALA A 22 3.19 6.25 1.05
CA ALA A 22 2.51 7.51 0.75
C ALA A 22 2.59 7.84 -0.74
N THR A 23 1.43 7.97 -1.38
CA THR A 23 1.36 8.29 -2.80
C THR A 23 0.14 9.13 -3.12
N PHE A 24 0.22 9.89 -4.21
CA PHE A 24 -0.89 10.74 -4.63
C PHE A 24 -1.55 10.19 -5.89
N PHE A 25 -2.82 9.83 -5.78
CA PHE A 25 -3.57 9.29 -6.91
C PHE A 25 -4.43 10.37 -7.56
N GLY A 26 -3.87 11.06 -8.54
CA GLY A 26 -4.60 12.12 -9.22
C GLY A 26 -5.94 11.64 -9.76
N GLN A 27 -6.07 10.33 -9.92
CA GLN A 27 -7.30 9.75 -10.43
C GLN A 27 -8.08 9.05 -9.32
N PRO A 28 -9.41 8.98 -9.48
CA PRO A 28 -10.29 8.34 -8.51
C PRO A 28 -10.10 6.82 -8.46
N THR A 29 -9.22 6.37 -7.57
CA THR A 29 -8.95 4.94 -7.43
C THR A 29 -10.04 4.26 -6.61
N PHE A 30 -10.02 2.93 -6.61
CA PHE A 30 -11.00 2.16 -5.87
C PHE A 30 -10.41 1.61 -4.58
N CYS A 31 -10.81 2.21 -3.46
CA CYS A 31 -10.31 1.79 -2.15
C CYS A 31 -10.63 0.31 -1.90
N SER A 32 -9.94 -0.27 -0.92
CA SER A 32 -10.15 -1.68 -0.58
C SER A 32 -10.96 -1.81 0.70
N VAL A 33 -10.79 -0.86 1.61
CA VAL A 33 -11.51 -0.87 2.87
C VAL A 33 -12.95 -0.40 2.69
N CYS A 34 -13.12 0.88 2.40
CA CYS A 34 -14.45 1.46 2.19
C CYS A 34 -14.92 1.25 0.76
N LYS A 35 -13.97 1.17 -0.16
CA LYS A 35 -14.28 0.97 -1.57
C LYS A 35 -15.01 2.18 -2.15
N ASP A 36 -14.41 3.36 -1.99
CA ASP A 36 -15.01 4.59 -2.49
C ASP A 36 -14.23 5.12 -3.69
N PHE A 37 -14.62 6.31 -4.16
CA PHE A 37 -13.95 6.93 -5.31
C PHE A 37 -12.56 7.41 -4.93
N VAL A 38 -12.42 7.91 -3.71
CA VAL A 38 -11.14 8.41 -3.22
C VAL A 38 -10.71 9.66 -4.00
N TRP A 39 -11.68 10.52 -4.29
CA TRP A 39 -11.40 11.76 -5.02
C TRP A 39 -12.10 12.94 -4.37
N GLY A 40 -12.11 12.97 -3.04
CA GLY A 40 -12.76 14.05 -2.33
C GLY A 40 -11.80 15.16 -1.97
N LEU A 41 -12.10 15.88 -0.90
CA LEU A 41 -11.25 16.99 -0.45
C LEU A 41 -9.77 16.61 -0.56
N ASN A 42 -8.96 17.57 -1.01
CA ASN A 42 -7.53 17.34 -1.15
C ASN A 42 -6.98 16.55 0.03
N LYS A 43 -6.91 15.23 -0.11
CA LYS A 43 -6.41 14.36 0.94
C LYS A 43 -5.67 13.17 0.36
N GLN A 44 -4.34 13.20 0.45
CA GLN A 44 -3.50 12.12 -0.08
C GLN A 44 -3.91 10.79 0.53
N GLY A 45 -3.65 9.71 -0.20
CA GLY A 45 -4.00 8.38 0.28
C GLY A 45 -2.79 7.48 0.40
N TYR A 46 -3.03 6.20 0.66
CA TYR A 46 -1.95 5.23 0.81
C TYR A 46 -2.11 4.08 -0.19
N LYS A 47 -0.99 3.54 -0.65
CA LYS A 47 -1.00 2.44 -1.60
C LYS A 47 0.18 1.50 -1.36
N CYS A 48 -0.10 0.20 -1.30
CA CYS A 48 0.94 -0.80 -1.08
C CYS A 48 1.69 -1.10 -2.37
N ARG A 49 2.99 -0.85 -2.37
CA ARG A 49 3.82 -1.09 -3.54
C ARG A 49 4.09 -2.58 -3.71
N GLN A 50 3.40 -3.40 -2.93
CA GLN A 50 3.56 -4.85 -3.00
C GLN A 50 2.32 -5.51 -3.59
N CYS A 51 1.22 -5.43 -2.87
CA CYS A 51 -0.04 -6.02 -3.32
C CYS A 51 -0.85 -5.02 -4.14
N ASN A 52 -0.49 -3.75 -4.05
CA ASN A 52 -1.18 -2.70 -4.78
C ASN A 52 -2.56 -2.43 -4.19
N ALA A 53 -2.60 -2.22 -2.87
CA ALA A 53 -3.85 -1.95 -2.18
C ALA A 53 -3.96 -0.48 -1.78
N ALA A 54 -4.67 0.30 -2.59
CA ALA A 54 -4.84 1.72 -2.33
C ALA A 54 -6.01 1.95 -1.37
N ILE A 55 -5.75 2.66 -0.28
CA ILE A 55 -6.77 2.96 0.71
C ILE A 55 -6.66 4.40 1.20
N HIS A 56 -7.60 4.78 2.06
CA HIS A 56 -7.60 6.14 2.61
C HIS A 56 -6.68 6.25 3.81
N LYS A 57 -6.21 7.46 4.09
CA LYS A 57 -5.32 7.70 5.22
C LYS A 57 -5.96 7.26 6.53
N LYS A 58 -7.29 7.23 6.55
CA LYS A 58 -8.02 6.82 7.74
C LYS A 58 -8.38 5.34 7.68
N CYS A 59 -8.61 4.84 6.46
CA CYS A 59 -8.95 3.44 6.27
C CYS A 59 -7.82 2.53 6.73
N ILE A 60 -6.64 3.10 6.87
CA ILE A 60 -5.47 2.34 7.32
C ILE A 60 -5.72 1.67 8.66
N ASP A 61 -6.33 2.41 9.58
CA ASP A 61 -6.65 1.90 10.91
C ASP A 61 -7.89 1.01 10.87
N LYS A 62 -8.46 0.85 9.68
CA LYS A 62 -9.65 0.03 9.50
C LYS A 62 -9.29 -1.36 8.98
N ILE A 63 -8.33 -1.40 8.05
CA ILE A 63 -7.90 -2.66 7.47
C ILE A 63 -7.94 -3.80 8.50
N ILE A 64 -8.16 -5.00 8.03
CA ILE A 64 -8.23 -6.17 8.91
C ILE A 64 -7.36 -7.31 8.38
N GLY A 65 -7.45 -7.55 7.07
CA GLY A 65 -6.68 -8.60 6.45
C GLY A 65 -5.18 -8.33 6.51
N ARG A 66 -4.39 -9.27 5.97
CA ARG A 66 -2.94 -9.13 5.96
C ARG A 66 -2.44 -8.90 4.54
N CYS A 67 -1.13 -8.63 4.41
CA CYS A 67 -0.52 -8.41 3.11
C CYS A 67 -0.10 -9.72 2.47
N THR A 68 -0.37 -9.85 1.18
CA THR A 68 -0.02 -11.06 0.44
C THR A 68 1.41 -11.00 -0.09
N GLY A 69 1.75 -9.85 -0.68
CA GLY A 69 3.09 -9.68 -1.22
C GLY A 69 3.07 -9.07 -2.61
N THR A 70 3.50 -9.86 -3.60
CA THR A 70 3.54 -9.40 -4.98
C THR A 70 2.41 -10.02 -5.80
N ALA A 71 2.20 -9.50 -7.00
CA ALA A 71 1.15 -10.01 -7.88
C ALA A 71 1.53 -9.82 -9.35
N ALA A 72 1.09 -10.75 -10.19
CA ALA A 72 1.38 -10.68 -11.62
C ALA A 72 0.46 -11.59 -12.41
N ASN A 73 0.50 -11.46 -13.73
CA ASN A 73 -0.33 -12.27 -14.61
C ASN A 73 0.48 -13.40 -15.25
N SER A 74 1.58 -13.04 -15.89
CA SER A 74 2.44 -14.02 -16.55
C SER A 74 2.49 -15.31 -15.75
N ARG A 75 2.75 -16.42 -16.44
CA ARG A 75 2.83 -17.72 -15.80
C ARG A 75 3.52 -17.63 -14.45
N ASP A 76 2.84 -18.09 -13.41
CA ASP A 76 3.39 -18.04 -12.06
C ASP A 76 2.79 -19.15 -11.20
N THR A 77 3.37 -19.35 -10.01
CA THR A 77 2.90 -20.39 -9.09
C THR A 77 1.71 -19.89 -8.27
N SER A 78 0.80 -19.19 -8.94
CA SER A 78 -0.38 -18.65 -8.26
C SER A 78 -1.59 -18.68 -9.18
N GLY A 79 -2.76 -18.37 -8.64
CA GLY A 79 -3.97 -18.36 -9.43
C GLY A 79 -4.90 -17.21 -9.07
N PRO A 80 -4.42 -15.97 -9.30
CA PRO A 80 -5.20 -14.76 -9.01
C PRO A 80 -6.39 -14.59 -9.94
N SER A 81 -7.51 -14.15 -9.38
CA SER A 81 -8.73 -13.95 -10.16
C SER A 81 -8.58 -12.75 -11.10
N SER A 82 -8.04 -13.02 -12.29
CA SER A 82 -7.83 -11.97 -13.29
C SER A 82 -8.33 -12.42 -14.66
N GLY A 83 -8.45 -11.47 -15.58
CA GLY A 83 -8.91 -11.79 -16.92
C GLY A 83 -9.69 -10.65 -17.55
ZN ZN B . 0.12 -5.02 0.89
ZN ZN C . -11.33 3.85 2.09
N GLY A 1 17.75 3.63 -26.38
CA GLY A 1 16.81 3.54 -25.26
C GLY A 1 16.89 4.74 -24.33
N SER A 2 16.25 4.62 -23.18
CA SER A 2 16.24 5.71 -22.20
C SER A 2 15.85 5.19 -20.82
N SER A 3 16.52 5.68 -19.79
CA SER A 3 16.25 5.27 -18.42
C SER A 3 16.53 6.40 -17.44
N GLY A 4 16.02 6.26 -16.22
CA GLY A 4 16.22 7.29 -15.21
C GLY A 4 15.82 6.82 -13.83
N SER A 5 15.87 7.73 -12.86
CA SER A 5 15.52 7.40 -11.48
C SER A 5 14.75 8.56 -10.84
N SER A 6 13.76 8.21 -10.03
CA SER A 6 12.93 9.21 -9.35
C SER A 6 13.12 9.13 -7.84
N GLY A 7 13.95 10.01 -7.29
CA GLY A 7 14.20 10.01 -5.86
C GLY A 7 13.27 10.95 -5.12
N LYS A 8 12.69 10.48 -4.01
CA LYS A 8 11.79 11.29 -3.22
C LYS A 8 11.78 10.82 -1.77
N GLN A 9 11.57 11.76 -0.85
CA GLN A 9 11.54 11.44 0.58
C GLN A 9 10.19 10.88 0.98
N ALA A 10 10.18 9.63 1.44
CA ALA A 10 8.96 8.96 1.86
C ALA A 10 9.22 7.95 2.95
N LYS A 11 8.17 7.28 3.41
CA LYS A 11 8.30 6.28 4.47
C LYS A 11 7.33 5.12 4.23
N ILE A 12 7.71 3.94 4.71
CA ILE A 12 6.88 2.76 4.56
C ILE A 12 6.14 2.42 5.85
N HIS A 13 4.84 2.19 5.75
CA HIS A 13 4.02 1.86 6.91
C HIS A 13 3.84 0.34 7.03
N TYR A 14 4.56 -0.26 7.96
CA TYR A 14 4.48 -1.69 8.18
C TYR A 14 3.23 -2.05 8.98
N ILE A 15 2.08 -1.60 8.51
CA ILE A 15 0.82 -1.87 9.19
C ILE A 15 0.23 -3.20 8.72
N LYS A 16 -0.34 -3.95 9.66
CA LYS A 16 -0.94 -5.24 9.36
C LYS A 16 -0.03 -6.07 8.46
N ASN A 17 1.28 -5.79 8.52
CA ASN A 17 2.25 -6.50 7.71
C ASN A 17 2.18 -6.08 6.25
N HIS A 18 1.90 -4.80 6.03
CA HIS A 18 1.80 -4.26 4.68
C HIS A 18 2.93 -3.28 4.39
N GLU A 19 2.89 -2.66 3.22
CA GLU A 19 3.93 -1.71 2.82
C GLU A 19 3.30 -0.42 2.30
N PHE A 20 2.14 -0.06 2.84
CA PHE A 20 1.43 1.14 2.43
C PHE A 20 2.39 2.33 2.35
N ILE A 21 2.67 2.78 1.13
CA ILE A 21 3.57 3.90 0.91
C ILE A 21 2.81 5.13 0.42
N ALA A 22 2.97 6.25 1.12
CA ALA A 22 2.30 7.48 0.76
C ALA A 22 2.45 7.76 -0.73
N THR A 23 1.32 7.99 -1.40
CA THR A 23 1.32 8.26 -2.84
C THR A 23 0.20 9.24 -3.21
N PHE A 24 0.38 9.93 -4.32
CA PHE A 24 -0.62 10.89 -4.79
C PHE A 24 -1.48 10.28 -5.88
N PHE A 25 -2.78 10.18 -5.61
CA PHE A 25 -3.72 9.61 -6.56
C PHE A 25 -4.46 10.71 -7.32
N GLY A 26 -3.80 11.26 -8.33
CA GLY A 26 -4.42 12.33 -9.12
C GLY A 26 -5.82 11.99 -9.55
N GLN A 27 -6.14 10.70 -9.61
CA GLN A 27 -7.47 10.25 -10.01
C GLN A 27 -8.16 9.51 -8.87
N PRO A 28 -9.50 9.54 -8.86
CA PRO A 28 -10.30 8.87 -7.84
C PRO A 28 -10.25 7.35 -7.94
N THR A 29 -9.19 6.76 -7.39
CA THR A 29 -9.01 5.31 -7.43
C THR A 29 -10.09 4.61 -6.60
N PHE A 30 -10.16 3.29 -6.75
CA PHE A 30 -11.14 2.49 -6.02
C PHE A 30 -10.52 1.90 -4.75
N CYS A 31 -10.97 2.38 -3.60
CA CYS A 31 -10.47 1.89 -2.32
C CYS A 31 -10.85 0.43 -2.10
N SER A 32 -10.16 -0.21 -1.16
CA SER A 32 -10.42 -1.61 -0.86
C SER A 32 -11.21 -1.76 0.44
N VAL A 33 -10.80 -1.00 1.46
CA VAL A 33 -11.46 -1.04 2.76
C VAL A 33 -12.90 -0.54 2.65
N CYS A 34 -13.06 0.76 2.40
CA CYS A 34 -14.37 1.37 2.28
C CYS A 34 -14.89 1.25 0.85
N LYS A 35 -13.97 1.25 -0.10
CA LYS A 35 -14.33 1.15 -1.51
C LYS A 35 -15.14 2.36 -1.96
N ASP A 36 -14.61 3.55 -1.72
CA ASP A 36 -15.30 4.79 -2.08
C ASP A 36 -14.37 5.68 -2.90
N PHE A 37 -14.93 6.33 -3.92
CA PHE A 37 -14.17 7.22 -4.78
C PHE A 37 -13.07 7.93 -3.99
N VAL A 38 -11.84 7.44 -4.14
CA VAL A 38 -10.70 8.02 -3.43
C VAL A 38 -10.33 9.38 -4.02
N TRP A 39 -11.13 10.39 -3.70
CA TRP A 39 -10.89 11.74 -4.20
C TRP A 39 -11.58 12.78 -3.33
N GLY A 40 -10.83 13.79 -2.89
CA GLY A 40 -11.40 14.83 -2.05
C GLY A 40 -10.48 15.21 -0.91
N LEU A 41 -10.28 14.27 0.02
CA LEU A 41 -9.42 14.52 1.17
C LEU A 41 -8.19 15.32 0.77
N ASN A 42 -7.98 16.45 1.44
CA ASN A 42 -6.84 17.32 1.15
C ASN A 42 -5.55 16.49 1.04
N LYS A 43 -5.20 15.80 2.13
CA LYS A 43 -4.01 14.97 2.15
C LYS A 43 -4.15 13.78 1.21
N GLN A 44 -3.02 13.17 0.86
CA GLN A 44 -3.01 12.02 -0.03
C GLN A 44 -3.42 10.75 0.72
N GLY A 45 -3.59 9.67 -0.02
CA GLY A 45 -3.99 8.41 0.58
C GLY A 45 -2.81 7.47 0.77
N TYR A 46 -3.07 6.17 0.67
CA TYR A 46 -2.04 5.17 0.84
C TYR A 46 -2.18 4.06 -0.20
N LYS A 47 -1.04 3.53 -0.65
CA LYS A 47 -1.03 2.46 -1.65
C LYS A 47 0.12 1.50 -1.41
N CYS A 48 -0.20 0.22 -1.26
CA CYS A 48 0.81 -0.81 -1.02
C CYS A 48 1.58 -1.12 -2.30
N ARG A 49 2.88 -0.86 -2.29
CA ARG A 49 3.72 -1.12 -3.45
C ARG A 49 4.01 -2.61 -3.60
N GLN A 50 3.29 -3.43 -2.82
CA GLN A 50 3.46 -4.87 -2.88
C GLN A 50 2.25 -5.54 -3.52
N CYS A 51 1.09 -5.38 -2.88
CA CYS A 51 -0.15 -5.97 -3.39
C CYS A 51 -0.95 -4.94 -4.18
N ASN A 52 -0.49 -3.69 -4.17
CA ASN A 52 -1.17 -2.62 -4.88
C ASN A 52 -2.56 -2.38 -4.31
N ALA A 53 -2.63 -2.16 -3.01
CA ALA A 53 -3.90 -1.91 -2.34
C ALA A 53 -4.02 -0.45 -1.92
N ALA A 54 -4.71 0.34 -2.74
CA ALA A 54 -4.89 1.76 -2.44
C ALA A 54 -6.09 1.97 -1.52
N ILE A 55 -5.88 2.73 -0.45
CA ILE A 55 -6.94 3.02 0.51
C ILE A 55 -6.83 4.44 1.03
N HIS A 56 -7.80 4.83 1.88
CA HIS A 56 -7.81 6.16 2.46
C HIS A 56 -6.90 6.24 3.67
N LYS A 57 -6.27 7.39 3.86
CA LYS A 57 -5.37 7.60 4.99
C LYS A 57 -6.03 7.20 6.30
N LYS A 58 -7.35 7.21 6.31
CA LYS A 58 -8.11 6.84 7.50
C LYS A 58 -8.49 5.37 7.48
N CYS A 59 -8.68 4.83 6.28
CA CYS A 59 -9.04 3.42 6.11
C CYS A 59 -7.92 2.52 6.58
N ILE A 60 -6.71 3.07 6.65
CA ILE A 60 -5.54 2.31 7.09
C ILE A 60 -5.75 1.75 8.50
N ASP A 61 -6.28 2.58 9.39
CA ASP A 61 -6.54 2.17 10.76
C ASP A 61 -7.75 1.25 10.84
N LYS A 62 -8.40 1.03 9.70
CA LYS A 62 -9.57 0.18 9.64
C LYS A 62 -9.20 -1.23 9.17
N ILE A 63 -8.29 -1.31 8.21
CA ILE A 63 -7.84 -2.58 7.67
C ILE A 63 -7.85 -3.67 8.75
N ILE A 64 -8.22 -4.89 8.36
CA ILE A 64 -8.26 -6.00 9.29
C ILE A 64 -7.44 -7.18 8.78
N GLY A 65 -7.54 -7.45 7.48
CA GLY A 65 -6.80 -8.54 6.89
C GLY A 65 -5.30 -8.33 6.95
N ARG A 66 -4.56 -9.04 6.10
CA ARG A 66 -3.11 -8.92 6.05
C ARG A 66 -2.62 -8.75 4.62
N CYS A 67 -1.31 -8.57 4.46
CA CYS A 67 -0.72 -8.40 3.14
C CYS A 67 -0.38 -9.74 2.52
N THR A 68 -0.65 -9.87 1.22
CA THR A 68 -0.38 -11.10 0.50
C THR A 68 1.00 -11.07 -0.17
N GLY A 69 1.37 -9.89 -0.67
CA GLY A 69 2.65 -9.74 -1.32
C GLY A 69 3.80 -9.62 -0.33
N THR A 70 3.85 -10.54 0.64
CA THR A 70 4.90 -10.52 1.64
C THR A 70 5.66 -11.84 1.67
N ALA A 71 6.69 -11.91 2.52
CA ALA A 71 7.50 -13.12 2.63
C ALA A 71 7.32 -13.76 4.00
N ALA A 72 6.23 -14.50 4.17
CA ALA A 72 5.95 -15.16 5.44
C ALA A 72 7.01 -16.21 5.75
N ASN A 73 6.93 -16.79 6.95
CA ASN A 73 7.88 -17.81 7.38
C ASN A 73 9.27 -17.21 7.53
N SER A 74 9.33 -15.99 8.06
CA SER A 74 10.60 -15.31 8.27
C SER A 74 11.63 -16.24 8.91
N ARG A 75 12.70 -16.53 8.18
CA ARG A 75 13.76 -17.40 8.67
C ARG A 75 14.69 -16.65 9.61
N ASP A 76 14.12 -15.87 10.52
CA ASP A 76 14.91 -15.09 11.47
C ASP A 76 16.12 -14.45 10.79
N THR A 77 15.89 -13.91 9.59
CA THR A 77 16.96 -13.27 8.84
C THR A 77 17.85 -12.43 9.74
N SER A 78 19.14 -12.73 9.73
CA SER A 78 20.10 -12.00 10.56
C SER A 78 20.97 -11.09 9.71
N GLY A 79 21.56 -10.08 10.34
CA GLY A 79 22.41 -9.14 9.63
C GLY A 79 23.49 -8.54 10.50
N PRO A 80 24.50 -9.35 10.84
CA PRO A 80 25.61 -8.91 11.69
C PRO A 80 26.51 -7.89 10.99
N SER A 81 27.54 -7.42 11.70
CA SER A 81 28.46 -6.45 11.15
C SER A 81 29.90 -6.95 11.23
N SER A 82 30.81 -6.23 10.61
CA SER A 82 32.22 -6.61 10.61
C SER A 82 32.92 -6.12 11.87
N GLY A 83 34.19 -6.47 12.02
CA GLY A 83 34.95 -6.07 13.19
C GLY A 83 35.58 -4.71 13.03
ZN ZN B . -0.06 -5.10 0.86
ZN ZN C . -11.21 4.06 1.85
#